data_5KLO
#
_entry.id   5KLO
#
_cell.length_a   88.111
_cell.length_b   141.724
_cell.length_c   171.505
_cell.angle_alpha   90.000
_cell.angle_beta   90.000
_cell.angle_gamma   90.000
#
_symmetry.space_group_name_H-M   'P 21 21 21'
#
loop_
_entity.id
_entity.type
_entity.pdbx_description
1 polymer '2-aminomuconate 6-semialdehyde dehydrogenase'
2 non-polymer '(2Z,4E)-2-hydroxy-6-oxohexa-2,4-dienoic acid'
3 non-polymer 'SODIUM ION'
4 non-polymer NICOTINAMIDE-ADENINE-DINUCLEOTIDE
5 water water
#
_entity_poly.entity_id   1
_entity_poly.type   'polypeptide(L)'
_entity_poly.pdbx_seq_one_letter_code
;MGSSHHHHHHSSGLVPRGSHMNTLPSQVWRTNIGSAPSQLLNYIDGNFVTSASSFANINPVNGKLISDVFEADAKQVNEA
VVAAQNALKGPWGKLSVQDRAALIHKIADGIQARFEEFVAAEVADTGRPVHQARTLDIPRAIANFRTFADLAKTSHTDLF
EMSTSDGSGALNYTVRKPLGVIGVISPWALPLLLFTWKVAPALACGNTVVAKPSEESPSSATLLAEVMHDAGVPPGVFNL
IHGFGKDSAGEFLTQHPGISALTFTGESKTGSTIMKAVADGVKEVSFELGGKNAAVVFADADLDAAIEGVLRSSFTNSGQ
VCLCSERVYVHRSIFDEFVSGLKVEAERLVVGYPDQDGVNMGPLISHGHRDKVLSYYRLAVDEGATVVTGGGVPKFNDER
DQGAYVQPTIWTGLSDKARCVTEEIFGPVCHISPFDDEDEVINRVNDSNYGLACAIWTTNLSRAHRVSRQIHVGLVWVNT
WYLRDLRTPFGGVKLSGLGREGGRFSMDFYSDIANICIKI
;
_entity_poly.pdbx_strand_id   A,B,C,D
#
loop_
_chem_comp.id
_chem_comp.type
_chem_comp.name
_chem_comp.formula
2VS non-polymer '(2Z,4E)-2-hydroxy-6-oxohexa-2,4-dienoic acid' 'C6 H6 O4'
NA non-polymer 'SODIUM ION' 'Na 1'
NAD non-polymer NICOTINAMIDE-ADENINE-DINUCLEOTIDE 'C21 H27 N7 O14 P2'
#
# COMPACT_ATOMS: atom_id res chain seq x y z
N PRO A 37 -45.31 11.07 25.16
CA PRO A 37 -44.94 11.86 23.98
C PRO A 37 -44.59 10.96 22.80
N SER A 38 -43.32 10.91 22.41
CA SER A 38 -42.93 10.05 21.29
C SER A 38 -42.59 8.64 21.78
N GLN A 39 -42.53 7.69 20.87
CA GLN A 39 -42.21 6.31 21.23
C GLN A 39 -41.11 5.80 20.31
N LEU A 40 -40.10 5.18 20.89
CA LEU A 40 -38.98 4.68 20.11
C LEU A 40 -39.00 3.17 20.05
N LEU A 41 -39.24 2.65 18.86
CA LEU A 41 -39.35 1.20 18.68
C LEU A 41 -38.04 0.54 18.26
N ASN A 42 -37.94 -0.76 18.48
CA ASN A 42 -36.86 -1.56 17.89
C ASN A 42 -37.11 -1.74 16.40
N TYR A 43 -36.05 -2.11 15.67
CA TYR A 43 -36.20 -2.39 14.23
C TYR A 43 -35.54 -3.73 13.99
N ILE A 44 -36.36 -4.75 13.73
CA ILE A 44 -35.87 -6.13 13.67
C ILE A 44 -36.43 -6.82 12.45
N ASP A 45 -35.52 -7.32 11.60
CA ASP A 45 -35.90 -8.03 10.38
C ASP A 45 -36.88 -7.22 9.50
N GLY A 46 -36.62 -5.93 9.39
CA GLY A 46 -37.34 -5.09 8.45
C GLY A 46 -38.64 -4.51 8.99
N ASN A 47 -38.88 -4.73 10.28
CA ASN A 47 -40.09 -4.22 10.92
C ASN A 47 -39.80 -3.44 12.18
N PHE A 48 -40.50 -2.31 12.38
CA PHE A 48 -40.47 -1.64 13.67
C PHE A 48 -41.38 -2.40 14.64
N VAL A 49 -40.84 -2.78 15.78
CA VAL A 49 -41.58 -3.60 16.73
C VAL A 49 -41.46 -3.02 18.13
N THR A 50 -42.54 -3.14 18.90
CA THR A 50 -42.53 -2.73 20.29
C THR A 50 -41.96 -3.83 21.14
N SER A 51 -42.02 -3.65 22.45
CA SER A 51 -41.54 -4.65 23.39
C SER A 51 -42.48 -4.69 24.58
N ALA A 52 -42.30 -5.70 25.42
CA ALA A 52 -43.16 -5.90 26.59
C ALA A 52 -42.95 -4.82 27.66
N SER A 53 -41.75 -4.26 27.72
CA SER A 53 -41.48 -3.17 28.66
C SER A 53 -40.80 -2.00 27.98
N SER A 54 -40.94 -0.82 28.59
CA SER A 54 -40.33 0.40 28.05
C SER A 54 -39.65 1.19 29.15
N PHE A 55 -38.77 2.09 28.75
CA PHE A 55 -38.11 2.95 29.71
C PHE A 55 -38.11 4.40 29.23
N ALA A 56 -37.88 5.31 30.17
CA ALA A 56 -37.98 6.72 29.88
C ALA A 56 -36.68 7.25 29.27
N ASN A 57 -36.85 8.10 28.27
CA ASN A 57 -35.79 8.92 27.68
C ASN A 57 -36.04 10.32 28.27
N ILE A 58 -35.08 10.84 29.04
CA ILE A 58 -35.27 12.13 29.75
C ILE A 58 -34.43 13.25 29.17
N ASN A 59 -34.99 14.41 28.91
CA ASN A 59 -34.22 15.57 28.41
C ASN A 59 -33.36 16.16 29.54
N PRO A 60 -32.02 16.19 29.38
CA PRO A 60 -31.20 16.67 30.50
C PRO A 60 -31.23 18.20 30.68
N VAL A 61 -31.83 18.91 29.74
CA VAL A 61 -31.94 20.36 29.85
C VAL A 61 -32.89 20.72 31.00
N ASN A 62 -33.96 19.94 31.14
CA ASN A 62 -35.04 20.30 32.07
C ASN A 62 -35.65 19.13 32.84
N GLY A 63 -35.09 17.93 32.65
CA GLY A 63 -35.58 16.76 33.35
C GLY A 63 -36.89 16.17 32.85
N LYS A 64 -37.42 16.72 31.76
CA LYS A 64 -38.69 16.26 31.20
C LYS A 64 -38.61 14.99 30.35
N LEU A 65 -39.71 14.24 30.35
CA LEU A 65 -39.84 13.03 29.56
C LEU A 65 -39.94 13.38 28.07
N ILE A 66 -39.11 12.71 27.26
CA ILE A 66 -39.08 12.95 25.82
C ILE A 66 -39.82 11.85 25.09
N SER A 67 -39.58 10.61 25.52
CA SER A 67 -40.16 9.47 24.85
C SER A 67 -40.12 8.24 25.73
N ASP A 68 -40.90 7.25 25.33
CA ASP A 68 -40.78 5.91 25.90
C ASP A 68 -40.01 5.09 24.89
N VAL A 69 -39.09 4.27 25.38
CA VAL A 69 -38.27 3.43 24.52
C VAL A 69 -38.51 1.98 24.85
N PHE A 70 -38.85 1.20 23.83
CA PHE A 70 -39.16 -0.21 24.02
C PHE A 70 -37.90 -1.05 24.17
N GLU A 71 -37.74 -1.66 25.35
CA GLU A 71 -36.54 -2.42 25.67
C GLU A 71 -36.57 -3.83 25.07
N ALA A 72 -35.65 -4.13 24.16
CA ALA A 72 -35.60 -5.45 23.55
C ALA A 72 -35.27 -6.50 24.58
N ASP A 73 -36.00 -7.62 24.58
CA ASP A 73 -35.68 -8.71 25.49
C ASP A 73 -34.77 -9.73 24.80
N ALA A 74 -34.37 -10.78 25.54
CA ALA A 74 -33.49 -11.82 25.03
C ALA A 74 -34.01 -12.48 23.75
N LYS A 75 -35.32 -12.69 23.70
CA LYS A 75 -35.96 -13.30 22.55
C LYS A 75 -35.88 -12.38 21.34
N GLN A 76 -36.06 -11.09 21.56
CA GLN A 76 -35.98 -10.14 20.46
C GLN A 76 -34.53 -9.98 19.98
N VAL A 77 -33.57 -10.04 20.91
CA VAL A 77 -32.16 -9.97 20.53
C VAL A 77 -31.80 -11.20 19.68
N ASN A 78 -32.25 -12.37 20.11
CA ASN A 78 -32.02 -13.57 19.31
C ASN A 78 -32.62 -13.44 17.93
N GLU A 79 -33.85 -12.94 17.85
CA GLU A 79 -34.54 -12.77 16.58
C GLU A 79 -33.74 -11.85 15.65
N ALA A 80 -33.20 -10.76 16.21
CA ALA A 80 -32.37 -9.83 15.45
C ALA A 80 -31.09 -10.50 14.93
N VAL A 81 -30.40 -11.24 15.79
CA VAL A 81 -29.18 -11.90 15.36
C VAL A 81 -29.48 -12.94 14.28
N VAL A 82 -30.51 -13.74 14.50
CA VAL A 82 -30.89 -14.76 13.51
C VAL A 82 -31.27 -14.11 12.19
N ALA A 83 -31.99 -13.00 12.25
CA ALA A 83 -32.35 -12.25 11.04
C ALA A 83 -31.11 -11.76 10.29
N ALA A 84 -30.14 -11.25 11.06
CA ALA A 84 -28.87 -10.79 10.49
C ALA A 84 -28.11 -11.94 9.82
N GLN A 85 -28.10 -13.11 10.44
CA GLN A 85 -27.46 -14.28 9.85
C GLN A 85 -28.13 -14.68 8.55
N ASN A 86 -29.45 -14.68 8.54
CA ASN A 86 -30.19 -15.04 7.34
C ASN A 86 -30.05 -14.02 6.22
N ALA A 87 -29.94 -12.74 6.57
CA ALA A 87 -29.83 -11.70 5.56
C ALA A 87 -28.51 -11.80 4.79
N LEU A 88 -27.51 -12.42 5.40
CA LEU A 88 -26.24 -12.65 4.72
C LEU A 88 -26.44 -13.57 3.50
N LYS A 89 -27.50 -14.38 3.54
CA LYS A 89 -27.80 -15.35 2.49
C LYS A 89 -28.84 -14.85 1.51
N GLY A 90 -29.31 -13.62 1.72
CA GLY A 90 -30.33 -13.05 0.87
C GLY A 90 -29.75 -12.04 -0.10
N PRO A 91 -30.60 -11.17 -0.65
CA PRO A 91 -30.24 -10.14 -1.63
C PRO A 91 -28.99 -9.33 -1.26
N TRP A 92 -28.87 -8.97 0.01
CA TRP A 92 -27.69 -8.22 0.49
C TRP A 92 -26.39 -8.94 0.18
N GLY A 93 -26.36 -10.24 0.47
CA GLY A 93 -25.19 -11.07 0.22
C GLY A 93 -24.83 -11.16 -1.25
N LYS A 94 -25.79 -10.89 -2.13
CA LYS A 94 -25.58 -10.98 -3.57
C LYS A 94 -25.18 -9.67 -4.23
N LEU A 95 -25.24 -8.56 -3.50
CA LEU A 95 -24.89 -7.27 -4.08
C LEU A 95 -23.40 -7.18 -4.43
N SER A 96 -23.10 -6.60 -5.59
CA SER A 96 -21.73 -6.24 -5.92
C SER A 96 -21.25 -5.18 -4.93
N VAL A 97 -19.94 -5.04 -4.76
CA VAL A 97 -19.41 -3.97 -3.92
C VAL A 97 -19.89 -2.59 -4.39
N GLN A 98 -19.98 -2.40 -5.71
CA GLN A 98 -20.45 -1.14 -6.26
C GLN A 98 -21.92 -0.85 -5.89
N ASP A 99 -22.78 -1.87 -6.00
CA ASP A 99 -24.19 -1.68 -5.66
C ASP A 99 -24.38 -1.45 -4.16
N ARG A 100 -23.61 -2.16 -3.35
CA ARG A 100 -23.60 -1.96 -1.90
C ARG A 100 -23.18 -0.53 -1.54
N ALA A 101 -22.09 -0.06 -2.11
CA ALA A 101 -21.65 1.31 -1.87
C ALA A 101 -22.71 2.32 -2.29
N ALA A 102 -23.38 2.05 -3.40
CA ALA A 102 -24.40 2.98 -3.89
C ALA A 102 -25.56 3.09 -2.88
N LEU A 103 -25.95 1.96 -2.32
CA LEU A 103 -27.04 1.92 -1.35
C LEU A 103 -26.64 2.63 -0.06
N ILE A 104 -25.37 2.47 0.33
CA ILE A 104 -24.88 3.17 1.51
C ILE A 104 -24.87 4.69 1.30
N HIS A 105 -24.54 5.14 0.10
CA HIS A 105 -24.69 6.55 -0.23
C HIS A 105 -26.15 7.00 -0.15
N LYS A 106 -27.07 6.10 -0.50
CA LYS A 106 -28.50 6.42 -0.37
C LYS A 106 -28.89 6.57 1.10
N ILE A 107 -28.29 5.78 1.98
CA ILE A 107 -28.52 5.94 3.41
C ILE A 107 -28.08 7.36 3.85
N ALA A 108 -26.88 7.73 3.45
CA ALA A 108 -26.38 9.08 3.71
C ALA A 108 -27.29 10.18 3.13
N ASP A 109 -27.78 9.98 1.91
CA ASP A 109 -28.70 10.93 1.28
C ASP A 109 -29.97 11.08 2.14
N GLY A 110 -30.41 9.97 2.72
CA GLY A 110 -31.63 9.92 3.51
C GLY A 110 -31.49 10.67 4.82
N ILE A 111 -30.28 10.63 5.40
CA ILE A 111 -30.01 11.42 6.59
C ILE A 111 -29.97 12.89 6.22
N GLN A 112 -29.27 13.22 5.14
CA GLN A 112 -29.17 14.60 4.67
C GLN A 112 -30.56 15.18 4.38
N ALA A 113 -31.44 14.36 3.82
CA ALA A 113 -32.79 14.81 3.46
C ALA A 113 -33.66 15.10 4.69
N ARG A 114 -33.30 14.49 5.82
CA ARG A 114 -33.98 14.74 7.09
C ARG A 114 -33.02 15.36 8.10
N PHE A 115 -32.09 16.18 7.60
CA PHE A 115 -31.02 16.75 8.43
C PHE A 115 -31.51 17.38 9.74
N GLU A 116 -32.50 18.27 9.64
CA GLU A 116 -32.95 18.98 10.83
C GLU A 116 -33.70 18.07 11.82
N GLU A 117 -34.34 17.04 11.32
CA GLU A 117 -34.97 16.06 12.20
C GLU A 117 -33.93 15.32 13.03
N PHE A 118 -32.81 14.96 12.40
CA PHE A 118 -31.75 14.31 13.13
C PHE A 118 -31.11 15.27 14.14
N VAL A 119 -30.94 16.54 13.74
CA VAL A 119 -30.38 17.54 14.65
C VAL A 119 -31.28 17.62 15.89
N ALA A 120 -32.58 17.71 15.64
CA ALA A 120 -33.55 17.86 16.74
C ALA A 120 -33.51 16.65 17.67
N ALA A 121 -33.42 15.46 17.08
CA ALA A 121 -33.35 14.23 17.85
C ALA A 121 -32.11 14.14 18.74
N GLU A 122 -30.96 14.52 18.19
CA GLU A 122 -29.71 14.41 18.93
C GLU A 122 -29.72 15.42 20.07
N VAL A 123 -30.27 16.60 19.79
CA VAL A 123 -30.30 17.67 20.79
C VAL A 123 -31.26 17.32 21.93
N ALA A 124 -32.40 16.76 21.57
CA ALA A 124 -33.42 16.46 22.58
C ALA A 124 -32.86 15.47 23.61
N ASP A 125 -32.18 14.42 23.12
CA ASP A 125 -31.60 13.40 24.00
C ASP A 125 -30.48 13.92 24.90
N THR A 126 -29.67 14.85 24.43
CA THR A 126 -28.42 15.08 25.12
C THR A 126 -28.22 16.49 25.64
N GLY A 127 -29.02 17.43 25.15
CA GLY A 127 -28.85 18.82 25.51
C GLY A 127 -27.70 19.53 24.81
N ARG A 128 -27.11 18.89 23.80
CA ARG A 128 -25.94 19.49 23.14
C ARG A 128 -26.40 20.73 22.36
N PRO A 129 -25.54 21.76 22.26
CA PRO A 129 -25.86 22.95 21.48
C PRO A 129 -26.28 22.59 20.07
N VAL A 130 -27.31 23.26 19.58
CA VAL A 130 -27.82 23.01 18.24
C VAL A 130 -26.71 23.23 17.19
N HIS A 131 -25.91 24.27 17.38
CA HIS A 131 -24.79 24.55 16.49
C HIS A 131 -23.79 23.37 16.42
N GLN A 132 -23.48 22.77 17.56
CA GLN A 132 -22.64 21.56 17.58
C GLN A 132 -23.29 20.41 16.79
N ALA A 133 -24.59 20.19 17.00
CA ALA A 133 -25.26 19.10 16.28
C ALA A 133 -25.26 19.34 14.78
N ARG A 134 -25.43 20.61 14.39
CA ARG A 134 -25.51 20.97 12.97
C ARG A 134 -24.14 20.96 12.29
N THR A 135 -23.08 21.14 13.07
CA THR A 135 -21.72 21.22 12.50
C THR A 135 -20.81 20.02 12.74
N LEU A 136 -21.03 19.30 13.84
CA LEU A 136 -20.19 18.16 14.14
C LEU A 136 -20.99 16.87 13.98
N ASP A 137 -22.00 16.71 14.83
CA ASP A 137 -22.62 15.41 15.02
C ASP A 137 -23.30 14.85 13.76
N ILE A 138 -24.23 15.60 13.21
CA ILE A 138 -24.97 15.07 12.06
C ILE A 138 -24.13 15.03 10.77
N PRO A 139 -23.35 16.10 10.49
CA PRO A 139 -22.48 15.98 9.30
C PRO A 139 -21.52 14.79 9.36
N ARG A 140 -20.96 14.50 10.53
CA ARG A 140 -20.03 13.37 10.66
C ARG A 140 -20.72 12.03 10.40
N ALA A 141 -21.99 11.92 10.82
CA ALA A 141 -22.75 10.69 10.57
C ALA A 141 -22.94 10.44 9.07
N ILE A 142 -23.26 11.50 8.35
CA ILE A 142 -23.37 11.44 6.89
C ILE A 142 -21.99 11.10 6.29
N ALA A 143 -20.96 11.77 6.79
CA ALA A 143 -19.60 11.55 6.28
C ALA A 143 -19.09 10.14 6.58
N ASN A 144 -19.48 9.59 7.71
CA ASN A 144 -19.10 8.21 8.03
C ASN A 144 -19.59 7.25 6.94
N PHE A 145 -20.84 7.39 6.54
CA PHE A 145 -21.37 6.50 5.52
C PHE A 145 -20.69 6.71 4.17
N ARG A 146 -20.54 7.97 3.78
CA ARG A 146 -19.96 8.26 2.47
C ARG A 146 -18.51 7.81 2.38
N THR A 147 -17.73 8.09 3.43
CA THR A 147 -16.31 7.73 3.40
C THR A 147 -16.08 6.23 3.35
N PHE A 148 -16.83 5.46 4.13
CA PHE A 148 -16.62 4.01 4.09
C PHE A 148 -17.21 3.36 2.84
N ALA A 149 -18.26 3.95 2.30
CA ALA A 149 -18.77 3.52 1.00
C ALA A 149 -17.69 3.72 -0.07
N ASP A 150 -17.04 4.88 -0.02
CA ASP A 150 -15.99 5.18 -0.99
C ASP A 150 -14.77 4.29 -0.81
N LEU A 151 -14.38 4.06 0.44
CA LEU A 151 -13.25 3.17 0.73
C LEU A 151 -13.53 1.76 0.24
N ALA A 152 -14.79 1.33 0.37
CA ALA A 152 -15.17 0.00 -0.11
C ALA A 152 -15.02 -0.12 -1.62
N LYS A 153 -15.39 0.94 -2.33
CA LYS A 153 -15.28 0.97 -3.79
C LYS A 153 -13.84 0.96 -4.27
N THR A 154 -12.95 1.62 -3.53
CA THR A 154 -11.60 1.81 -4.03
C THR A 154 -10.57 0.85 -3.43
N SER A 155 -10.89 0.18 -2.33
CA SER A 155 -9.88 -0.62 -1.64
C SER A 155 -9.56 -1.93 -2.39
N HIS A 156 -8.33 -2.39 -2.26
CA HIS A 156 -7.99 -3.67 -2.87
C HIS A 156 -7.16 -4.49 -1.89
N THR A 157 -6.73 -5.68 -2.33
CA THR A 157 -5.96 -6.54 -1.48
C THR A 157 -4.65 -6.92 -2.18
N ASP A 158 -4.00 -8.00 -1.74
CA ASP A 158 -2.60 -8.29 -2.12
C ASP A 158 -2.37 -9.56 -2.94
N LEU A 159 -1.29 -9.54 -3.71
CA LEU A 159 -0.88 -10.69 -4.52
C LEU A 159 0.57 -10.94 -4.16
N PHE A 160 0.90 -12.17 -3.78
CA PHE A 160 2.26 -12.52 -3.43
C PHE A 160 2.67 -13.69 -4.29
N GLU A 161 3.74 -13.55 -5.07
CA GLU A 161 4.28 -14.68 -5.83
C GLU A 161 5.41 -15.38 -5.08
N MET A 162 5.54 -16.69 -5.25
CA MET A 162 6.62 -17.41 -4.57
C MET A 162 7.13 -18.53 -5.46
N SER A 163 8.39 -18.90 -5.30
CA SER A 163 8.90 -20.08 -6.00
C SER A 163 8.71 -21.33 -5.14
N THR A 164 8.66 -22.48 -5.79
CA THR A 164 8.53 -23.75 -5.08
C THR A 164 9.61 -24.71 -5.56
N SER A 165 9.79 -25.80 -4.81
CA SER A 165 10.85 -26.76 -5.10
C SER A 165 10.75 -27.41 -6.50
N ASP A 166 9.53 -27.56 -7.02
CA ASP A 166 9.37 -28.17 -8.34
C ASP A 166 9.57 -27.20 -9.50
N GLY A 167 9.83 -25.93 -9.18
CA GLY A 167 10.13 -24.93 -10.18
C GLY A 167 8.94 -24.31 -10.90
N SER A 168 7.73 -24.64 -10.48
CA SER A 168 6.54 -24.11 -11.15
C SER A 168 5.91 -22.93 -10.43
N GLY A 169 6.18 -22.82 -9.13
CA GLY A 169 5.75 -21.66 -8.39
C GLY A 169 4.35 -21.77 -7.81
N ALA A 170 3.93 -20.70 -7.13
CA ALA A 170 2.60 -20.62 -6.55
C ALA A 170 2.22 -19.15 -6.44
N LEU A 171 0.92 -18.92 -6.31
CA LEU A 171 0.37 -17.56 -6.20
C LEU A 171 -0.41 -17.51 -4.90
N ASN A 172 -0.15 -16.52 -4.06
CA ASN A 172 -1.00 -16.31 -2.89
C ASN A 172 -1.75 -15.01 -3.12
N TYR A 173 -3.07 -15.04 -3.00
CA TYR A 173 -3.80 -13.78 -3.07
C TYR A 173 -4.75 -13.67 -1.90
N THR A 174 -4.98 -12.46 -1.44
CA THR A 174 -5.88 -12.25 -0.32
C THR A 174 -7.19 -11.62 -0.78
N VAL A 175 -8.24 -11.93 -0.04
CA VAL A 175 -9.53 -11.34 -0.30
C VAL A 175 -10.11 -10.82 1.01
N ARG A 176 -10.94 -9.80 0.91
CA ARG A 176 -11.74 -9.36 2.04
C ARG A 176 -13.17 -9.84 1.82
N LYS A 177 -13.71 -10.54 2.81
CA LYS A 177 -15.09 -11.01 2.78
C LYS A 177 -15.76 -10.45 4.01
N PRO A 178 -17.10 -10.43 4.03
CA PRO A 178 -17.80 -10.00 5.24
C PRO A 178 -17.40 -10.89 6.41
N LEU A 179 -17.20 -10.30 7.58
CA LEU A 179 -16.90 -11.07 8.79
C LEU A 179 -18.14 -11.86 9.19
N GLY A 180 -19.32 -11.30 8.94
CA GLY A 180 -20.57 -11.95 9.30
C GLY A 180 -21.51 -10.98 9.97
N VAL A 181 -22.05 -11.33 11.14
CA VAL A 181 -22.89 -10.42 11.91
C VAL A 181 -22.05 -9.59 12.88
N ILE A 182 -22.13 -8.27 12.76
CA ILE A 182 -21.41 -7.38 13.67
C ILE A 182 -22.34 -6.88 14.78
N GLY A 183 -21.97 -7.14 16.03
CA GLY A 183 -22.66 -6.56 17.17
C GLY A 183 -22.03 -5.19 17.43
N VAL A 184 -22.86 -4.17 17.49
CA VAL A 184 -22.41 -2.80 17.74
C VAL A 184 -23.00 -2.29 19.05
N ILE A 185 -22.16 -1.83 19.97
CA ILE A 185 -22.64 -1.21 21.21
C ILE A 185 -22.01 0.16 21.36
N SER A 186 -22.84 1.21 21.41
CA SER A 186 -22.30 2.56 21.36
C SER A 186 -22.74 3.42 22.54
N PRO A 187 -22.01 4.51 22.82
CA PRO A 187 -22.30 5.28 24.03
C PRO A 187 -23.02 6.59 23.72
N TRP A 188 -23.27 7.38 24.77
CA TRP A 188 -24.07 8.60 24.66
C TRP A 188 -23.28 9.88 24.38
N ALA A 189 -21.95 9.79 24.33
CA ALA A 189 -21.13 10.99 24.15
C ALA A 189 -21.42 11.70 22.81
N LEU A 190 -21.34 10.95 21.73
CA LEU A 190 -21.64 11.50 20.41
C LEU A 190 -22.49 10.46 19.75
N PRO A 191 -23.79 10.46 20.06
CA PRO A 191 -24.63 9.29 19.79
C PRO A 191 -24.63 8.84 18.32
N LEU A 192 -25.06 9.69 17.40
CA LEU A 192 -25.16 9.26 16.00
C LEU A 192 -23.77 9.13 15.36
N LEU A 193 -22.87 10.04 15.71
CA LEU A 193 -21.50 9.98 15.19
C LEU A 193 -20.86 8.64 15.53
N LEU A 194 -20.92 8.24 16.79
CA LEU A 194 -20.27 7.00 17.22
C LEU A 194 -21.00 5.74 16.73
N PHE A 195 -22.32 5.79 16.71
CA PHE A 195 -23.13 4.70 16.18
C PHE A 195 -22.80 4.44 14.71
N THR A 196 -22.83 5.49 13.89
CA THR A 196 -22.53 5.35 12.46
C THR A 196 -21.03 5.10 12.19
N TRP A 197 -20.17 5.51 13.11
CA TRP A 197 -18.74 5.21 12.99
C TRP A 197 -18.50 3.70 12.93
N LYS A 198 -19.37 2.94 13.58
CA LYS A 198 -19.29 1.48 13.58
C LYS A 198 -20.19 0.86 12.51
N VAL A 199 -21.42 1.36 12.41
CA VAL A 199 -22.37 0.79 11.46
C VAL A 199 -21.93 1.00 10.00
N ALA A 200 -21.38 2.17 9.69
CA ALA A 200 -20.95 2.47 8.32
C ALA A 200 -19.92 1.48 7.73
N PRO A 201 -18.76 1.29 8.39
CA PRO A 201 -17.81 0.31 7.85
C PRO A 201 -18.35 -1.11 7.92
N ALA A 202 -19.15 -1.44 8.95
CA ALA A 202 -19.74 -2.78 9.01
C ALA A 202 -20.54 -3.08 7.74
N LEU A 203 -21.40 -2.14 7.34
CA LEU A 203 -22.21 -2.35 6.15
C LEU A 203 -21.36 -2.25 4.87
N ALA A 204 -20.41 -1.32 4.86
CA ALA A 204 -19.54 -1.16 3.70
C ALA A 204 -18.78 -2.44 3.40
N CYS A 205 -18.47 -3.22 4.44
CA CYS A 205 -17.73 -4.47 4.26
C CYS A 205 -18.64 -5.66 4.01
N GLY A 206 -19.93 -5.40 3.85
CA GLY A 206 -20.88 -6.44 3.47
C GLY A 206 -21.40 -7.26 4.63
N ASN A 207 -21.15 -6.80 5.86
CA ASN A 207 -21.68 -7.49 7.03
C ASN A 207 -23.14 -7.14 7.22
N THR A 208 -23.81 -7.89 8.08
CA THR A 208 -25.11 -7.44 8.64
C THR A 208 -24.89 -7.02 10.09
N VAL A 209 -25.84 -6.29 10.65
CA VAL A 209 -25.59 -5.56 11.89
C VAL A 209 -26.72 -5.73 12.90
N VAL A 210 -26.37 -5.96 14.16
CA VAL A 210 -27.29 -5.76 15.29
C VAL A 210 -26.66 -4.73 16.21
N ALA A 211 -27.35 -3.61 16.40
CA ALA A 211 -26.76 -2.44 17.04
C ALA A 211 -27.64 -1.94 18.17
N LYS A 212 -26.98 -1.61 19.28
CA LYS A 212 -27.62 -1.26 20.55
C LYS A 212 -27.08 0.11 20.97
N PRO A 213 -27.86 1.19 20.73
CA PRO A 213 -27.42 2.53 21.14
C PRO A 213 -27.59 2.73 22.64
N SER A 214 -26.93 3.74 23.20
CA SER A 214 -27.06 4.01 24.61
C SER A 214 -28.52 4.27 24.99
N GLU A 215 -28.91 3.74 26.14
CA GLU A 215 -30.23 4.00 26.69
C GLU A 215 -30.45 5.49 26.94
N GLU A 216 -29.35 6.24 27.12
CA GLU A 216 -29.46 7.68 27.28
C GLU A 216 -29.68 8.38 25.95
N SER A 217 -29.38 7.76 24.83
CA SER A 217 -29.48 8.53 23.59
C SER A 217 -29.96 7.69 22.44
N PRO A 218 -31.23 7.26 22.49
CA PRO A 218 -31.78 6.30 21.54
C PRO A 218 -32.42 6.96 20.31
N SER A 219 -32.63 8.27 20.30
CA SER A 219 -33.47 8.87 19.27
C SER A 219 -32.90 8.85 17.86
N SER A 220 -31.68 9.35 17.68
CA SER A 220 -31.14 9.45 16.31
C SER A 220 -30.95 8.08 15.69
N ALA A 221 -30.61 7.07 16.51
CA ALA A 221 -30.44 5.72 15.99
C ALA A 221 -31.77 5.16 15.49
N THR A 222 -32.86 5.53 16.16
CA THR A 222 -34.18 5.10 15.72
C THR A 222 -34.57 5.77 14.40
N LEU A 223 -34.28 7.06 14.29
CA LEU A 223 -34.47 7.79 13.03
C LEU A 223 -33.64 7.13 11.92
N LEU A 224 -32.40 6.74 12.25
CA LEU A 224 -31.54 6.08 11.27
C LEU A 224 -32.19 4.78 10.77
N ALA A 225 -32.83 4.03 11.67
CA ALA A 225 -33.53 2.82 11.24
C ALA A 225 -34.59 3.13 10.17
N GLU A 226 -35.28 4.26 10.36
CA GLU A 226 -36.30 4.70 9.40
C GLU A 226 -35.68 5.01 8.05
N VAL A 227 -34.56 5.72 8.07
CA VAL A 227 -33.82 6.02 6.84
C VAL A 227 -33.40 4.74 6.12
N MET A 228 -32.89 3.77 6.87
CA MET A 228 -32.52 2.47 6.32
C MET A 228 -33.70 1.79 5.65
N HIS A 229 -34.83 1.78 6.35
CA HIS A 229 -36.04 1.16 5.84
C HIS A 229 -36.48 1.83 4.53
N ASP A 230 -36.57 3.15 4.56
CA ASP A 230 -36.98 3.93 3.39
C ASP A 230 -36.01 3.83 2.22
N ALA A 231 -34.73 3.63 2.52
CA ALA A 231 -33.73 3.48 1.46
C ALA A 231 -33.78 2.12 0.77
N GLY A 232 -34.56 1.19 1.34
CA GLY A 232 -34.69 -0.14 0.77
C GLY A 232 -33.63 -1.14 1.21
N VAL A 233 -32.94 -0.85 2.30
CA VAL A 233 -32.01 -1.82 2.88
C VAL A 233 -32.76 -3.10 3.24
N PRO A 234 -32.33 -4.25 2.69
CA PRO A 234 -33.08 -5.50 2.87
C PRO A 234 -33.28 -5.88 4.34
N PRO A 235 -34.43 -6.50 4.66
CA PRO A 235 -34.77 -6.92 6.01
C PRO A 235 -33.69 -7.77 6.62
N GLY A 236 -33.30 -7.48 7.87
CA GLY A 236 -32.32 -8.27 8.58
C GLY A 236 -30.90 -7.73 8.47
N VAL A 237 -30.66 -6.85 7.52
CA VAL A 237 -29.32 -6.33 7.29
C VAL A 237 -28.89 -5.37 8.40
N PHE A 238 -29.81 -4.46 8.75
CA PHE A 238 -29.61 -3.58 9.89
C PHE A 238 -30.71 -3.81 10.93
N ASN A 239 -30.31 -4.14 12.16
CA ASN A 239 -31.27 -4.34 13.23
C ASN A 239 -30.92 -3.45 14.41
N LEU A 240 -31.93 -2.78 14.94
CA LEU A 240 -31.76 -1.86 16.06
C LEU A 240 -32.46 -2.42 17.27
N ILE A 241 -31.71 -2.62 18.35
CA ILE A 241 -32.28 -3.11 19.60
C ILE A 241 -32.00 -2.09 20.70
N HIS A 242 -33.04 -1.72 21.45
CA HIS A 242 -32.90 -0.77 22.55
C HIS A 242 -32.78 -1.48 23.89
N GLY A 243 -32.12 -0.82 24.82
CA GLY A 243 -32.01 -1.35 26.17
C GLY A 243 -30.79 -0.88 26.92
N PHE A 244 -30.53 -1.56 28.03
CA PHE A 244 -29.39 -1.25 28.88
C PHE A 244 -28.27 -2.24 28.63
N GLY A 245 -27.36 -2.36 29.61
CA GLY A 245 -26.25 -3.27 29.50
C GLY A 245 -26.50 -4.60 30.20
N LYS A 246 -26.01 -4.72 31.44
CA LYS A 246 -26.21 -5.94 32.23
C LYS A 246 -27.70 -6.29 32.35
N ASP A 247 -28.03 -7.56 32.16
CA ASP A 247 -29.41 -8.06 32.26
C ASP A 247 -30.34 -7.39 31.25
N SER A 248 -29.77 -6.92 30.16
CA SER A 248 -30.58 -6.24 29.15
C SER A 248 -29.97 -6.48 27.77
N ALA A 249 -30.42 -5.69 26.81
CA ALA A 249 -30.11 -5.95 25.41
C ALA A 249 -28.60 -6.01 25.15
N GLY A 250 -27.85 -5.15 25.83
CA GLY A 250 -26.40 -5.09 25.61
C GLY A 250 -25.71 -6.40 25.97
N GLU A 251 -26.01 -6.89 27.17
CA GLU A 251 -25.46 -8.16 27.61
C GLU A 251 -25.94 -9.32 26.72
N PHE A 252 -27.23 -9.32 26.38
CA PHE A 252 -27.78 -10.38 25.53
C PHE A 252 -27.05 -10.45 24.19
N LEU A 253 -26.69 -9.28 23.67
CA LEU A 253 -26.00 -9.21 22.38
C LEU A 253 -24.59 -9.76 22.48
N THR A 254 -23.82 -9.34 23.49
CA THR A 254 -22.43 -9.78 23.60
C THR A 254 -22.33 -11.28 23.87
N GLN A 255 -23.39 -11.85 24.44
CA GLN A 255 -23.38 -13.27 24.80
C GLN A 255 -23.92 -14.17 23.71
N HIS A 256 -24.48 -13.58 22.66
CA HIS A 256 -25.09 -14.37 21.60
C HIS A 256 -24.01 -15.02 20.72
N PRO A 257 -24.09 -16.35 20.56
CA PRO A 257 -23.05 -17.06 19.79
C PRO A 257 -23.15 -16.79 18.29
N GLY A 258 -24.24 -16.15 17.87
CA GLY A 258 -24.47 -15.89 16.46
C GLY A 258 -23.71 -14.72 15.87
N ILE A 259 -23.17 -13.84 16.72
CA ILE A 259 -22.37 -12.74 16.20
C ILE A 259 -20.95 -13.17 15.84
N SER A 260 -20.30 -12.41 14.97
CA SER A 260 -18.93 -12.70 14.57
C SER A 260 -17.95 -11.74 15.20
N ALA A 261 -18.45 -10.58 15.65
CA ALA A 261 -17.58 -9.59 16.25
C ALA A 261 -18.39 -8.67 17.13
N LEU A 262 -17.71 -7.99 18.04
CA LEU A 262 -18.33 -6.97 18.89
C LEU A 262 -17.41 -5.77 18.84
N THR A 263 -17.94 -4.65 18.36
CA THR A 263 -17.16 -3.42 18.37
C THR A 263 -17.87 -2.48 19.35
N PHE A 264 -17.08 -1.82 20.20
CA PHE A 264 -17.63 -1.11 21.35
C PHE A 264 -16.85 0.16 21.62
N THR A 265 -17.55 1.23 21.98
CA THR A 265 -16.94 2.42 22.51
C THR A 265 -17.67 2.75 23.81
N GLY A 266 -16.91 2.99 24.87
CA GLY A 266 -17.50 3.30 26.18
C GLY A 266 -16.50 3.23 27.31
N GLU A 267 -16.95 2.84 28.50
CA GLU A 267 -16.08 2.81 29.66
C GLU A 267 -15.07 1.68 29.57
N SER A 268 -13.85 1.94 30.01
CA SER A 268 -12.80 0.92 30.01
C SER A 268 -13.23 -0.37 30.71
N LYS A 269 -13.84 -0.23 31.89
CA LYS A 269 -14.27 -1.41 32.64
C LYS A 269 -15.32 -2.22 31.89
N THR A 270 -16.17 -1.53 31.13
CA THR A 270 -17.16 -2.23 30.31
C THR A 270 -16.46 -2.99 29.18
N GLY A 271 -15.44 -2.38 28.58
CA GLY A 271 -14.62 -3.08 27.59
C GLY A 271 -14.11 -4.41 28.13
N SER A 272 -13.57 -4.38 29.34
CA SER A 272 -13.07 -5.61 29.97
C SER A 272 -14.18 -6.64 30.12
N THR A 273 -15.34 -6.19 30.59
CA THR A 273 -16.48 -7.08 30.78
C THR A 273 -16.88 -7.74 29.47
N ILE A 274 -16.95 -6.94 28.41
CA ILE A 274 -17.36 -7.44 27.10
C ILE A 274 -16.32 -8.42 26.55
N MET A 275 -15.04 -8.12 26.78
CA MET A 275 -13.98 -8.98 26.30
C MET A 275 -14.09 -10.38 26.94
N LYS A 276 -14.43 -10.42 28.21
CA LYS A 276 -14.66 -11.70 28.90
C LYS A 276 -15.90 -12.41 28.34
N ALA A 277 -16.93 -11.62 28.04
CA ALA A 277 -18.22 -12.17 27.62
C ALA A 277 -18.12 -12.87 26.27
N VAL A 278 -17.29 -12.34 25.38
CA VAL A 278 -17.18 -12.92 24.04
C VAL A 278 -16.06 -13.97 23.94
N ALA A 279 -15.32 -14.17 25.03
CA ALA A 279 -14.09 -14.98 24.99
C ALA A 279 -14.29 -16.45 24.67
N ASP A 280 -15.38 -17.02 25.17
CA ASP A 280 -15.67 -18.43 24.89
C ASP A 280 -15.90 -18.69 23.39
N GLY A 281 -16.36 -17.68 22.66
CA GLY A 281 -16.58 -17.82 21.23
C GLY A 281 -15.41 -17.28 20.40
N VAL A 282 -14.40 -16.76 21.09
CA VAL A 282 -13.24 -16.11 20.45
C VAL A 282 -13.69 -15.12 19.37
N LYS A 283 -14.63 -14.26 19.71
CA LYS A 283 -15.14 -13.26 18.76
C LYS A 283 -14.10 -12.15 18.53
N GLU A 284 -14.05 -11.63 17.31
CA GLU A 284 -13.18 -10.48 17.03
C GLU A 284 -13.69 -9.28 17.81
N VAL A 285 -12.78 -8.50 18.38
CA VAL A 285 -13.18 -7.34 19.18
C VAL A 285 -12.41 -6.08 18.80
N SER A 286 -13.06 -4.93 19.03
CA SER A 286 -12.46 -3.64 18.74
C SER A 286 -13.01 -2.70 19.79
N PHE A 287 -12.12 -2.11 20.58
CA PHE A 287 -12.54 -1.28 21.71
C PHE A 287 -11.90 0.10 21.66
N GLU A 288 -12.71 1.14 21.83
CA GLU A 288 -12.18 2.45 22.14
C GLU A 288 -12.79 2.83 23.49
N LEU A 289 -11.93 3.11 24.46
CA LEU A 289 -12.35 3.09 25.86
C LEU A 289 -12.02 4.36 26.66
N GLY A 290 -11.98 5.52 26.00
CA GLY A 290 -11.75 6.75 26.74
C GLY A 290 -10.36 6.87 27.37
N GLY A 291 -10.19 7.83 28.28
CA GLY A 291 -8.86 8.07 28.80
C GLY A 291 -8.75 9.14 29.86
N LYS A 292 -7.52 9.59 30.12
CA LYS A 292 -7.27 10.74 30.97
C LYS A 292 -6.25 11.58 30.22
N ASN A 293 -6.72 12.26 29.18
CA ASN A 293 -5.81 12.84 28.21
C ASN A 293 -5.19 14.13 28.67
N ALA A 294 -3.98 14.38 28.20
CA ALA A 294 -3.26 15.61 28.51
C ALA A 294 -3.18 16.55 27.33
N ALA A 295 -3.22 17.84 27.64
CA ALA A 295 -2.75 18.87 26.73
C ALA A 295 -1.44 19.41 27.28
N VAL A 296 -0.49 19.71 26.40
CA VAL A 296 0.80 20.24 26.82
C VAL A 296 1.02 21.55 26.10
N VAL A 297 1.29 22.59 26.87
CA VAL A 297 1.54 23.91 26.30
C VAL A 297 2.98 24.34 26.59
N PHE A 298 3.81 24.28 25.56
CA PHE A 298 5.20 24.68 25.67
C PHE A 298 5.35 26.20 25.66
N ALA A 299 6.45 26.69 26.23
CA ALA A 299 6.68 28.13 26.32
C ALA A 299 6.66 28.81 24.96
N ASP A 300 6.99 28.08 23.90
CA ASP A 300 6.96 28.67 22.54
C ASP A 300 5.62 28.53 21.82
N ALA A 301 4.57 28.15 22.53
CA ALA A 301 3.25 28.07 21.93
C ALA A 301 2.73 29.47 21.58
N ASP A 302 1.85 29.55 20.59
CA ASP A 302 1.04 30.75 20.41
C ASP A 302 0.06 30.75 21.58
N LEU A 303 0.27 31.61 22.58
CA LEU A 303 -0.45 31.50 23.85
C LEU A 303 -1.97 31.69 23.75
N ASP A 304 -2.41 32.71 23.02
CA ASP A 304 -3.85 32.90 22.78
C ASP A 304 -4.49 31.70 22.05
N ALA A 305 -3.81 31.16 21.05
CA ALA A 305 -4.32 29.99 20.35
C ALA A 305 -4.43 28.78 21.27
N ALA A 306 -3.43 28.63 22.14
CA ALA A 306 -3.39 27.51 23.08
C ALA A 306 -4.48 27.64 24.13
N ILE A 307 -4.72 28.86 24.59
CA ILE A 307 -5.81 29.07 25.55
C ILE A 307 -7.15 28.67 24.90
N GLU A 308 -7.39 29.17 23.68
CA GLU A 308 -8.58 28.77 22.94
C GLU A 308 -8.63 27.27 22.70
N GLY A 309 -7.48 26.68 22.37
CA GLY A 309 -7.43 25.27 22.06
C GLY A 309 -7.76 24.42 23.26
N VAL A 310 -7.25 24.81 24.43
CA VAL A 310 -7.49 24.04 25.65
C VAL A 310 -8.92 24.24 26.17
N LEU A 311 -9.46 25.43 25.96
CA LEU A 311 -10.86 25.68 26.23
C LEU A 311 -11.69 24.67 25.44
N ARG A 312 -11.36 24.48 24.16
CA ARG A 312 -12.11 23.54 23.33
C ARG A 312 -11.90 22.11 23.77
N SER A 313 -10.65 21.75 24.02
CA SER A 313 -10.34 20.36 24.34
C SER A 313 -10.83 19.96 25.73
N SER A 314 -11.08 20.95 26.60
CA SER A 314 -11.54 20.62 27.95
C SER A 314 -13.06 20.65 28.09
N PHE A 315 -13.72 21.53 27.32
CA PHE A 315 -15.13 21.83 27.60
C PHE A 315 -16.10 21.52 26.43
N THR A 316 -15.57 21.07 25.30
CA THR A 316 -16.43 20.66 24.18
C THR A 316 -17.39 19.54 24.60
N ASN A 317 -18.65 19.64 24.18
CA ASN A 317 -19.71 18.72 24.61
C ASN A 317 -19.76 18.61 26.15
N SER A 318 -19.55 19.75 26.82
CA SER A 318 -19.44 19.81 28.27
C SER A 318 -18.45 18.79 28.83
N GLY A 319 -17.34 18.59 28.12
CA GLY A 319 -16.29 17.70 28.58
C GLY A 319 -16.58 16.23 28.38
N GLN A 320 -17.67 15.92 27.68
CA GLN A 320 -18.14 14.54 27.55
C GLN A 320 -17.68 13.98 26.20
N VAL A 321 -16.37 13.98 26.00
CA VAL A 321 -15.77 13.30 24.84
C VAL A 321 -14.58 12.53 25.38
N CYS A 322 -14.39 11.29 24.89
CA CYS A 322 -13.28 10.45 25.33
C CYS A 322 -11.94 11.15 25.12
N LEU A 323 -11.90 12.04 24.12
CA LEU A 323 -10.68 12.74 23.72
C LEU A 323 -10.39 14.02 24.49
N CYS A 324 -11.33 14.44 25.35
CA CYS A 324 -11.11 15.69 26.10
C CYS A 324 -9.87 15.67 27.01
N SER A 325 -9.26 16.84 27.16
CA SER A 325 -8.11 17.02 28.03
C SER A 325 -8.55 17.31 29.46
N GLU A 326 -8.35 16.36 30.36
CA GLU A 326 -8.63 16.60 31.77
C GLU A 326 -7.35 16.90 32.57
N ARG A 327 -6.20 16.70 31.92
CA ARG A 327 -4.91 17.11 32.48
C ARG A 327 -4.31 18.12 31.53
N VAL A 328 -3.79 19.21 32.07
CA VAL A 328 -3.07 20.19 31.26
C VAL A 328 -1.72 20.51 31.89
N TYR A 329 -0.67 20.49 31.08
CA TYR A 329 0.68 20.81 31.54
C TYR A 329 1.16 22.05 30.81
N VAL A 330 1.57 23.07 31.55
CA VAL A 330 1.93 24.34 30.94
C VAL A 330 3.31 24.75 31.45
N HIS A 331 4.16 25.23 30.55
CA HIS A 331 5.50 25.57 30.98
C HIS A 331 5.48 26.63 32.08
N ARG A 332 6.39 26.49 33.04
CA ARG A 332 6.39 27.36 34.23
C ARG A 332 6.41 28.84 33.85
N SER A 333 7.16 29.19 32.81
CA SER A 333 7.33 30.58 32.40
C SER A 333 6.04 31.26 31.92
N ILE A 334 5.06 30.47 31.48
CA ILE A 334 3.79 31.01 31.02
C ILE A 334 2.59 30.50 31.84
N PHE A 335 2.88 29.78 32.92
CA PHE A 335 1.82 29.13 33.69
C PHE A 335 0.77 30.11 34.23
N ASP A 336 1.21 31.17 34.90
CA ASP A 336 0.27 32.13 35.48
C ASP A 336 -0.58 32.83 34.42
N GLU A 337 0.06 33.26 33.34
CA GLU A 337 -0.66 33.93 32.28
C GLU A 337 -1.67 32.99 31.62
N PHE A 338 -1.27 31.72 31.45
CA PHE A 338 -2.16 30.74 30.84
C PHE A 338 -3.40 30.50 31.70
N VAL A 339 -3.19 30.29 33.00
CA VAL A 339 -4.29 29.98 33.90
C VAL A 339 -5.28 31.15 34.00
N SER A 340 -4.74 32.36 34.13
CA SER A 340 -5.59 33.55 34.18
C SER A 340 -6.40 33.70 32.91
N GLY A 341 -5.75 33.49 31.77
CA GLY A 341 -6.43 33.56 30.47
C GLY A 341 -7.55 32.53 30.32
N LEU A 342 -7.27 31.30 30.70
CA LEU A 342 -8.26 30.25 30.56
C LEU A 342 -9.45 30.47 31.50
N LYS A 343 -9.17 30.95 32.70
CA LYS A 343 -10.24 31.29 33.66
C LYS A 343 -11.23 32.27 33.04
N VAL A 344 -10.68 33.35 32.50
CA VAL A 344 -11.48 34.38 31.85
C VAL A 344 -12.33 33.80 30.72
N GLU A 345 -11.70 33.02 29.84
CA GLU A 345 -12.42 32.42 28.71
C GLU A 345 -13.45 31.36 29.17
N ALA A 346 -13.12 30.61 30.22
CA ALA A 346 -14.09 29.63 30.72
C ALA A 346 -15.30 30.35 31.32
N GLU A 347 -15.04 31.46 31.99
CA GLU A 347 -16.15 32.20 32.61
C GLU A 347 -16.98 32.95 31.57
N ARG A 348 -16.38 33.20 30.41
CA ARG A 348 -17.11 33.75 29.26
C ARG A 348 -18.07 32.75 28.62
N LEU A 349 -17.88 31.45 28.86
CA LEU A 349 -18.70 30.46 28.19
C LEU A 349 -20.16 30.59 28.60
N VAL A 350 -21.04 30.55 27.61
CA VAL A 350 -22.48 30.56 27.88
C VAL A 350 -22.96 29.13 28.09
N VAL A 351 -23.42 28.84 29.30
CA VAL A 351 -23.96 27.54 29.64
C VAL A 351 -25.48 27.69 29.68
N GLY A 352 -26.20 26.95 28.84
CA GLY A 352 -27.65 27.14 28.77
C GLY A 352 -28.40 26.28 27.76
N TYR A 353 -29.48 26.83 27.20
CA TYR A 353 -30.34 26.09 26.28
C TYR A 353 -29.61 25.79 24.96
N PRO A 354 -29.92 24.64 24.35
CA PRO A 354 -29.26 24.22 23.10
C PRO A 354 -29.40 25.24 21.97
N ASP A 355 -30.49 26.00 21.94
CA ASP A 355 -30.69 27.00 20.88
C ASP A 355 -30.61 28.45 21.38
N GLN A 356 -30.11 28.62 22.60
CA GLN A 356 -29.90 29.95 23.17
C GLN A 356 -28.79 30.73 22.43
N ASP A 357 -28.98 32.04 22.29
CA ASP A 357 -27.98 32.90 21.65
C ASP A 357 -26.60 32.75 22.24
N GLY A 358 -25.64 32.42 21.39
CA GLY A 358 -24.26 32.35 21.83
C GLY A 358 -23.93 31.19 22.76
N VAL A 359 -24.79 30.17 22.82
CA VAL A 359 -24.54 29.07 23.75
C VAL A 359 -23.28 28.28 23.40
N ASN A 360 -22.50 27.92 24.42
CA ASN A 360 -21.28 27.14 24.25
C ASN A 360 -21.39 25.74 24.86
N MET A 361 -22.17 25.63 25.93
CA MET A 361 -22.25 24.37 26.69
C MET A 361 -23.68 24.05 27.10
N GLY A 362 -24.06 22.80 26.89
CA GLY A 362 -25.31 22.28 27.42
C GLY A 362 -25.06 21.56 28.75
N PRO A 363 -26.05 20.79 29.21
CA PRO A 363 -25.90 20.03 30.45
C PRO A 363 -25.05 18.77 30.26
N LEU A 364 -24.84 18.03 31.35
CA LEU A 364 -24.35 16.66 31.27
C LEU A 364 -25.48 15.77 30.76
N ILE A 365 -25.16 14.53 30.39
CA ILE A 365 -26.13 13.65 29.75
C ILE A 365 -27.32 13.28 30.66
N SER A 366 -27.08 13.24 31.97
CA SER A 366 -28.10 12.70 32.88
C SER A 366 -27.82 13.13 34.31
N HIS A 367 -28.84 13.02 35.17
CA HIS A 367 -28.64 13.32 36.58
C HIS A 367 -27.65 12.34 37.20
N GLY A 368 -27.73 11.08 36.75
CA GLY A 368 -26.83 10.05 37.22
C GLY A 368 -25.37 10.35 36.89
N HIS A 369 -25.12 10.82 35.67
CA HIS A 369 -23.76 11.23 35.33
C HIS A 369 -23.35 12.47 36.11
N ARG A 370 -24.28 13.40 36.30
CA ARG A 370 -23.93 14.58 37.11
C ARG A 370 -23.53 14.17 38.53
N ASP A 371 -24.21 13.17 39.08
CA ASP A 371 -23.82 12.65 40.39
C ASP A 371 -22.35 12.23 40.44
N LYS A 372 -21.89 11.50 39.41
CA LYS A 372 -20.49 11.09 39.32
C LYS A 372 -19.56 12.30 39.25
N VAL A 373 -19.88 13.23 38.35
CA VAL A 373 -19.03 14.40 38.14
C VAL A 373 -18.96 15.27 39.39
N LEU A 374 -20.10 15.50 40.04
CA LEU A 374 -20.07 16.31 41.27
C LEU A 374 -19.28 15.63 42.38
N SER A 375 -19.35 14.31 42.42
CA SER A 375 -18.59 13.59 43.45
C SER A 375 -17.08 13.81 43.23
N TYR A 376 -16.66 13.93 41.98
CA TYR A 376 -15.26 14.27 41.70
C TYR A 376 -14.96 15.74 42.03
N TYR A 377 -15.92 16.62 41.80
CA TYR A 377 -15.74 18.03 42.17
C TYR A 377 -15.47 18.12 43.66
N ARG A 378 -16.23 17.38 44.45
CA ARG A 378 -15.99 17.30 45.90
C ARG A 378 -14.63 16.69 46.23
N LEU A 379 -14.32 15.58 45.58
CA LEU A 379 -13.06 14.89 45.81
C LEU A 379 -11.86 15.79 45.55
N ALA A 380 -11.93 16.65 44.52
CA ALA A 380 -10.79 17.53 44.21
C ALA A 380 -10.50 18.48 45.36
N VAL A 381 -11.56 19.03 45.95
CA VAL A 381 -11.40 19.91 47.09
C VAL A 381 -10.81 19.11 48.26
N ASP A 382 -11.35 17.93 48.52
CA ASP A 382 -10.80 17.06 49.57
C ASP A 382 -9.32 16.72 49.35
N GLU A 383 -8.92 16.54 48.09
CA GLU A 383 -7.52 16.24 47.76
C GLU A 383 -6.61 17.46 47.78
N GLY A 384 -7.18 18.64 48.05
CA GLY A 384 -6.38 19.84 48.21
C GLY A 384 -6.27 20.74 46.99
N ALA A 385 -7.20 20.62 46.05
CA ALA A 385 -7.18 21.47 44.85
C ALA A 385 -7.53 22.92 45.16
N THR A 386 -6.94 23.83 44.39
CA THR A 386 -7.43 25.20 44.30
C THR A 386 -8.45 25.21 43.18
N VAL A 387 -9.65 25.70 43.46
CA VAL A 387 -10.68 25.78 42.44
C VAL A 387 -10.56 27.14 41.76
N VAL A 388 -10.01 27.13 40.55
CA VAL A 388 -9.75 28.36 39.83
C VAL A 388 -11.05 28.95 39.31
N THR A 389 -11.91 28.08 38.81
CA THR A 389 -13.26 28.48 38.42
C THR A 389 -14.20 27.28 38.48
N GLY A 390 -15.50 27.54 38.57
CA GLY A 390 -16.49 26.47 38.57
C GLY A 390 -16.51 25.73 39.90
N GLY A 391 -16.58 24.41 39.82
CA GLY A 391 -16.57 23.57 41.01
C GLY A 391 -17.95 23.20 41.52
N GLY A 392 -18.99 23.68 40.84
CA GLY A 392 -20.36 23.40 41.25
C GLY A 392 -21.40 23.34 40.14
N VAL A 393 -22.63 23.70 40.49
CA VAL A 393 -23.75 23.69 39.56
C VAL A 393 -24.20 25.13 39.34
N PRO A 394 -24.44 25.51 38.07
CA PRO A 394 -24.97 26.87 37.85
C PRO A 394 -26.39 26.96 38.40
N LYS A 395 -26.77 28.14 38.89
CA LYS A 395 -28.15 28.36 39.30
C LYS A 395 -28.87 29.20 38.24
N PHE A 396 -29.85 28.61 37.56
CA PHE A 396 -30.54 29.30 36.48
C PHE A 396 -31.80 30.02 36.94
N ASN A 397 -32.40 29.51 38.01
CA ASN A 397 -33.69 30.02 38.48
C ASN A 397 -34.76 29.91 37.40
N ASP A 398 -34.79 28.76 36.74
CA ASP A 398 -35.85 28.39 35.83
C ASP A 398 -35.80 26.87 35.68
N GLU A 399 -36.55 26.32 34.71
CA GLU A 399 -36.71 24.87 34.57
C GLU A 399 -35.39 24.12 34.43
N ARG A 400 -34.35 24.82 33.98
CA ARG A 400 -33.05 24.16 33.79
C ARG A 400 -32.45 23.70 35.11
N ASP A 401 -32.94 24.26 36.22
CA ASP A 401 -32.51 23.77 37.53
C ASP A 401 -32.94 22.33 37.79
N GLN A 402 -33.93 21.85 37.03
CA GLN A 402 -34.38 20.46 37.13
C GLN A 402 -33.59 19.57 36.17
N GLY A 403 -32.71 20.20 35.39
CA GLY A 403 -31.84 19.49 34.45
C GLY A 403 -30.58 18.96 35.10
N ALA A 404 -29.53 18.73 34.31
CA ALA A 404 -28.32 18.11 34.83
C ALA A 404 -27.06 18.90 34.46
N TYR A 405 -27.12 20.22 34.63
CA TYR A 405 -26.00 21.08 34.31
C TYR A 405 -24.92 21.08 35.40
N VAL A 406 -23.67 21.27 35.00
CA VAL A 406 -22.57 21.64 35.92
C VAL A 406 -21.74 22.76 35.30
N GLN A 407 -20.93 23.42 36.13
CA GLN A 407 -20.04 24.48 35.67
C GLN A 407 -18.76 23.94 35.04
N PRO A 408 -18.30 24.59 33.96
CA PRO A 408 -16.92 24.33 33.52
C PRO A 408 -15.99 24.65 34.69
N THR A 409 -15.04 23.77 34.92
CA THR A 409 -14.25 23.80 36.15
C THR A 409 -12.75 23.66 35.87
N ILE A 410 -11.95 24.46 36.55
CA ILE A 410 -10.50 24.39 36.43
C ILE A 410 -9.88 24.22 37.82
N TRP A 411 -9.00 23.24 37.96
CA TRP A 411 -8.27 23.02 39.20
C TRP A 411 -6.77 23.28 39.03
N THR A 412 -6.11 23.70 40.11
CA THR A 412 -4.65 23.66 40.19
C THR A 412 -4.26 23.07 41.54
N GLY A 413 -2.98 22.77 41.71
CA GLY A 413 -2.43 22.41 43.02
C GLY A 413 -2.40 20.94 43.41
N LEU A 414 -2.91 20.06 42.56
CA LEU A 414 -2.91 18.63 42.87
C LEU A 414 -1.63 17.97 42.41
N SER A 415 -1.21 16.92 43.11
CA SER A 415 -0.06 16.15 42.68
C SER A 415 -0.47 15.22 41.54
N ASP A 416 0.51 14.72 40.79
CA ASP A 416 0.24 13.83 39.65
C ASP A 416 -0.45 12.55 40.07
N LYS A 417 -0.42 12.26 41.37
CA LYS A 417 -0.97 11.02 41.88
C LYS A 417 -2.38 11.16 42.46
N ALA A 418 -2.89 12.39 42.50
CA ALA A 418 -4.26 12.58 42.99
C ALA A 418 -5.25 11.80 42.14
N ARG A 419 -6.32 11.30 42.77
CA ARG A 419 -7.36 10.57 42.04
C ARG A 419 -8.00 11.43 40.94
N CYS A 420 -8.15 12.72 41.21
CA CYS A 420 -8.84 13.60 40.26
C CYS A 420 -8.00 13.88 39.02
N VAL A 421 -6.72 13.50 39.10
CA VAL A 421 -5.79 13.73 38.01
C VAL A 421 -5.49 12.43 37.27
N THR A 422 -5.95 11.30 37.83
CA THR A 422 -5.64 10.00 37.24
C THR A 422 -6.86 9.21 36.77
N GLU A 423 -8.04 9.56 37.26
CA GLU A 423 -9.24 8.82 36.91
C GLU A 423 -10.11 9.68 35.99
N GLU A 424 -10.68 9.03 34.98
CA GLU A 424 -11.55 9.71 34.02
C GLU A 424 -12.86 10.22 34.64
N ILE A 425 -13.07 11.52 34.54
CA ILE A 425 -14.28 12.15 35.09
C ILE A 425 -15.37 12.25 34.02
N PHE A 426 -14.96 12.64 32.80
CA PHE A 426 -15.89 12.77 31.68
C PHE A 426 -16.85 13.94 31.93
N GLY A 427 -16.31 15.01 32.51
CA GLY A 427 -17.05 16.24 32.72
C GLY A 427 -16.25 17.40 32.18
N PRO A 428 -16.80 18.62 32.32
CA PRO A 428 -16.12 19.79 31.74
C PRO A 428 -15.11 20.33 32.73
N VAL A 429 -13.97 19.64 32.80
CA VAL A 429 -13.01 19.95 33.83
C VAL A 429 -11.61 19.69 33.34
N CYS A 430 -10.66 20.47 33.84
CA CYS A 430 -9.24 20.17 33.67
C CYS A 430 -8.44 20.64 34.87
N HIS A 431 -7.40 19.88 35.20
CA HIS A 431 -6.44 20.32 36.19
C HIS A 431 -5.21 20.82 35.44
N ILE A 432 -4.65 21.92 35.90
CA ILE A 432 -3.48 22.51 35.23
C ILE A 432 -2.27 22.52 36.14
N SER A 433 -1.15 22.04 35.59
CA SER A 433 0.07 21.88 36.38
C SER A 433 1.26 22.44 35.60
N PRO A 434 2.21 23.12 36.29
CA PRO A 434 3.40 23.61 35.58
C PRO A 434 4.41 22.49 35.30
N PHE A 435 5.29 22.71 34.32
CA PHE A 435 6.45 21.83 34.11
C PHE A 435 7.63 22.69 33.67
N ASP A 436 8.85 22.15 33.76
CA ASP A 436 10.04 22.91 33.38
C ASP A 436 10.76 22.35 32.16
N ASP A 437 10.70 21.04 32.00
CA ASP A 437 11.57 20.34 31.06
C ASP A 437 10.76 19.45 30.09
N GLU A 438 11.23 19.35 28.86
CA GLU A 438 10.51 18.58 27.83
C GLU A 438 10.44 17.08 28.15
N ASP A 439 11.57 16.50 28.55
CA ASP A 439 11.56 15.08 28.90
C ASP A 439 10.68 14.84 30.13
N GLU A 440 10.74 15.77 31.08
CA GLU A 440 9.91 15.71 32.29
C GLU A 440 8.43 15.60 31.95
N VAL A 441 7.95 16.50 31.09
CA VAL A 441 6.53 16.55 30.80
C VAL A 441 6.09 15.35 29.96
N ILE A 442 6.98 14.88 29.09
CA ILE A 442 6.68 13.67 28.34
C ILE A 442 6.45 12.50 29.29
N ASN A 443 7.33 12.36 30.29
CA ASN A 443 7.17 11.27 31.24
C ASN A 443 5.90 11.42 32.08
N ARG A 444 5.58 12.66 32.44
CA ARG A 444 4.36 12.90 33.21
C ARG A 444 3.09 12.63 32.40
N VAL A 445 3.11 12.98 31.12
CA VAL A 445 1.99 12.67 30.24
C VAL A 445 1.81 11.16 30.15
N ASN A 446 2.91 10.43 30.04
CA ASN A 446 2.87 8.99 29.81
C ASN A 446 2.61 8.19 31.09
N ASP A 447 2.74 8.85 32.24
CA ASP A 447 2.52 8.19 33.54
C ASP A 447 1.02 8.10 33.79
N SER A 448 0.39 7.13 33.13
CA SER A 448 -1.05 7.01 33.16
C SER A 448 -1.38 5.59 32.77
N ASN A 449 -2.47 5.05 33.32
CA ASN A 449 -2.95 3.73 32.91
C ASN A 449 -3.75 3.81 31.61
N TYR A 450 -4.01 5.04 31.16
CA TYR A 450 -4.73 5.28 29.92
C TYR A 450 -3.76 5.74 28.83
N GLY A 451 -4.25 5.88 27.60
CA GLY A 451 -3.38 6.31 26.51
C GLY A 451 -4.16 6.55 25.22
N LEU A 452 -5.11 7.47 25.27
CA LEU A 452 -5.97 7.69 24.10
C LEU A 452 -5.42 8.78 23.21
N ALA A 453 -5.37 10.02 23.73
CA ALA A 453 -5.02 11.15 22.90
C ALA A 453 -4.18 12.14 23.67
N CYS A 454 -3.47 12.99 22.94
CA CYS A 454 -2.74 14.11 23.53
C CYS A 454 -2.77 15.28 22.56
N ALA A 455 -2.83 16.49 23.08
CA ALA A 455 -2.76 17.70 22.26
C ALA A 455 -1.56 18.51 22.72
N ILE A 456 -0.70 18.90 21.78
CA ILE A 456 0.54 19.62 22.07
C ILE A 456 0.50 20.97 21.37
N TRP A 457 0.91 22.02 22.08
CA TRP A 457 0.92 23.38 21.54
C TRP A 457 2.35 23.87 21.54
N THR A 458 2.90 24.08 20.33
CA THR A 458 4.25 24.59 20.15
C THR A 458 4.38 25.15 18.73
N THR A 459 5.13 26.22 18.56
CA THR A 459 5.39 26.74 17.21
C THR A 459 6.72 26.20 16.64
N ASN A 460 7.39 25.33 17.39
CA ASN A 460 8.72 24.86 16.99
C ASN A 460 8.65 23.57 16.18
N LEU A 461 9.24 23.60 14.99
CA LEU A 461 9.20 22.47 14.06
C LEU A 461 9.72 21.16 14.67
N SER A 462 10.99 21.17 15.10
CA SER A 462 11.58 19.97 15.70
C SER A 462 10.79 19.51 16.92
N ARG A 463 10.36 20.46 17.74
CA ARG A 463 9.67 20.08 18.97
C ARG A 463 8.39 19.32 18.65
N ALA A 464 7.63 19.82 17.67
CA ALA A 464 6.38 19.17 17.30
C ALA A 464 6.58 17.70 16.96
N HIS A 465 7.54 17.41 16.10
CA HIS A 465 7.74 16.03 15.67
C HIS A 465 8.45 15.16 16.70
N ARG A 466 9.43 15.74 17.40
CA ARG A 466 10.20 15.02 18.43
C ARG A 466 9.32 14.58 19.61
N VAL A 467 8.52 15.52 20.11
CA VAL A 467 7.67 15.24 21.26
C VAL A 467 6.50 14.34 20.90
N SER A 468 5.85 14.59 19.76
CA SER A 468 4.66 13.84 19.41
C SER A 468 4.94 12.34 19.32
N ARG A 469 6.11 12.00 18.78
CA ARG A 469 6.45 10.60 18.60
C ARG A 469 6.68 9.87 19.92
N GLN A 470 6.95 10.64 20.98
CA GLN A 470 7.29 10.05 22.27
C GLN A 470 6.07 9.90 23.19
N ILE A 471 4.93 10.46 22.78
CA ILE A 471 3.75 10.35 23.62
C ILE A 471 3.08 8.99 23.42
N HIS A 472 2.83 8.28 24.52
CA HIS A 472 2.30 6.93 24.42
C HIS A 472 0.77 6.89 24.33
N VAL A 473 0.23 7.27 23.17
CA VAL A 473 -1.21 7.36 22.95
C VAL A 473 -1.46 6.97 21.51
N GLY A 474 -2.72 6.77 21.15
CA GLY A 474 -3.03 6.43 19.77
C GLY A 474 -3.08 7.64 18.85
N LEU A 475 -3.36 8.81 19.44
CA LEU A 475 -3.70 10.01 18.68
C LEU A 475 -3.03 11.25 19.25
N VAL A 476 -2.22 11.94 18.44
CA VAL A 476 -1.63 13.20 18.88
C VAL A 476 -2.10 14.30 17.94
N TRP A 477 -2.48 15.45 18.51
CA TRP A 477 -2.76 16.65 17.70
C TRP A 477 -1.73 17.71 18.07
N VAL A 478 -1.25 18.47 17.09
CA VAL A 478 -0.34 19.57 17.38
C VAL A 478 -1.01 20.86 16.92
N ASN A 479 -1.17 21.81 17.84
CA ASN A 479 -1.80 23.11 17.55
C ASN A 479 -3.25 23.02 17.07
N THR A 480 -3.93 21.97 17.49
CA THR A 480 -5.35 21.80 17.28
C THR A 480 -5.79 20.68 18.22
N TRP A 481 -7.03 20.24 18.08
CA TRP A 481 -7.56 19.12 18.85
C TRP A 481 -8.81 18.60 18.17
N TYR A 482 -8.94 17.28 18.12
CA TYR A 482 -10.09 16.59 17.54
C TYR A 482 -10.35 17.05 16.10
N LEU A 483 -9.28 17.20 15.33
CA LEU A 483 -9.35 17.42 13.89
C LEU A 483 -9.27 16.03 13.28
N ARG A 484 -10.29 15.62 12.55
CA ARG A 484 -10.43 14.23 12.13
C ARG A 484 -10.37 14.00 10.62
N ASP A 485 -9.44 13.16 10.20
CA ASP A 485 -9.42 12.63 8.83
C ASP A 485 -9.85 11.17 8.96
N LEU A 486 -11.01 10.81 8.40
CA LEU A 486 -11.59 9.49 8.65
C LEU A 486 -10.79 8.31 8.08
N ARG A 487 -9.76 8.61 7.29
CA ARG A 487 -8.88 7.57 6.72
C ARG A 487 -7.76 7.12 7.68
N THR A 488 -7.55 7.87 8.76
CA THR A 488 -6.41 7.64 9.64
C THR A 488 -6.74 6.58 10.70
N PRO A 489 -5.72 5.90 11.23
CA PRO A 489 -6.00 4.98 12.34
C PRO A 489 -6.43 5.74 13.59
N PHE A 490 -7.44 5.21 14.25
CA PHE A 490 -8.01 5.82 15.43
C PHE A 490 -8.18 4.76 16.51
N GLY A 491 -7.63 5.02 17.70
CA GLY A 491 -7.77 4.08 18.80
C GLY A 491 -6.81 4.48 19.89
N GLY A 492 -6.68 3.63 20.91
CA GLY A 492 -5.82 3.98 22.03
C GLY A 492 -4.93 2.85 22.48
N VAL A 493 -4.05 3.14 23.44
CA VAL A 493 -3.19 2.14 24.05
C VAL A 493 -3.54 1.94 25.52
N LYS A 494 -2.93 0.93 26.14
CA LYS A 494 -3.17 0.65 27.55
C LYS A 494 -4.67 0.42 27.80
N LEU A 495 -5.22 0.99 28.87
CA LEU A 495 -6.65 0.82 29.16
C LEU A 495 -7.57 1.55 28.16
N SER A 496 -6.98 2.36 27.27
CA SER A 496 -7.78 3.17 26.36
C SER A 496 -8.26 2.44 25.11
N GLY A 497 -7.82 1.21 24.92
CA GLY A 497 -8.37 0.49 23.79
C GLY A 497 -7.64 -0.75 23.33
N LEU A 498 -8.21 -1.36 22.32
CA LEU A 498 -7.64 -2.53 21.69
C LEU A 498 -7.99 -2.36 20.22
N GLY A 499 -6.99 -2.45 19.34
CA GLY A 499 -7.28 -2.39 17.92
C GLY A 499 -7.27 -0.95 17.42
N ARG A 500 -7.37 -0.81 16.10
CA ARG A 500 -7.56 0.50 15.46
C ARG A 500 -8.75 0.42 14.52
N GLU A 501 -9.46 1.53 14.40
CA GLU A 501 -10.45 1.68 13.34
C GLU A 501 -10.11 2.92 12.53
N GLY A 502 -10.89 3.19 11.49
CA GLY A 502 -10.58 4.25 10.55
C GLY A 502 -9.88 3.70 9.31
N GLY A 503 -10.21 4.24 8.14
CA GLY A 503 -9.55 3.85 6.91
C GLY A 503 -9.37 2.35 6.72
N ARG A 504 -8.15 1.95 6.38
CA ARG A 504 -7.86 0.55 6.09
C ARG A 504 -8.01 -0.33 7.31
N PHE A 505 -7.85 0.27 8.49
CA PHE A 505 -7.99 -0.45 9.75
C PHE A 505 -9.42 -0.93 9.95
N SER A 506 -10.39 -0.09 9.59
CA SER A 506 -11.78 -0.56 9.59
C SER A 506 -12.04 -1.59 8.49
N MET A 507 -11.50 -1.36 7.29
CA MET A 507 -11.71 -2.31 6.20
C MET A 507 -11.20 -3.71 6.56
N ASP A 508 -10.12 -3.75 7.35
CA ASP A 508 -9.57 -5.02 7.83
C ASP A 508 -10.34 -5.58 9.02
N PHE A 509 -10.71 -4.73 9.98
CA PHE A 509 -11.42 -5.25 11.14
C PHE A 509 -12.78 -5.84 10.79
N TYR A 510 -13.52 -5.16 9.92
CA TYR A 510 -14.89 -5.59 9.63
C TYR A 510 -14.94 -6.60 8.51
N SER A 511 -13.77 -7.11 8.12
CA SER A 511 -13.68 -8.17 7.10
C SER A 511 -13.00 -9.43 7.61
N ASP A 512 -13.41 -10.56 7.04
CA ASP A 512 -12.60 -11.78 7.07
C ASP A 512 -11.48 -11.55 6.05
N ILE A 513 -10.23 -11.61 6.50
CA ILE A 513 -9.09 -11.63 5.57
C ILE A 513 -8.76 -13.08 5.29
N ALA A 514 -8.88 -13.51 4.04
CA ALA A 514 -8.56 -14.90 3.72
C ALA A 514 -7.41 -14.94 2.70
N ASN A 515 -6.47 -15.85 2.92
CA ASN A 515 -5.38 -16.08 1.98
C ASN A 515 -5.70 -17.32 1.15
N ILE A 516 -5.57 -17.21 -0.16
CA ILE A 516 -5.83 -18.32 -1.05
C ILE A 516 -4.53 -18.59 -1.80
N CYS A 517 -4.01 -19.78 -1.62
CA CYS A 517 -2.72 -20.15 -2.20
C CYS A 517 -2.94 -21.16 -3.33
N ILE A 518 -2.54 -20.80 -4.54
CA ILE A 518 -2.70 -21.67 -5.71
C ILE A 518 -1.35 -22.23 -6.11
N LYS A 519 -1.20 -23.55 -6.07
CA LYS A 519 0.01 -24.17 -6.58
C LYS A 519 -0.12 -24.25 -8.09
N ILE A 520 0.89 -23.77 -8.80
CA ILE A 520 0.82 -23.75 -10.26
C ILE A 520 1.54 -24.95 -10.88
N SER B 38 -25.03 20.56 -37.22
CA SER B 38 -24.62 21.34 -36.05
C SER B 38 -23.29 22.04 -36.29
N GLN B 39 -22.83 22.78 -35.28
CA GLN B 39 -21.54 23.44 -35.34
C GLN B 39 -20.79 23.14 -34.05
N LEU B 40 -19.52 22.79 -34.17
CA LEU B 40 -18.73 22.43 -33.00
C LEU B 40 -17.62 23.45 -32.77
N LEU B 41 -17.71 24.18 -31.66
CA LEU B 41 -16.75 25.23 -31.33
C LEU B 41 -15.67 24.75 -30.36
N ASN B 42 -14.56 25.47 -30.36
CA ASN B 42 -13.55 25.34 -29.32
C ASN B 42 -14.09 25.88 -28.01
N TYR B 43 -13.50 25.45 -26.90
CA TYR B 43 -13.89 25.98 -25.59
C TYR B 43 -12.63 26.43 -24.87
N ILE B 44 -12.44 27.75 -24.79
CA ILE B 44 -11.19 28.31 -24.31
C ILE B 44 -11.48 29.40 -23.28
N ASP B 45 -10.86 29.25 -22.11
CA ASP B 45 -11.01 30.21 -21.02
C ASP B 45 -12.47 30.55 -20.72
N GLY B 46 -13.31 29.52 -20.74
CA GLY B 46 -14.68 29.65 -20.26
C GLY B 46 -15.65 30.07 -21.34
N ASN B 47 -15.15 30.20 -22.56
CA ASN B 47 -15.98 30.63 -23.69
C ASN B 47 -15.89 29.72 -24.89
N PHE B 48 -17.03 29.47 -25.52
CA PHE B 48 -17.04 28.81 -26.82
C PHE B 48 -16.62 29.83 -27.89
N VAL B 49 -15.66 29.45 -28.72
CA VAL B 49 -15.12 30.36 -29.73
C VAL B 49 -14.99 29.65 -31.09
N THR B 50 -15.19 30.41 -32.17
CA THR B 50 -14.98 29.87 -33.50
C THR B 50 -13.53 30.04 -33.92
N SER B 51 -13.24 29.76 -35.19
CA SER B 51 -11.89 29.84 -35.71
C SER B 51 -11.90 30.30 -37.17
N ALA B 52 -10.74 30.71 -37.65
CA ALA B 52 -10.56 31.12 -39.05
C ALA B 52 -10.91 29.99 -39.99
N SER B 53 -10.49 28.77 -39.63
CA SER B 53 -10.71 27.59 -40.46
C SER B 53 -11.73 26.65 -39.84
N SER B 54 -12.46 25.94 -40.70
CA SER B 54 -13.40 24.93 -40.24
C SER B 54 -13.29 23.66 -41.09
N PHE B 55 -13.72 22.53 -40.54
CA PHE B 55 -13.73 21.29 -41.31
C PHE B 55 -14.99 20.47 -41.10
N ALA B 56 -15.18 19.49 -41.98
CA ALA B 56 -16.36 18.65 -41.95
C ALA B 56 -16.25 17.46 -41.00
N ASN B 57 -17.36 17.22 -40.31
CA ASN B 57 -17.64 16.02 -39.54
C ASN B 57 -18.64 15.20 -40.37
N ILE B 58 -18.26 13.98 -40.74
CA ILE B 58 -19.03 13.18 -41.72
C ILE B 58 -19.58 11.88 -41.14
N ASN B 59 -20.88 11.62 -41.27
CA ASN B 59 -21.44 10.36 -40.78
C ASN B 59 -21.00 9.16 -41.63
N PRO B 60 -20.29 8.18 -41.04
CA PRO B 60 -19.78 7.06 -41.83
C PRO B 60 -20.84 6.02 -42.23
N VAL B 61 -22.03 6.12 -41.66
CA VAL B 61 -23.13 5.25 -42.06
C VAL B 61 -23.55 5.57 -43.50
N ASN B 62 -23.57 6.85 -43.83
CA ASN B 62 -24.15 7.31 -45.09
C ASN B 62 -23.38 8.43 -45.80
N GLY B 63 -22.24 8.83 -45.24
CA GLY B 63 -21.40 9.83 -45.88
C GLY B 63 -21.95 11.26 -45.88
N LYS B 64 -22.99 11.48 -45.08
CA LYS B 64 -23.59 12.81 -44.97
C LYS B 64 -22.85 13.71 -43.98
N LEU B 65 -22.82 15.00 -44.28
CA LEU B 65 -22.29 16.01 -43.37
C LEU B 65 -23.12 16.09 -42.07
N ILE B 66 -22.45 15.97 -40.92
CA ILE B 66 -23.10 16.11 -39.62
C ILE B 66 -22.91 17.50 -39.05
N SER B 67 -21.69 18.04 -39.16
CA SER B 67 -21.39 19.32 -38.56
C SER B 67 -20.21 20.04 -39.18
N ASP B 68 -20.09 21.33 -38.87
CA ASP B 68 -18.89 22.08 -39.14
C ASP B 68 -18.10 22.16 -37.85
N VAL B 69 -16.79 22.02 -37.95
CA VAL B 69 -15.93 22.03 -36.78
C VAL B 69 -14.85 23.09 -36.94
N PHE B 70 -14.70 23.96 -35.95
CA PHE B 70 -13.70 25.02 -36.05
C PHE B 70 -12.31 24.56 -35.62
N GLU B 71 -11.35 24.67 -36.54
CA GLU B 71 -9.99 24.22 -36.27
C GLU B 71 -9.20 25.31 -35.53
N ALA B 72 -8.78 25.00 -34.30
CA ALA B 72 -7.96 25.94 -33.54
C ALA B 72 -6.62 26.17 -34.23
N ASP B 73 -6.18 27.43 -34.32
CA ASP B 73 -4.85 27.69 -34.86
C ASP B 73 -3.85 27.80 -33.72
N ALA B 74 -2.59 28.11 -34.06
CA ALA B 74 -1.53 28.17 -33.06
C ALA B 74 -1.79 29.24 -32.01
N LYS B 75 -2.35 30.37 -32.45
CA LYS B 75 -2.71 31.46 -31.55
C LYS B 75 -3.70 30.99 -30.50
N GLN B 76 -4.67 30.19 -30.93
CA GLN B 76 -5.72 29.74 -30.03
C GLN B 76 -5.23 28.63 -29.09
N VAL B 77 -4.34 27.79 -29.58
CA VAL B 77 -3.73 26.78 -28.72
C VAL B 77 -2.96 27.49 -27.61
N ASN B 78 -2.23 28.55 -27.97
CA ASN B 78 -1.51 29.32 -26.97
C ASN B 78 -2.47 29.94 -25.94
N GLU B 79 -3.57 30.50 -26.42
CA GLU B 79 -4.56 31.09 -25.52
C GLU B 79 -5.11 30.07 -24.51
N ALA B 80 -5.33 28.84 -24.99
CA ALA B 80 -5.84 27.76 -24.14
C ALA B 80 -4.83 27.32 -23.08
N VAL B 81 -3.58 27.09 -23.50
CA VAL B 81 -2.51 26.73 -22.56
C VAL B 81 -2.28 27.84 -21.51
N VAL B 82 -2.17 29.09 -21.97
CA VAL B 82 -2.02 30.21 -21.04
C VAL B 82 -3.22 30.30 -20.09
N ALA B 83 -4.42 30.10 -20.62
CA ALA B 83 -5.63 30.12 -19.78
C ALA B 83 -5.57 29.00 -18.74
N ALA B 84 -5.06 27.84 -19.15
CA ALA B 84 -4.89 26.70 -18.24
C ALA B 84 -3.87 26.99 -17.14
N GLN B 85 -2.78 27.65 -17.50
CA GLN B 85 -1.75 27.98 -16.52
C GLN B 85 -2.31 28.95 -15.48
N ASN B 86 -3.02 29.97 -15.96
CA ASN B 86 -3.62 30.97 -15.08
C ASN B 86 -4.69 30.39 -14.17
N ALA B 87 -5.46 29.43 -14.68
CA ALA B 87 -6.52 28.80 -13.90
C ALA B 87 -5.97 28.02 -12.70
N LEU B 88 -4.71 27.58 -12.80
CA LEU B 88 -4.07 26.92 -11.67
C LEU B 88 -3.96 27.89 -10.48
N LYS B 89 -3.92 29.18 -10.78
CA LYS B 89 -3.75 30.22 -9.75
C LYS B 89 -5.07 30.84 -9.33
N GLY B 90 -6.17 30.34 -9.89
CA GLY B 90 -7.50 30.85 -9.62
C GLY B 90 -8.22 29.98 -8.60
N PRO B 91 -9.56 30.08 -8.56
CA PRO B 91 -10.40 29.34 -7.61
C PRO B 91 -10.25 27.82 -7.69
N TRP B 92 -9.97 27.30 -8.88
CA TRP B 92 -9.71 25.87 -9.05
C TRP B 92 -8.57 25.41 -8.15
N GLY B 93 -7.49 26.19 -8.13
CA GLY B 93 -6.28 25.82 -7.38
C GLY B 93 -6.44 25.95 -5.88
N LYS B 94 -7.53 26.58 -5.45
CA LYS B 94 -7.81 26.80 -4.04
C LYS B 94 -8.80 25.79 -3.47
N LEU B 95 -9.39 24.96 -4.32
CA LEU B 95 -10.37 23.95 -3.87
C LEU B 95 -9.72 22.82 -3.07
N SER B 96 -10.40 22.38 -2.03
CA SER B 96 -9.96 21.19 -1.30
C SER B 96 -10.14 19.98 -2.22
N VAL B 97 -9.45 18.90 -1.89
CA VAL B 97 -9.61 17.67 -2.64
C VAL B 97 -11.06 17.22 -2.59
N GLN B 98 -11.70 17.34 -1.43
CA GLN B 98 -13.11 16.97 -1.30
C GLN B 98 -14.01 17.81 -2.23
N ASP B 99 -13.82 19.12 -2.24
CA ASP B 99 -14.64 19.98 -3.09
C ASP B 99 -14.35 19.72 -4.57
N ARG B 100 -13.09 19.47 -4.88
CA ARG B 100 -12.72 19.14 -6.25
C ARG B 100 -13.43 17.87 -6.70
N ALA B 101 -13.39 16.83 -5.86
CA ALA B 101 -14.07 15.57 -6.18
C ALA B 101 -15.58 15.73 -6.31
N ALA B 102 -16.16 16.59 -5.46
CA ALA B 102 -17.60 16.85 -5.54
C ALA B 102 -17.96 17.48 -6.88
N LEU B 103 -17.12 18.41 -7.33
CA LEU B 103 -17.32 19.08 -8.61
C LEU B 103 -17.20 18.08 -9.77
N ILE B 104 -16.23 17.18 -9.69
CA ILE B 104 -16.07 16.15 -10.71
C ILE B 104 -17.28 15.21 -10.75
N HIS B 105 -17.81 14.88 -9.57
CA HIS B 105 -19.04 14.10 -9.51
C HIS B 105 -20.21 14.84 -10.17
N LYS B 106 -20.24 16.17 -10.04
CA LYS B 106 -21.26 16.98 -10.71
C LYS B 106 -21.08 16.96 -12.24
N ILE B 107 -19.83 16.90 -12.71
CA ILE B 107 -19.60 16.69 -14.14
C ILE B 107 -20.22 15.37 -14.61
N ALA B 108 -19.97 14.30 -13.85
CA ALA B 108 -20.54 13.00 -14.14
C ALA B 108 -22.08 13.05 -14.14
N ASP B 109 -22.65 13.75 -13.15
CA ASP B 109 -24.10 13.93 -13.06
C ASP B 109 -24.63 14.59 -14.33
N GLY B 110 -23.90 15.59 -14.81
CA GLY B 110 -24.25 16.34 -16.00
C GLY B 110 -24.31 15.50 -17.26
N ILE B 111 -23.38 14.56 -17.41
CA ILE B 111 -23.38 13.63 -18.53
C ILE B 111 -24.57 12.68 -18.43
N GLN B 112 -24.80 12.16 -17.22
CA GLN B 112 -25.94 11.30 -16.97
C GLN B 112 -27.26 12.03 -17.29
N ALA B 113 -27.35 13.30 -16.92
CA ALA B 113 -28.59 14.06 -17.14
C ALA B 113 -28.86 14.27 -18.62
N ARG B 114 -27.82 14.12 -19.44
CA ARG B 114 -27.96 14.27 -20.87
C ARG B 114 -27.54 12.99 -21.59
N PHE B 115 -27.73 11.87 -20.91
CA PHE B 115 -27.25 10.57 -21.39
C PHE B 115 -27.54 10.29 -22.87
N GLU B 116 -28.80 10.43 -23.27
CA GLU B 116 -29.18 10.10 -24.64
C GLU B 116 -28.63 11.08 -25.67
N GLU B 117 -28.39 12.33 -25.26
CA GLU B 117 -27.74 13.30 -26.14
C GLU B 117 -26.30 12.88 -26.42
N PHE B 118 -25.61 12.41 -25.38
CA PHE B 118 -24.25 11.93 -25.55
C PHE B 118 -24.24 10.67 -26.43
N VAL B 119 -25.21 9.79 -26.22
CA VAL B 119 -25.31 8.58 -27.04
C VAL B 119 -25.45 8.94 -28.51
N ALA B 120 -26.39 9.84 -28.81
CA ALA B 120 -26.67 10.25 -30.18
C ALA B 120 -25.43 10.87 -30.83
N ALA B 121 -24.72 11.69 -30.06
CA ALA B 121 -23.49 12.32 -30.54
C ALA B 121 -22.38 11.31 -30.89
N GLU B 122 -22.15 10.34 -30.00
CA GLU B 122 -21.13 9.33 -30.23
C GLU B 122 -21.49 8.50 -31.46
N VAL B 123 -22.77 8.15 -31.55
CA VAL B 123 -23.26 7.30 -32.63
C VAL B 123 -23.18 8.04 -33.96
N ALA B 124 -23.57 9.32 -33.96
CA ALA B 124 -23.55 10.12 -35.18
C ALA B 124 -22.16 10.20 -35.77
N ASP B 125 -21.17 10.47 -34.92
CA ASP B 125 -19.79 10.61 -35.38
C ASP B 125 -19.23 9.31 -35.94
N THR B 126 -19.55 8.18 -35.33
CA THR B 126 -18.72 7.00 -35.58
C THR B 126 -19.47 5.84 -36.20
N GLY B 127 -20.79 5.86 -36.12
CA GLY B 127 -21.57 4.74 -36.65
C GLY B 127 -21.65 3.56 -35.70
N ARG B 128 -21.14 3.71 -34.47
CA ARG B 128 -21.18 2.58 -33.54
C ARG B 128 -22.62 2.23 -33.17
N PRO B 129 -22.88 0.94 -32.91
CA PRO B 129 -24.22 0.48 -32.53
C PRO B 129 -24.74 1.26 -31.32
N VAL B 130 -26.01 1.62 -31.34
CA VAL B 130 -26.60 2.40 -30.26
C VAL B 130 -26.48 1.64 -28.94
N HIS B 131 -26.66 0.32 -29.01
CA HIS B 131 -26.55 -0.53 -27.83
C HIS B 131 -25.15 -0.48 -27.21
N GLN B 132 -24.12 -0.43 -28.04
CA GLN B 132 -22.75 -0.30 -27.55
C GLN B 132 -22.54 1.05 -26.88
N ALA B 133 -23.04 2.10 -27.52
CA ALA B 133 -22.91 3.44 -26.96
C ALA B 133 -23.61 3.57 -25.61
N ARG B 134 -24.74 2.89 -25.46
CA ARG B 134 -25.55 2.95 -24.24
C ARG B 134 -25.01 2.07 -23.12
N THR B 135 -24.24 1.05 -23.47
CA THR B 135 -23.75 0.11 -22.45
C THR B 135 -22.26 0.22 -22.17
N LEU B 136 -21.48 0.63 -23.16
CA LEU B 136 -20.03 0.73 -22.98
C LEU B 136 -19.59 2.18 -22.95
N ASP B 137 -19.77 2.87 -24.07
CA ASP B 137 -19.15 4.18 -24.28
C ASP B 137 -19.58 5.25 -23.29
N ILE B 138 -20.86 5.54 -23.22
CA ILE B 138 -21.29 6.63 -22.34
C ILE B 138 -21.20 6.26 -20.84
N PRO B 139 -21.66 5.04 -20.46
CA PRO B 139 -21.47 4.69 -19.04
C PRO B 139 -20.01 4.72 -18.60
N ARG B 140 -19.07 4.31 -19.46
CA ARG B 140 -17.66 4.36 -19.08
C ARG B 140 -17.17 5.79 -18.87
N ALA B 141 -17.68 6.74 -19.66
CA ALA B 141 -17.28 8.13 -19.48
C ALA B 141 -17.72 8.63 -18.10
N ILE B 142 -18.95 8.29 -17.74
CA ILE B 142 -19.46 8.64 -16.43
C ILE B 142 -18.62 7.98 -15.32
N ALA B 143 -18.39 6.68 -15.47
CA ALA B 143 -17.61 5.92 -14.50
C ALA B 143 -16.16 6.41 -14.41
N ASN B 144 -15.59 6.88 -15.53
CA ASN B 144 -14.24 7.45 -15.49
C ASN B 144 -14.15 8.62 -14.51
N PHE B 145 -15.10 9.55 -14.63
CA PHE B 145 -15.14 10.71 -13.74
C PHE B 145 -15.39 10.29 -12.29
N ARG B 146 -16.38 9.43 -12.07
CA ARG B 146 -16.70 9.01 -10.71
C ARG B 146 -15.56 8.24 -10.03
N THR B 147 -14.92 7.34 -10.78
CA THR B 147 -13.85 6.54 -10.18
C THR B 147 -12.64 7.36 -9.78
N PHE B 148 -12.22 8.28 -10.65
CA PHE B 148 -11.06 9.09 -10.32
C PHE B 148 -11.34 10.15 -9.27
N ALA B 149 -12.58 10.66 -9.25
CA ALA B 149 -13.02 11.51 -8.13
C ALA B 149 -12.92 10.71 -6.83
N ASP B 150 -13.42 9.48 -6.85
CA ASP B 150 -13.37 8.63 -5.65
C ASP B 150 -11.94 8.29 -5.23
N LEU B 151 -11.09 7.94 -6.19
CA LEU B 151 -9.69 7.65 -5.92
C LEU B 151 -8.98 8.88 -5.32
N ALA B 152 -9.32 10.07 -5.82
CA ALA B 152 -8.75 11.29 -5.26
C ALA B 152 -9.14 11.47 -3.80
N LYS B 153 -10.40 11.19 -3.48
CA LYS B 153 -10.88 11.31 -2.11
C LYS B 153 -10.19 10.33 -1.14
N THR B 154 -9.90 9.13 -1.63
CA THR B 154 -9.42 8.07 -0.74
C THR B 154 -7.90 7.83 -0.76
N SER B 155 -7.21 8.36 -1.77
CA SER B 155 -5.79 8.02 -1.91
C SER B 155 -4.91 8.78 -0.93
N HIS B 156 -3.82 8.16 -0.51
CA HIS B 156 -2.88 8.85 0.36
C HIS B 156 -1.47 8.55 -0.10
N THR B 157 -0.49 9.09 0.64
CA THR B 157 0.89 8.95 0.27
C THR B 157 1.69 8.35 1.42
N ASP B 158 3.02 8.50 1.38
CA ASP B 158 3.89 7.70 2.25
C ASP B 158 4.66 8.49 3.27
N LEU B 159 4.98 7.81 4.38
CA LEU B 159 5.77 8.38 5.46
C LEU B 159 6.91 7.39 5.70
N PHE B 160 8.15 7.89 5.66
CA PHE B 160 9.31 7.04 5.92
C PHE B 160 10.09 7.68 7.05
N GLU B 161 10.43 6.90 8.08
CA GLU B 161 11.27 7.42 9.14
C GLU B 161 12.69 6.93 8.96
N MET B 162 13.66 7.74 9.36
CA MET B 162 15.05 7.29 9.27
C MET B 162 15.83 7.79 10.46
N SER B 163 16.91 7.09 10.78
CA SER B 163 17.84 7.57 11.81
C SER B 163 18.94 8.41 11.19
N THR B 164 19.50 9.32 11.98
CA THR B 164 20.60 10.18 11.52
C THR B 164 21.76 10.10 12.51
N SER B 165 22.91 10.64 12.13
CA SER B 165 24.12 10.64 12.96
C SER B 165 23.87 11.16 14.37
N ASP B 166 23.23 12.32 14.47
CA ASP B 166 23.05 12.96 15.78
C ASP B 166 22.00 12.28 16.67
N GLY B 167 21.37 11.23 16.17
CA GLY B 167 20.39 10.48 16.93
C GLY B 167 19.01 11.12 17.09
N SER B 168 18.78 12.23 16.41
CA SER B 168 17.50 12.93 16.49
C SER B 168 16.50 12.43 15.44
N GLY B 169 17.02 11.94 14.32
CA GLY B 169 16.15 11.33 13.31
C GLY B 169 15.67 12.32 12.25
N ALA B 170 14.98 11.77 11.26
CA ALA B 170 14.38 12.59 10.22
C ALA B 170 13.12 11.92 9.74
N LEU B 171 12.24 12.68 9.12
CA LEU B 171 11.11 12.04 8.50
C LEU B 171 10.96 12.54 7.08
N ASN B 172 10.61 11.61 6.21
CA ASN B 172 10.40 11.91 4.83
C ASN B 172 8.93 11.63 4.58
N TYR B 173 8.21 12.62 4.07
CA TYR B 173 6.84 12.34 3.66
C TYR B 173 6.62 12.78 2.23
N THR B 174 5.78 12.05 1.52
CA THR B 174 5.55 12.39 0.12
C THR B 174 4.18 13.01 -0.02
N VAL B 175 4.03 13.89 -1.00
CA VAL B 175 2.73 14.44 -1.28
C VAL B 175 2.48 14.39 -2.77
N ARG B 176 1.21 14.34 -3.14
CA ARG B 176 0.80 14.44 -4.54
C ARG B 176 0.28 15.85 -4.77
N LYS B 177 0.84 16.53 -5.77
CA LYS B 177 0.42 17.87 -6.14
C LYS B 177 0.05 17.84 -7.61
N PRO B 178 -0.70 18.84 -8.10
CA PRO B 178 -0.98 18.85 -9.53
C PRO B 178 0.33 18.95 -10.30
N LEU B 179 0.42 18.26 -11.42
CA LEU B 179 1.56 18.33 -12.31
C LEU B 179 1.58 19.72 -12.98
N GLY B 180 0.41 20.19 -13.38
CA GLY B 180 0.29 21.49 -14.02
C GLY B 180 -0.78 21.45 -15.09
N VAL B 181 -0.41 21.85 -16.31
CA VAL B 181 -1.31 21.79 -17.43
C VAL B 181 -1.09 20.48 -18.18
N ILE B 182 -2.15 19.68 -18.30
CA ILE B 182 -2.07 18.41 -18.97
C ILE B 182 -2.57 18.55 -20.41
N GLY B 183 -1.74 18.20 -21.38
CA GLY B 183 -2.19 18.16 -22.76
C GLY B 183 -2.73 16.77 -23.02
N VAL B 184 -3.91 16.70 -23.59
CA VAL B 184 -4.56 15.42 -23.85
C VAL B 184 -4.85 15.32 -25.33
N ILE B 185 -4.38 14.24 -25.95
CA ILE B 185 -4.70 14.01 -27.36
C ILE B 185 -5.31 12.63 -27.50
N SER B 186 -6.50 12.55 -28.08
CA SER B 186 -7.25 11.29 -28.06
C SER B 186 -7.72 10.84 -29.45
N PRO B 187 -8.00 9.54 -29.63
CA PRO B 187 -8.31 9.03 -30.97
C PRO B 187 -9.81 8.74 -31.12
N TRP B 188 -10.19 8.17 -32.26
CA TRP B 188 -11.60 7.99 -32.58
C TRP B 188 -12.18 6.61 -32.25
N ALA B 189 -11.37 5.68 -31.77
CA ALA B 189 -11.85 4.32 -31.52
C ALA B 189 -13.00 4.29 -30.51
N LEU B 190 -12.79 4.90 -29.36
CA LEU B 190 -13.81 4.99 -28.32
C LEU B 190 -13.78 6.42 -27.82
N PRO B 191 -14.38 7.35 -28.59
CA PRO B 191 -14.16 8.79 -28.44
C PRO B 191 -14.28 9.34 -27.02
N LEU B 192 -15.47 9.28 -26.43
CA LEU B 192 -15.67 9.88 -25.11
C LEU B 192 -15.03 9.02 -24.01
N LEU B 193 -15.06 7.71 -24.18
CA LEU B 193 -14.41 6.81 -23.21
C LEU B 193 -12.94 7.17 -23.06
N LEU B 194 -12.24 7.26 -24.19
CA LEU B 194 -10.79 7.52 -24.18
C LEU B 194 -10.45 8.96 -23.82
N PHE B 195 -11.29 9.90 -24.27
CA PHE B 195 -11.14 11.31 -23.91
C PHE B 195 -11.24 11.49 -22.39
N THR B 196 -12.28 10.92 -21.79
CA THR B 196 -12.52 11.08 -20.35
C THR B 196 -11.58 10.22 -19.50
N TRP B 197 -11.08 9.12 -20.07
CA TRP B 197 -10.07 8.30 -19.42
C TRP B 197 -8.82 9.13 -19.08
N LYS B 198 -8.55 10.16 -19.87
CA LYS B 198 -7.44 11.06 -19.62
C LYS B 198 -7.86 12.30 -18.85
N VAL B 199 -8.98 12.90 -19.26
CA VAL B 199 -9.44 14.13 -18.63
C VAL B 199 -9.87 13.94 -17.17
N ALA B 200 -10.50 12.82 -16.86
CA ALA B 200 -10.97 12.59 -15.49
C ALA B 200 -9.84 12.53 -14.44
N PRO B 201 -8.81 11.68 -14.64
CA PRO B 201 -7.72 11.69 -13.65
C PRO B 201 -6.94 13.02 -13.66
N ALA B 202 -6.86 13.68 -14.80
CA ALA B 202 -6.15 14.95 -14.86
C ALA B 202 -6.80 15.96 -13.93
N LEU B 203 -8.12 16.10 -14.05
CA LEU B 203 -8.88 17.00 -13.18
C LEU B 203 -8.93 16.51 -11.74
N ALA B 204 -9.03 15.20 -11.55
CA ALA B 204 -9.08 14.63 -10.21
C ALA B 204 -7.81 14.94 -9.41
N CYS B 205 -6.69 15.03 -10.12
CA CYS B 205 -5.41 15.36 -9.50
C CYS B 205 -5.16 16.86 -9.44
N GLY B 206 -6.16 17.65 -9.80
CA GLY B 206 -6.10 19.11 -9.64
C GLY B 206 -5.36 19.85 -10.75
N ASN B 207 -5.07 19.16 -11.84
CA ASN B 207 -4.48 19.81 -13.00
C ASN B 207 -5.52 20.62 -13.75
N THR B 208 -5.05 21.43 -14.70
CA THR B 208 -5.94 22.01 -15.71
C THR B 208 -5.60 21.35 -17.04
N VAL B 209 -6.46 21.54 -18.05
CA VAL B 209 -6.42 20.65 -19.21
C VAL B 209 -6.57 21.41 -20.53
N VAL B 210 -5.74 21.07 -21.51
CA VAL B 210 -6.02 21.45 -22.89
C VAL B 210 -6.13 20.16 -23.68
N ALA B 211 -7.31 19.90 -24.22
CA ALA B 211 -7.62 18.59 -24.79
C ALA B 211 -8.05 18.68 -26.26
N LYS B 212 -7.52 17.77 -27.08
CA LYS B 212 -7.74 17.78 -28.52
C LYS B 212 -8.29 16.41 -28.94
N PRO B 213 -9.61 16.32 -29.19
CA PRO B 213 -10.19 15.03 -29.58
C PRO B 213 -9.96 14.77 -31.06
N SER B 214 -10.15 13.53 -31.50
CA SER B 214 -9.96 13.20 -32.91
C SER B 214 -10.86 14.04 -33.82
N GLU B 215 -10.29 14.48 -34.93
CA GLU B 215 -11.04 15.21 -35.95
C GLU B 215 -12.20 14.36 -36.47
N GLU B 216 -12.07 13.05 -36.36
CA GLU B 216 -13.13 12.14 -36.78
C GLU B 216 -14.26 12.09 -35.76
N SER B 217 -14.02 12.42 -34.51
CA SER B 217 -15.11 12.25 -33.55
C SER B 217 -15.14 13.38 -32.54
N PRO B 218 -15.49 14.59 -33.00
CA PRO B 218 -15.40 15.77 -32.13
C PRO B 218 -16.65 16.04 -31.30
N SER B 219 -17.75 15.34 -31.55
CA SER B 219 -19.04 15.75 -30.97
C SER B 219 -19.17 15.59 -29.45
N SER B 220 -18.91 14.39 -28.94
CA SER B 220 -19.14 14.15 -27.51
C SER B 220 -18.21 14.99 -26.65
N ALA B 221 -17.00 15.25 -27.13
CA ALA B 221 -16.08 16.12 -26.40
C ALA B 221 -16.64 17.55 -26.30
N THR B 222 -17.28 18.02 -27.36
CA THR B 222 -17.87 19.36 -27.38
C THR B 222 -19.06 19.45 -26.42
N LEU B 223 -19.87 18.39 -26.39
CA LEU B 223 -20.94 18.28 -25.40
C LEU B 223 -20.37 18.27 -23.98
N LEU B 224 -19.26 17.57 -23.78
CA LEU B 224 -18.62 17.54 -22.47
C LEU B 224 -18.22 18.95 -22.02
N ALA B 225 -17.74 19.77 -22.96
CA ALA B 225 -17.42 21.17 -22.66
C ALA B 225 -18.64 21.93 -22.13
N GLU B 226 -19.79 21.66 -22.73
CA GLU B 226 -21.07 22.23 -22.28
C GLU B 226 -21.40 21.78 -20.86
N VAL B 227 -21.16 20.50 -20.59
CA VAL B 227 -21.42 19.97 -19.25
C VAL B 227 -20.56 20.66 -18.20
N MET B 228 -19.27 20.80 -18.51
CA MET B 228 -18.32 21.46 -17.61
C MET B 228 -18.75 22.89 -17.34
N HIS B 229 -19.13 23.60 -18.42
CA HIS B 229 -19.56 24.99 -18.31
C HIS B 229 -20.77 25.11 -17.40
N ASP B 230 -21.75 24.23 -17.60
CA ASP B 230 -22.97 24.27 -16.81
C ASP B 230 -22.77 23.81 -15.36
N ALA B 231 -21.71 23.06 -15.11
CA ALA B 231 -21.43 22.58 -13.75
C ALA B 231 -20.70 23.65 -12.94
N GLY B 232 -20.24 24.68 -13.64
CA GLY B 232 -19.52 25.76 -12.98
C GLY B 232 -18.03 25.53 -12.85
N VAL B 233 -17.49 24.64 -13.67
CA VAL B 233 -16.04 24.45 -13.71
C VAL B 233 -15.41 25.78 -14.08
N PRO B 234 -14.47 26.29 -13.25
CA PRO B 234 -13.92 27.62 -13.50
C PRO B 234 -13.25 27.74 -14.86
N PRO B 235 -13.31 28.95 -15.45
CA PRO B 235 -12.73 29.23 -16.76
C PRO B 235 -11.25 28.91 -16.79
N GLY B 236 -10.82 28.23 -17.85
CA GLY B 236 -9.42 27.89 -18.04
C GLY B 236 -9.05 26.50 -17.55
N VAL B 237 -9.91 25.90 -16.72
CA VAL B 237 -9.61 24.59 -16.13
C VAL B 237 -9.70 23.46 -17.15
N PHE B 238 -10.74 23.51 -17.96
CA PHE B 238 -10.90 22.59 -19.08
C PHE B 238 -10.98 23.40 -20.37
N ASN B 239 -10.08 23.12 -21.29
CA ASN B 239 -10.09 23.78 -22.59
C ASN B 239 -10.13 22.74 -23.69
N LEU B 240 -11.03 22.93 -24.63
CA LEU B 240 -11.19 22.04 -25.77
C LEU B 240 -10.75 22.75 -27.04
N ILE B 241 -9.80 22.13 -27.75
CA ILE B 241 -9.33 22.64 -29.04
C ILE B 241 -9.57 21.56 -30.09
N HIS B 242 -10.07 21.97 -31.26
CA HIS B 242 -10.35 21.03 -32.35
C HIS B 242 -9.33 21.12 -33.46
N GLY B 243 -9.14 20.04 -34.19
CA GLY B 243 -8.27 20.06 -35.35
C GLY B 243 -7.58 18.73 -35.62
N PHE B 244 -6.49 18.81 -36.37
CA PHE B 244 -5.78 17.62 -36.81
C PHE B 244 -4.47 17.50 -36.06
N GLY B 245 -3.50 16.80 -36.64
CA GLY B 245 -2.21 16.61 -36.00
C GLY B 245 -1.14 17.55 -36.52
N LYS B 246 -0.36 17.09 -37.49
CA LYS B 246 0.70 17.89 -38.09
C LYS B 246 0.17 19.23 -38.61
N ASP B 247 0.92 20.31 -38.38
CA ASP B 247 0.51 21.66 -38.80
C ASP B 247 -0.87 22.06 -38.32
N SER B 248 -1.31 21.47 -37.21
CA SER B 248 -2.63 21.79 -36.69
C SER B 248 -2.63 21.70 -35.17
N ALA B 249 -3.82 21.77 -34.58
CA ALA B 249 -4.00 21.88 -33.14
C ALA B 249 -3.20 20.85 -32.34
N GLY B 250 -3.20 19.61 -32.81
CA GLY B 250 -2.51 18.53 -32.11
C GLY B 250 -1.01 18.75 -31.99
N GLU B 251 -0.38 19.06 -33.12
CA GLU B 251 1.04 19.37 -33.11
C GLU B 251 1.34 20.62 -32.29
N PHE B 252 0.55 21.68 -32.46
CA PHE B 252 0.78 22.92 -31.73
C PHE B 252 0.76 22.68 -30.22
N LEU B 253 -0.15 21.83 -29.76
CA LEU B 253 -0.23 21.48 -28.35
C LEU B 253 1.05 20.80 -27.86
N THR B 254 1.54 19.84 -28.64
CA THR B 254 2.71 19.09 -28.20
C THR B 254 3.96 19.96 -28.19
N GLN B 255 3.96 21.04 -28.98
CA GLN B 255 5.13 21.92 -29.08
C GLN B 255 5.10 23.08 -28.09
N HIS B 256 4.00 23.21 -27.38
CA HIS B 256 3.85 24.35 -26.48
C HIS B 256 4.63 24.11 -25.19
N PRO B 257 5.52 25.06 -24.84
CA PRO B 257 6.38 24.91 -23.66
C PRO B 257 5.61 25.07 -22.34
N GLY B 258 4.36 25.52 -22.43
CA GLY B 258 3.55 25.76 -21.25
C GLY B 258 2.83 24.54 -20.68
N ILE B 259 2.87 23.43 -21.39
CA ILE B 259 2.26 22.21 -20.85
C ILE B 259 3.24 21.50 -19.92
N SER B 260 2.71 20.65 -19.05
CA SER B 260 3.55 19.90 -18.13
C SER B 260 3.62 18.42 -18.50
N ALA B 261 2.63 17.95 -19.26
CA ALA B 261 2.66 16.58 -19.71
C ALA B 261 1.82 16.41 -20.96
N LEU B 262 2.08 15.32 -21.67
CA LEU B 262 1.27 14.96 -22.83
C LEU B 262 0.86 13.51 -22.66
N THR B 263 -0.45 13.25 -22.53
CA THR B 263 -0.93 11.88 -22.50
C THR B 263 -1.70 11.63 -23.80
N PHE B 264 -1.52 10.46 -24.39
CA PHE B 264 -1.93 10.21 -25.77
C PHE B 264 -2.28 8.76 -26.00
N THR B 265 -3.33 8.50 -26.77
CA THR B 265 -3.67 7.15 -27.20
C THR B 265 -3.89 7.25 -28.70
N GLY B 266 -3.35 6.31 -29.45
CA GLY B 266 -3.47 6.35 -30.90
C GLY B 266 -2.42 5.46 -31.55
N GLU B 267 -1.98 5.84 -32.75
CA GLU B 267 -1.04 5.02 -33.51
C GLU B 267 0.39 5.08 -32.92
N SER B 268 1.10 3.96 -32.98
CA SER B 268 2.47 3.91 -32.45
C SER B 268 3.41 4.96 -33.05
N LYS B 269 3.38 5.09 -34.38
CA LYS B 269 4.24 6.06 -35.05
C LYS B 269 3.98 7.48 -34.55
N THR B 270 2.73 7.78 -34.23
CA THR B 270 2.37 9.10 -33.72
C THR B 270 2.91 9.32 -32.31
N GLY B 271 2.85 8.27 -31.49
CA GLY B 271 3.46 8.33 -30.16
C GLY B 271 4.94 8.68 -30.26
N SER B 272 5.63 8.06 -31.21
CA SER B 272 7.05 8.33 -31.41
C SER B 272 7.28 9.79 -31.79
N THR B 273 6.45 10.28 -32.70
CA THR B 273 6.53 11.67 -33.13
C THR B 273 6.31 12.64 -31.96
N ILE B 274 5.31 12.33 -31.16
CA ILE B 274 4.99 13.16 -29.99
C ILE B 274 6.12 13.13 -28.95
N MET B 275 6.70 11.95 -28.76
CA MET B 275 7.79 11.80 -27.79
C MET B 275 8.97 12.69 -28.19
N LYS B 276 9.23 12.78 -29.49
CA LYS B 276 10.26 13.69 -29.98
C LYS B 276 9.85 15.15 -29.83
N ALA B 277 8.57 15.44 -30.07
CA ALA B 277 8.09 16.81 -30.00
C ALA B 277 8.21 17.44 -28.61
N VAL B 278 8.05 16.63 -27.57
CA VAL B 278 8.08 17.16 -26.20
C VAL B 278 9.46 17.02 -25.54
N ALA B 279 10.40 16.43 -26.26
CA ALA B 279 11.69 16.06 -25.67
C ALA B 279 12.48 17.25 -25.18
N ASP B 280 12.44 18.35 -25.92
CA ASP B 280 13.21 19.54 -25.55
C ASP B 280 12.75 20.14 -24.22
N GLY B 281 11.50 19.90 -23.85
CA GLY B 281 10.97 20.39 -22.60
C GLY B 281 10.99 19.33 -21.51
N VAL B 282 11.43 18.13 -21.86
CA VAL B 282 11.43 16.97 -20.96
C VAL B 282 10.06 16.78 -20.31
N LYS B 283 9.00 16.85 -21.11
CA LYS B 283 7.65 16.75 -20.57
C LYS B 283 7.35 15.30 -20.16
N GLU B 284 6.55 15.13 -19.10
CA GLU B 284 6.14 13.78 -18.72
C GLU B 284 5.24 13.25 -19.83
N VAL B 285 5.36 11.97 -20.15
CA VAL B 285 4.57 11.38 -21.22
C VAL B 285 3.95 10.05 -20.80
N SER B 286 2.78 9.77 -21.36
CA SER B 286 2.09 8.52 -21.13
C SER B 286 1.42 8.12 -22.45
N PHE B 287 1.73 6.93 -22.95
CA PHE B 287 1.30 6.49 -24.28
C PHE B 287 0.66 5.10 -24.25
N GLU B 288 -0.49 4.97 -24.89
CA GLU B 288 -1.03 3.65 -25.21
C GLU B 288 -1.19 3.64 -26.72
N LEU B 289 -0.58 2.65 -27.37
CA LEU B 289 -0.29 2.76 -28.80
C LEU B 289 -0.78 1.59 -29.66
N GLY B 290 -1.85 0.93 -29.24
CA GLY B 290 -2.40 -0.14 -30.06
C GLY B 290 -1.47 -1.34 -30.17
N GLY B 291 -1.75 -2.24 -31.11
CA GLY B 291 -0.93 -3.45 -31.18
C GLY B 291 -1.36 -4.41 -32.25
N LYS B 292 -0.91 -5.66 -32.10
CA LYS B 292 -1.32 -6.75 -32.99
C LYS B 292 -1.61 -7.94 -32.08
N ASN B 293 -2.74 -7.87 -31.39
CA ASN B 293 -3.00 -8.79 -30.29
C ASN B 293 -3.43 -10.18 -30.70
N ALA B 294 -3.03 -11.16 -29.91
CA ALA B 294 -3.38 -12.55 -30.15
C ALA B 294 -4.44 -13.03 -29.18
N ALA B 295 -5.34 -13.88 -29.68
CA ALA B 295 -6.14 -14.73 -28.81
C ALA B 295 -5.55 -16.13 -28.93
N VAL B 296 -5.55 -16.88 -27.83
CA VAL B 296 -5.07 -18.26 -27.86
C VAL B 296 -6.14 -19.19 -27.34
N VAL B 297 -6.49 -20.21 -28.12
CA VAL B 297 -7.50 -21.17 -27.70
C VAL B 297 -6.88 -22.54 -27.51
N PHE B 298 -6.73 -22.96 -26.25
CA PHE B 298 -6.12 -24.24 -25.95
C PHE B 298 -7.12 -25.36 -26.14
N ALA B 299 -6.64 -26.59 -26.31
CA ALA B 299 -7.51 -27.74 -26.54
C ALA B 299 -8.51 -27.94 -25.42
N ASP B 300 -8.15 -27.52 -24.19
CA ASP B 300 -9.05 -27.70 -23.05
C ASP B 300 -10.02 -26.52 -22.84
N ALA B 301 -10.09 -25.60 -23.81
CA ALA B 301 -11.03 -24.48 -23.70
C ALA B 301 -12.47 -24.98 -23.80
N ASP B 302 -13.38 -24.25 -23.17
CA ASP B 302 -14.81 -24.39 -23.46
C ASP B 302 -14.95 -23.86 -24.88
N LEU B 303 -15.17 -24.76 -25.84
CA LEU B 303 -15.08 -24.37 -27.25
C LEU B 303 -16.14 -23.34 -27.69
N ASP B 304 -17.39 -23.55 -27.29
CA ASP B 304 -18.45 -22.60 -27.63
C ASP B 304 -18.19 -21.22 -27.04
N ALA B 305 -17.75 -21.20 -25.79
CA ALA B 305 -17.39 -19.94 -25.13
C ALA B 305 -16.22 -19.26 -25.85
N ALA B 306 -15.24 -20.05 -26.28
CA ALA B 306 -14.07 -19.48 -26.97
C ALA B 306 -14.44 -18.92 -28.34
N ILE B 307 -15.32 -19.62 -29.05
CA ILE B 307 -15.81 -19.11 -30.34
C ILE B 307 -16.52 -17.77 -30.15
N GLU B 308 -17.42 -17.71 -29.17
CA GLU B 308 -18.12 -16.47 -28.84
C GLU B 308 -17.14 -15.39 -28.40
N GLY B 309 -16.15 -15.80 -27.60
CA GLY B 309 -15.16 -14.87 -27.07
C GLY B 309 -14.33 -14.23 -28.16
N VAL B 310 -13.86 -15.05 -29.10
CA VAL B 310 -13.03 -14.56 -30.21
C VAL B 310 -13.86 -13.77 -31.21
N LEU B 311 -15.14 -14.14 -31.38
CA LEU B 311 -16.05 -13.30 -32.16
C LEU B 311 -16.07 -11.89 -31.56
N ARG B 312 -16.20 -11.81 -30.24
CA ARG B 312 -16.24 -10.51 -29.60
C ARG B 312 -14.91 -9.77 -29.74
N SER B 313 -13.82 -10.47 -29.49
CA SER B 313 -12.51 -9.82 -29.45
C SER B 313 -12.03 -9.40 -30.83
N SER B 314 -12.57 -10.01 -31.89
CA SER B 314 -12.14 -9.65 -33.24
C SER B 314 -13.03 -8.60 -33.90
N PHE B 315 -14.31 -8.58 -33.53
CA PHE B 315 -15.28 -7.80 -34.30
C PHE B 315 -16.01 -6.71 -33.52
N THR B 316 -15.79 -6.61 -32.21
CA THR B 316 -16.36 -5.52 -31.42
C THR B 316 -15.93 -4.16 -31.98
N ASN B 317 -16.88 -3.22 -32.07
CA ASN B 317 -16.65 -1.91 -32.69
C ASN B 317 -16.08 -2.06 -34.11
N SER B 318 -16.56 -3.09 -34.80
CA SER B 318 -16.05 -3.44 -36.13
C SER B 318 -14.53 -3.57 -36.13
N GLY B 319 -14.00 -4.21 -35.09
CA GLY B 319 -12.57 -4.45 -34.95
C GLY B 319 -11.72 -3.22 -34.70
N GLN B 320 -12.38 -2.09 -34.43
CA GLN B 320 -11.70 -0.82 -34.23
C GLN B 320 -11.47 -0.56 -32.74
N VAL B 321 -10.77 -1.48 -32.08
CA VAL B 321 -10.31 -1.25 -30.72
C VAL B 321 -8.84 -1.67 -30.68
N CYS B 322 -8.00 -0.90 -29.97
CA CYS B 322 -6.59 -1.23 -29.83
C CYS B 322 -6.38 -2.66 -29.30
N LEU B 323 -7.34 -3.12 -28.51
CA LEU B 323 -7.27 -4.41 -27.82
C LEU B 323 -7.79 -5.59 -28.61
N CYS B 324 -8.37 -5.35 -29.78
CA CYS B 324 -8.93 -6.46 -30.58
C CYS B 324 -7.90 -7.52 -30.98
N SER B 325 -8.34 -8.76 -31.10
CA SER B 325 -7.47 -9.86 -31.54
C SER B 325 -7.42 -9.96 -33.06
N GLU B 326 -6.29 -9.61 -33.67
CA GLU B 326 -6.15 -9.80 -35.11
C GLU B 326 -5.37 -11.06 -35.44
N ARG B 327 -4.77 -11.66 -34.41
CA ARG B 327 -4.10 -12.96 -34.54
C ARG B 327 -4.81 -13.96 -33.63
N VAL B 328 -5.07 -15.16 -34.12
CA VAL B 328 -5.65 -16.18 -33.26
C VAL B 328 -4.87 -17.48 -33.41
N TYR B 329 -4.56 -18.13 -32.30
CA TYR B 329 -3.85 -19.40 -32.32
C TYR B 329 -4.75 -20.43 -31.65
N VAL B 330 -4.98 -21.53 -32.35
CA VAL B 330 -5.92 -22.55 -31.90
C VAL B 330 -5.24 -23.89 -31.96
N HIS B 331 -5.37 -24.69 -30.91
CA HIS B 331 -4.66 -25.96 -30.91
C HIS B 331 -5.09 -26.80 -32.11
N ARG B 332 -4.11 -27.49 -32.71
CA ARG B 332 -4.34 -28.27 -33.92
C ARG B 332 -5.53 -29.22 -33.78
N SER B 333 -5.66 -29.84 -32.61
CA SER B 333 -6.71 -30.82 -32.34
C SER B 333 -8.14 -30.28 -32.45
N ILE B 334 -8.31 -28.97 -32.23
CA ILE B 334 -9.64 -28.38 -32.34
C ILE B 334 -9.71 -27.29 -33.41
N PHE B 335 -8.67 -27.20 -34.24
CA PHE B 335 -8.55 -26.11 -35.19
C PHE B 335 -9.70 -26.06 -36.20
N ASP B 336 -9.98 -27.19 -36.84
CA ASP B 336 -11.03 -27.24 -37.86
C ASP B 336 -12.40 -26.92 -37.28
N GLU B 337 -12.68 -27.48 -36.10
CA GLU B 337 -13.97 -27.27 -35.47
C GLU B 337 -14.12 -25.81 -35.05
N PHE B 338 -13.02 -25.21 -34.59
CA PHE B 338 -13.06 -23.83 -34.16
C PHE B 338 -13.32 -22.91 -35.35
N VAL B 339 -12.59 -23.13 -36.44
CA VAL B 339 -12.68 -22.24 -37.59
C VAL B 339 -14.08 -22.30 -38.24
N SER B 340 -14.64 -23.51 -38.34
CA SER B 340 -15.99 -23.68 -38.89
C SER B 340 -17.02 -22.98 -38.02
N GLY B 341 -16.87 -23.14 -36.71
CA GLY B 341 -17.77 -22.54 -35.75
C GLY B 341 -17.73 -21.03 -35.79
N LEU B 342 -16.52 -20.48 -35.88
CA LEU B 342 -16.36 -19.04 -35.94
C LEU B 342 -16.90 -18.51 -37.27
N LYS B 343 -16.69 -19.25 -38.36
CA LYS B 343 -17.21 -18.83 -39.66
C LYS B 343 -18.73 -18.64 -39.62
N VAL B 344 -19.42 -19.62 -39.05
CA VAL B 344 -20.87 -19.56 -38.94
C VAL B 344 -21.33 -18.38 -38.10
N GLU B 345 -20.70 -18.21 -36.93
CA GLU B 345 -21.08 -17.11 -36.05
C GLU B 345 -20.75 -15.75 -36.66
N ALA B 346 -19.66 -15.66 -37.40
CA ALA B 346 -19.31 -14.40 -38.05
C ALA B 346 -20.34 -14.07 -39.12
N GLU B 347 -20.77 -15.09 -39.84
CA GLU B 347 -21.75 -14.89 -40.90
C GLU B 347 -23.17 -14.57 -40.37
N ARG B 348 -23.40 -14.83 -39.09
CA ARG B 348 -24.68 -14.44 -38.47
C ARG B 348 -24.64 -13.01 -37.94
N LEU B 349 -23.47 -12.39 -37.91
CA LEU B 349 -23.36 -11.03 -37.44
C LEU B 349 -24.18 -10.09 -38.32
N VAL B 350 -24.96 -9.23 -37.70
CA VAL B 350 -25.74 -8.24 -38.43
C VAL B 350 -24.92 -6.95 -38.60
N VAL B 351 -24.69 -6.58 -39.85
CA VAL B 351 -23.94 -5.36 -40.19
C VAL B 351 -24.90 -4.33 -40.76
N GLY B 352 -25.02 -3.16 -40.14
CA GLY B 352 -25.99 -2.19 -40.61
C GLY B 352 -26.12 -0.91 -39.79
N TYR B 353 -27.36 -0.46 -39.62
CA TYR B 353 -27.63 0.83 -38.98
C TYR B 353 -27.38 0.74 -37.48
N PRO B 354 -26.87 1.83 -36.88
CA PRO B 354 -26.57 1.86 -35.44
C PRO B 354 -27.75 1.45 -34.56
N ASP B 355 -28.97 1.82 -34.96
CA ASP B 355 -30.14 1.41 -34.18
C ASP B 355 -30.98 0.30 -34.80
N GLN B 356 -30.38 -0.43 -35.74
CA GLN B 356 -31.06 -1.52 -36.45
C GLN B 356 -31.30 -2.72 -35.54
N ASP B 357 -32.38 -3.47 -35.81
CA ASP B 357 -32.78 -4.60 -34.98
C ASP B 357 -31.69 -5.65 -34.87
N GLY B 358 -31.08 -5.71 -33.68
CA GLY B 358 -30.06 -6.70 -33.43
C GLY B 358 -28.80 -6.49 -34.25
N VAL B 359 -28.45 -5.24 -34.52
CA VAL B 359 -27.21 -4.96 -35.22
C VAL B 359 -26.01 -5.33 -34.35
N ASN B 360 -24.96 -5.87 -34.98
CA ASN B 360 -23.73 -6.19 -34.27
C ASN B 360 -22.58 -5.27 -34.65
N MET B 361 -22.58 -4.84 -35.90
CA MET B 361 -21.49 -4.03 -36.45
C MET B 361 -22.02 -2.87 -37.25
N GLY B 362 -21.48 -1.68 -36.98
CA GLY B 362 -21.72 -0.52 -37.82
C GLY B 362 -20.59 -0.45 -38.84
N PRO B 363 -20.43 0.70 -39.49
CA PRO B 363 -19.37 0.87 -40.50
C PRO B 363 -18.03 1.12 -39.81
N LEU B 364 -17.00 1.32 -40.61
CA LEU B 364 -15.73 1.83 -40.10
C LEU B 364 -15.87 3.32 -39.87
N ILE B 365 -14.86 3.92 -39.22
CA ILE B 365 -14.95 5.33 -38.84
C ILE B 365 -15.07 6.28 -40.03
N SER B 366 -14.48 5.91 -41.17
CA SER B 366 -14.36 6.83 -42.30
C SER B 366 -14.04 6.09 -43.61
N HIS B 367 -14.28 6.74 -44.74
CA HIS B 367 -13.92 6.14 -46.02
C HIS B 367 -12.41 5.98 -46.13
N GLY B 368 -11.68 6.95 -45.59
CA GLY B 368 -10.23 6.91 -45.55
C GLY B 368 -9.73 5.68 -44.79
N HIS B 369 -10.32 5.40 -43.64
CA HIS B 369 -9.94 4.19 -42.90
C HIS B 369 -10.33 2.94 -43.69
N ARG B 370 -11.49 2.95 -44.32
CA ARG B 370 -11.89 1.80 -45.13
C ARG B 370 -10.88 1.52 -46.25
N ASP B 371 -10.39 2.57 -46.89
CA ASP B 371 -9.33 2.43 -47.89
C ASP B 371 -8.15 1.63 -47.33
N LYS B 372 -7.69 2.01 -46.14
CA LYS B 372 -6.63 1.26 -45.46
C LYS B 372 -7.00 -0.20 -45.23
N VAL B 373 -8.19 -0.44 -44.68
CA VAL B 373 -8.60 -1.79 -44.33
C VAL B 373 -8.76 -2.67 -45.56
N LEU B 374 -9.37 -2.12 -46.61
CA LEU B 374 -9.55 -2.85 -47.86
C LEU B 374 -8.23 -3.13 -48.55
N SER B 375 -7.28 -2.21 -48.40
CA SER B 375 -5.92 -2.42 -48.91
C SER B 375 -5.29 -3.64 -48.24
N TYR B 376 -5.51 -3.80 -46.94
CA TYR B 376 -5.05 -5.01 -46.25
C TYR B 376 -5.81 -6.27 -46.69
N TYR B 377 -7.11 -6.14 -46.94
CA TYR B 377 -7.89 -7.27 -47.45
C TYR B 377 -7.28 -7.80 -48.76
N ARG B 378 -6.94 -6.90 -49.67
CA ARG B 378 -6.24 -7.28 -50.91
C ARG B 378 -4.89 -7.90 -50.65
N LEU B 379 -4.11 -7.27 -49.77
CA LEU B 379 -2.78 -7.76 -49.45
C LEU B 379 -2.82 -9.18 -48.90
N ALA B 380 -3.83 -9.50 -48.09
CA ALA B 380 -3.93 -10.83 -47.51
C ALA B 380 -4.05 -11.88 -48.60
N VAL B 381 -4.91 -11.59 -49.58
CA VAL B 381 -5.06 -12.45 -50.74
C VAL B 381 -3.73 -12.60 -51.49
N ASP B 382 -3.06 -11.48 -51.73
CA ASP B 382 -1.75 -11.49 -52.38
C ASP B 382 -0.71 -12.29 -51.58
N GLU B 383 -0.82 -12.25 -50.26
CA GLU B 383 0.10 -13.01 -49.42
C GLU B 383 -0.26 -14.49 -49.34
N GLY B 384 -1.34 -14.88 -50.01
CA GLY B 384 -1.69 -16.29 -50.11
C GLY B 384 -2.70 -16.78 -49.08
N ALA B 385 -3.45 -15.87 -48.49
CA ALA B 385 -4.43 -16.26 -47.48
C ALA B 385 -5.65 -16.94 -48.08
N THR B 386 -6.23 -17.86 -47.32
CA THR B 386 -7.55 -18.37 -47.60
C THR B 386 -8.54 -17.45 -46.89
N VAL B 387 -9.51 -16.93 -47.64
CA VAL B 387 -10.56 -16.08 -47.07
C VAL B 387 -11.68 -16.98 -46.59
N VAL B 388 -11.71 -17.24 -45.29
CA VAL B 388 -12.71 -18.12 -44.69
C VAL B 388 -14.10 -17.49 -44.78
N THR B 389 -14.19 -16.19 -44.52
CA THR B 389 -15.41 -15.42 -44.69
C THR B 389 -15.05 -13.97 -44.85
N GLY B 390 -15.96 -13.20 -45.43
CA GLY B 390 -15.78 -11.76 -45.61
C GLY B 390 -14.83 -11.43 -46.74
N GLY B 391 -13.99 -10.42 -46.53
CA GLY B 391 -12.98 -10.05 -47.52
C GLY B 391 -13.42 -8.97 -48.48
N GLY B 392 -14.61 -8.41 -48.26
CA GLY B 392 -15.13 -7.40 -49.14
C GLY B 392 -16.02 -6.40 -48.41
N VAL B 393 -16.92 -5.77 -49.16
CA VAL B 393 -17.88 -4.86 -48.53
C VAL B 393 -19.32 -5.27 -48.84
N PRO B 394 -20.20 -5.20 -47.84
CA PRO B 394 -21.58 -5.65 -48.04
C PRO B 394 -22.31 -4.75 -49.05
N LYS B 395 -23.32 -5.32 -49.69
CA LYS B 395 -24.16 -4.56 -50.62
C LYS B 395 -25.54 -4.39 -49.99
N PHE B 396 -25.89 -3.15 -49.68
CA PHE B 396 -27.12 -2.85 -48.93
C PHE B 396 -28.24 -2.39 -49.85
N ASN B 397 -27.86 -1.81 -50.98
CA ASN B 397 -28.80 -1.17 -51.88
C ASN B 397 -29.63 -0.08 -51.22
N ASP B 398 -29.01 0.67 -50.32
CA ASP B 398 -29.58 1.91 -49.82
C ASP B 398 -28.45 2.88 -49.45
N GLU B 399 -28.78 3.91 -48.69
CA GLU B 399 -27.82 4.96 -48.32
C GLU B 399 -26.55 4.44 -47.65
N ARG B 400 -26.61 3.24 -47.08
CA ARG B 400 -25.43 2.67 -46.42
C ARG B 400 -24.32 2.39 -47.43
N ASP B 401 -24.68 2.29 -48.72
CA ASP B 401 -23.67 2.10 -49.75
C ASP B 401 -22.79 3.34 -49.95
N GLN B 402 -23.25 4.48 -49.45
CA GLN B 402 -22.45 5.69 -49.50
C GLN B 402 -21.62 5.83 -48.23
N GLY B 403 -21.71 4.81 -47.38
CA GLY B 403 -21.02 4.80 -46.11
C GLY B 403 -19.67 4.10 -46.18
N ALA B 404 -19.11 3.78 -45.02
CA ALA B 404 -17.78 3.18 -44.95
C ALA B 404 -17.80 1.76 -44.37
N TYR B 405 -18.72 0.93 -44.83
CA TYR B 405 -18.86 -0.44 -44.32
C TYR B 405 -17.90 -1.45 -44.93
N VAL B 406 -17.50 -2.43 -44.12
CA VAL B 406 -16.81 -3.61 -44.60
C VAL B 406 -17.36 -4.85 -43.90
N GLN B 407 -17.06 -6.02 -44.46
CA GLN B 407 -17.48 -7.29 -43.90
C GLN B 407 -16.50 -7.79 -42.85
N PRO B 408 -17.01 -8.42 -41.78
CA PRO B 408 -16.14 -9.12 -40.84
C PRO B 408 -15.44 -10.25 -41.58
N THR B 409 -14.13 -10.37 -41.36
CA THR B 409 -13.30 -11.22 -42.19
C THR B 409 -12.41 -12.16 -41.37
N ILE B 410 -12.28 -13.40 -41.84
CA ILE B 410 -11.42 -14.39 -41.22
C ILE B 410 -10.47 -14.96 -42.25
N TRP B 411 -9.18 -14.96 -41.94
CA TRP B 411 -8.17 -15.59 -42.80
C TRP B 411 -7.50 -16.80 -42.16
N THR B 412 -7.02 -17.71 -43.00
CA THR B 412 -6.14 -18.80 -42.56
C THR B 412 -5.07 -18.97 -43.63
N GLY B 413 -4.04 -19.76 -43.31
CA GLY B 413 -3.00 -20.08 -44.28
C GLY B 413 -1.81 -19.14 -44.41
N LEU B 414 -1.74 -18.11 -43.58
CA LEU B 414 -0.59 -17.18 -43.62
C LEU B 414 0.53 -17.58 -42.66
N SER B 415 1.76 -17.24 -43.06
CA SER B 415 2.94 -17.40 -42.21
C SER B 415 2.89 -16.40 -41.05
N ASP B 416 3.57 -16.73 -39.96
CA ASP B 416 3.72 -15.83 -38.81
C ASP B 416 4.41 -14.52 -39.19
N LYS B 417 5.10 -14.52 -40.34
CA LYS B 417 5.83 -13.32 -40.78
C LYS B 417 5.11 -12.50 -41.85
N ALA B 418 3.95 -12.96 -42.29
CA ALA B 418 3.17 -12.18 -43.27
C ALA B 418 2.80 -10.79 -42.72
N ARG B 419 2.77 -9.80 -43.59
CA ARG B 419 2.39 -8.45 -43.19
C ARG B 419 1.02 -8.40 -42.51
N CYS B 420 0.07 -9.18 -43.00
CA CYS B 420 -1.29 -9.14 -42.48
C CYS B 420 -1.41 -9.77 -41.10
N VAL B 421 -0.33 -10.43 -40.69
CA VAL B 421 -0.29 -11.07 -39.39
C VAL B 421 0.57 -10.26 -38.41
N THR B 422 1.35 -9.32 -38.94
CA THR B 422 2.27 -8.55 -38.11
C THR B 422 1.96 -7.05 -38.02
N GLU B 423 1.15 -6.52 -38.93
CA GLU B 423 0.84 -5.09 -38.94
C GLU B 423 -0.60 -4.84 -38.47
N GLU B 424 -0.78 -3.83 -37.62
CA GLU B 424 -2.11 -3.48 -37.12
C GLU B 424 -3.01 -2.98 -38.25
N ILE B 425 -4.14 -3.66 -38.46
CA ILE B 425 -5.09 -3.28 -39.51
C ILE B 425 -6.18 -2.36 -38.96
N PHE B 426 -6.65 -2.65 -37.75
CA PHE B 426 -7.68 -1.85 -37.08
C PHE B 426 -9.03 -1.96 -37.80
N GLY B 427 -9.30 -3.16 -38.29
CA GLY B 427 -10.59 -3.47 -38.88
C GLY B 427 -11.11 -4.77 -38.30
N PRO B 428 -12.27 -5.23 -38.78
CA PRO B 428 -12.91 -6.42 -38.22
C PRO B 428 -12.36 -7.68 -38.86
N VAL B 429 -11.15 -8.05 -38.47
CA VAL B 429 -10.47 -9.14 -39.11
C VAL B 429 -9.65 -9.94 -38.10
N CYS B 430 -9.48 -11.22 -38.37
CA CYS B 430 -8.52 -12.03 -37.64
C CYS B 430 -8.00 -13.13 -38.55
N HIS B 431 -6.74 -13.47 -38.33
CA HIS B 431 -6.14 -14.64 -38.97
C HIS B 431 -6.03 -15.73 -37.92
N ILE B 432 -6.33 -16.96 -38.30
CA ILE B 432 -6.28 -18.09 -37.37
C ILE B 432 -5.25 -19.11 -37.84
N SER B 433 -4.42 -19.55 -36.90
CA SER B 433 -3.33 -20.47 -37.20
C SER B 433 -3.29 -21.58 -36.16
N PRO B 434 -2.99 -22.81 -36.58
CA PRO B 434 -2.89 -23.89 -35.61
C PRO B 434 -1.58 -23.84 -34.82
N PHE B 435 -1.58 -24.42 -33.63
CA PHE B 435 -0.33 -24.64 -32.91
C PHE B 435 -0.39 -26.00 -32.24
N ASP B 436 0.77 -26.48 -31.76
CA ASP B 436 0.84 -27.82 -31.20
C ASP B 436 1.21 -27.84 -29.73
N ASP B 437 2.10 -26.93 -29.33
CA ASP B 437 2.72 -27.00 -28.02
C ASP B 437 2.53 -25.69 -27.26
N GLU B 438 2.40 -25.77 -25.94
CA GLU B 438 2.21 -24.56 -25.13
C GLU B 438 3.40 -23.59 -25.23
N ASP B 439 4.61 -24.10 -25.04
CA ASP B 439 5.77 -23.21 -25.10
C ASP B 439 5.90 -22.59 -26.47
N GLU B 440 5.62 -23.38 -27.50
CA GLU B 440 5.61 -22.91 -28.88
C GLU B 440 4.65 -21.72 -29.05
N VAL B 441 3.42 -21.86 -28.59
CA VAL B 441 2.46 -20.79 -28.82
C VAL B 441 2.82 -19.52 -28.04
N ILE B 442 3.38 -19.66 -26.83
CA ILE B 442 3.83 -18.51 -26.05
C ILE B 442 4.86 -17.75 -26.87
N ASN B 443 5.83 -18.47 -27.42
CA ASN B 443 6.85 -17.83 -28.26
C ASN B 443 6.26 -17.13 -29.47
N ARG B 444 5.28 -17.76 -30.11
CA ARG B 444 4.63 -17.14 -31.28
C ARG B 444 3.81 -15.89 -30.95
N VAL B 445 3.11 -15.91 -29.82
CA VAL B 445 2.40 -14.72 -29.37
C VAL B 445 3.38 -13.57 -29.11
N ASN B 446 4.50 -13.89 -28.47
CA ASN B 446 5.48 -12.87 -28.07
C ASN B 446 6.34 -12.37 -29.21
N ASP B 447 6.32 -13.09 -30.32
CA ASP B 447 7.14 -12.76 -31.49
C ASP B 447 6.48 -11.62 -32.25
N SER B 448 6.61 -10.42 -31.70
CA SER B 448 5.88 -9.26 -32.19
C SER B 448 6.58 -8.01 -31.69
N ASN B 449 6.54 -6.94 -32.49
CA ASN B 449 7.05 -5.64 -32.05
C ASN B 449 6.03 -4.93 -31.18
N TYR B 450 4.83 -5.49 -31.11
CA TYR B 450 3.77 -4.95 -30.25
C TYR B 450 3.64 -5.79 -28.99
N GLY B 451 2.82 -5.32 -28.05
CA GLY B 451 2.59 -6.08 -26.84
C GLY B 451 1.57 -5.38 -25.95
N LEU B 452 0.35 -5.26 -26.45
CA LEU B 452 -0.68 -4.57 -25.69
C LEU B 452 -1.48 -5.58 -24.87
N ALA B 453 -2.14 -6.51 -25.54
CA ALA B 453 -3.05 -7.40 -24.85
C ALA B 453 -3.05 -8.81 -25.42
N CYS B 454 -3.53 -9.74 -24.61
CA CYS B 454 -3.73 -11.12 -25.06
C CYS B 454 -4.93 -11.73 -24.33
N ALA B 455 -5.73 -12.52 -25.07
CA ALA B 455 -6.83 -13.28 -24.48
C ALA B 455 -6.54 -14.76 -24.62
N ILE B 456 -6.72 -15.50 -23.53
CA ILE B 456 -6.39 -16.91 -23.51
C ILE B 456 -7.62 -17.66 -23.05
N TRP B 457 -7.90 -18.77 -23.72
CA TRP B 457 -9.07 -19.62 -23.43
C TRP B 457 -8.63 -21.00 -22.99
N THR B 458 -8.94 -21.35 -21.75
CA THR B 458 -8.55 -22.61 -21.15
C THR B 458 -9.34 -22.86 -19.88
N THR B 459 -9.69 -24.12 -19.62
CA THR B 459 -10.40 -24.46 -18.39
C THR B 459 -9.45 -24.98 -17.31
N ASN B 460 -8.16 -25.04 -17.64
CA ASN B 460 -7.18 -25.62 -16.73
C ASN B 460 -6.60 -24.54 -15.78
N LEU B 461 -6.67 -24.81 -14.48
CA LEU B 461 -6.21 -23.89 -13.43
C LEU B 461 -4.73 -23.50 -13.61
N SER B 462 -3.86 -24.51 -13.65
CA SER B 462 -2.43 -24.25 -13.74
C SER B 462 -2.09 -23.50 -15.02
N ARG B 463 -2.74 -23.91 -16.11
CA ARG B 463 -2.40 -23.37 -17.41
C ARG B 463 -2.72 -21.89 -17.46
N ALA B 464 -3.85 -21.50 -16.87
CA ALA B 464 -4.26 -20.11 -16.88
C ALA B 464 -3.19 -19.22 -16.27
N HIS B 465 -2.65 -19.63 -15.13
CA HIS B 465 -1.71 -18.77 -14.40
C HIS B 465 -0.30 -18.90 -14.98
N ARG B 466 0.07 -20.12 -15.33
CA ARG B 466 1.39 -20.39 -15.93
C ARG B 466 1.57 -19.64 -17.25
N VAL B 467 0.59 -19.75 -18.13
CA VAL B 467 0.71 -19.14 -19.44
C VAL B 467 0.60 -17.61 -19.39
N SER B 468 -0.39 -17.10 -18.64
CA SER B 468 -0.63 -15.66 -18.62
C SER B 468 0.61 -14.89 -18.20
N ARG B 469 1.35 -15.47 -17.25
CA ARG B 469 2.51 -14.78 -16.70
C ARG B 469 3.62 -14.68 -17.72
N GLN B 470 3.58 -15.52 -18.75
CA GLN B 470 4.65 -15.59 -19.74
C GLN B 470 4.38 -14.75 -20.98
N ILE B 471 3.18 -14.21 -21.10
CA ILE B 471 2.87 -13.41 -22.27
C ILE B 471 3.40 -11.99 -22.12
N HIS B 472 4.20 -11.55 -23.08
CA HIS B 472 4.84 -10.24 -22.99
C HIS B 472 3.91 -9.09 -23.44
N VAL B 473 2.90 -8.79 -22.62
CA VAL B 473 1.92 -7.74 -22.92
C VAL B 473 1.58 -7.05 -21.61
N GLY B 474 0.82 -5.96 -21.68
CA GLY B 474 0.44 -5.25 -20.47
C GLY B 474 -0.82 -5.84 -19.85
N LEU B 475 -1.63 -6.50 -20.67
CA LEU B 475 -2.99 -6.92 -20.29
C LEU B 475 -3.29 -8.34 -20.76
N VAL B 476 -3.60 -9.24 -19.84
CA VAL B 476 -4.02 -10.59 -20.21
C VAL B 476 -5.44 -10.82 -19.69
N TRP B 477 -6.30 -11.38 -20.53
CA TRP B 477 -7.63 -11.84 -20.12
C TRP B 477 -7.70 -13.35 -20.28
N VAL B 478 -8.29 -14.03 -19.30
CA VAL B 478 -8.47 -15.46 -19.40
C VAL B 478 -9.99 -15.75 -19.39
N ASN B 479 -10.43 -16.42 -20.45
CA ASN B 479 -11.86 -16.76 -20.61
C ASN B 479 -12.79 -15.54 -20.66
N THR B 480 -12.25 -14.41 -21.12
CA THR B 480 -13.02 -13.21 -21.39
C THR B 480 -12.15 -12.29 -22.25
N TRP B 481 -12.62 -11.07 -22.49
CA TRP B 481 -11.84 -10.08 -23.24
C TRP B 481 -12.42 -8.70 -22.94
N TYR B 482 -11.53 -7.74 -22.76
CA TYR B 482 -11.89 -6.34 -22.46
C TYR B 482 -12.90 -6.23 -21.31
N LEU B 483 -12.63 -6.98 -20.25
CA LEU B 483 -13.34 -6.86 -18.98
C LEU B 483 -12.51 -5.89 -18.16
N ARG B 484 -13.09 -4.77 -17.73
CA ARG B 484 -12.30 -3.68 -17.19
C ARG B 484 -12.63 -3.32 -15.75
N ASP B 485 -11.60 -3.34 -14.90
CA ASP B 485 -11.69 -2.78 -13.55
C ASP B 485 -10.82 -1.55 -13.60
N LEU B 486 -11.41 -0.38 -13.39
CA LEU B 486 -10.71 0.87 -13.61
C LEU B 486 -9.55 1.13 -12.65
N ARG B 487 -9.42 0.30 -11.62
CA ARG B 487 -8.32 0.48 -10.65
C ARG B 487 -7.01 -0.18 -11.08
N THR B 488 -7.08 -1.02 -12.11
CA THR B 488 -5.92 -1.84 -12.48
C THR B 488 -4.99 -1.08 -13.41
N PRO B 489 -3.71 -1.46 -13.44
CA PRO B 489 -2.77 -0.83 -14.39
C PRO B 489 -3.13 -1.19 -15.82
N PHE B 490 -3.08 -0.22 -16.71
CA PHE B 490 -3.47 -0.41 -18.10
C PHE B 490 -2.39 0.23 -18.95
N GLY B 491 -1.82 -0.55 -19.86
CA GLY B 491 -0.80 -0.04 -20.77
C GLY B 491 -0.17 -1.20 -21.52
N GLY B 492 0.81 -0.91 -22.37
CA GLY B 492 1.45 -1.97 -23.13
C GLY B 492 2.96 -1.96 -23.02
N VAL B 493 3.60 -2.94 -23.66
CA VAL B 493 5.05 -3.00 -23.73
C VAL B 493 5.49 -2.86 -25.17
N LYS B 494 6.79 -2.77 -25.39
CA LYS B 494 7.35 -2.62 -26.73
C LYS B 494 6.72 -1.43 -27.45
N LEU B 495 6.33 -1.59 -28.71
CA LEU B 495 5.78 -0.45 -29.44
C LEU B 495 4.36 -0.09 -29.01
N SER B 496 3.78 -0.86 -28.08
CA SER B 496 2.39 -0.63 -27.68
C SER B 496 2.22 0.41 -26.57
N GLY B 497 3.32 0.93 -26.04
CA GLY B 497 3.14 1.98 -25.05
C GLY B 497 4.33 2.30 -24.19
N LEU B 498 4.11 3.28 -23.33
CA LEU B 498 5.09 3.74 -22.37
C LEU B 498 4.24 4.12 -21.17
N GLY B 499 4.58 3.60 -20.00
CA GLY B 499 3.86 3.93 -18.78
C GLY B 499 2.61 3.10 -18.55
N ARG B 500 2.01 3.28 -17.38
CA ARG B 500 0.70 2.69 -17.08
C ARG B 500 -0.26 3.78 -16.63
N GLU B 501 -1.53 3.61 -16.94
CA GLU B 501 -2.57 4.43 -16.34
C GLU B 501 -3.60 3.53 -15.65
N GLY B 502 -4.55 4.14 -14.95
CA GLY B 502 -5.52 3.37 -14.18
C GLY B 502 -5.17 3.39 -12.71
N GLY B 503 -6.18 3.50 -11.86
CA GLY B 503 -5.97 3.48 -10.42
C GLY B 503 -4.81 4.33 -9.94
N ARG B 504 -3.94 3.74 -9.12
CA ARG B 504 -2.82 4.49 -8.53
C ARG B 504 -1.83 4.96 -9.57
N PHE B 505 -1.79 4.28 -10.71
CA PHE B 505 -0.87 4.66 -11.77
C PHE B 505 -1.25 5.99 -12.41
N SER B 506 -2.55 6.24 -12.57
CA SER B 506 -3.02 7.56 -12.98
C SER B 506 -2.81 8.59 -11.87
N MET B 507 -3.11 8.24 -10.62
CA MET B 507 -2.87 9.20 -9.52
C MET B 507 -1.40 9.66 -9.46
N ASP B 508 -0.48 8.75 -9.79
CA ASP B 508 0.95 9.10 -9.83
C ASP B 508 1.31 9.88 -11.11
N PHE B 509 0.83 9.42 -12.26
CA PHE B 509 1.20 10.11 -13.51
C PHE B 509 0.71 11.55 -13.57
N TYR B 510 -0.53 11.79 -13.18
CA TYR B 510 -1.11 13.12 -13.30
C TYR B 510 -0.75 14.00 -12.10
N SER B 511 0.17 13.55 -11.27
CA SER B 511 0.61 14.35 -10.12
C SER B 511 2.11 14.59 -10.13
N ASP B 512 2.52 15.73 -9.58
CA ASP B 512 3.89 15.88 -9.10
C ASP B 512 4.01 15.04 -7.84
N ILE B 513 4.97 14.12 -7.81
CA ILE B 513 5.30 13.43 -6.56
C ILE B 513 6.45 14.18 -5.91
N ALA B 514 6.22 14.77 -4.74
CA ALA B 514 7.29 15.49 -4.05
C ALA B 514 7.65 14.81 -2.73
N ASN B 515 8.95 14.70 -2.45
CA ASN B 515 9.43 14.20 -1.16
C ASN B 515 9.89 15.37 -0.29
N ILE B 516 9.39 15.41 0.94
CA ILE B 516 9.74 16.48 1.87
C ILE B 516 10.43 15.82 3.04
N CYS B 517 11.68 16.19 3.27
CA CYS B 517 12.49 15.55 4.30
C CYS B 517 12.73 16.55 5.41
N ILE B 518 12.22 16.25 6.60
CA ILE B 518 12.37 17.13 7.75
C ILE B 518 13.42 16.55 8.71
N LYS B 519 14.52 17.27 8.94
CA LYS B 519 15.50 16.84 9.91
C LYS B 519 14.98 17.28 11.26
N ILE B 520 14.86 16.34 12.19
CA ILE B 520 14.27 16.67 13.49
C ILE B 520 15.34 17.04 14.51
N SER C 38 45.92 0.40 -15.05
CA SER C 38 46.43 1.25 -16.13
C SER C 38 45.72 0.97 -17.45
N GLN C 39 45.03 -0.17 -17.52
CA GLN C 39 44.13 -0.44 -18.64
C GLN C 39 42.73 -0.85 -18.16
N LEU C 40 41.73 -0.17 -18.69
CA LEU C 40 40.35 -0.45 -18.31
C LEU C 40 39.62 -1.08 -19.49
N LEU C 41 39.16 -2.30 -19.29
CA LEU C 41 38.51 -3.06 -20.37
C LEU C 41 36.99 -3.06 -20.23
N ASN C 42 36.32 -3.35 -21.35
CA ASN C 42 34.89 -3.62 -21.37
C ASN C 42 34.60 -4.98 -20.78
N TYR C 43 33.36 -5.22 -20.37
CA TYR C 43 33.00 -6.50 -19.83
C TYR C 43 31.73 -6.90 -20.52
N ILE C 44 31.84 -7.85 -21.45
CA ILE C 44 30.74 -8.22 -22.33
C ILE C 44 30.57 -9.73 -22.35
N ASP C 45 29.37 -10.19 -22.02
CA ASP C 45 29.02 -11.60 -22.02
C ASP C 45 30.00 -12.47 -21.21
N GLY C 46 30.37 -11.99 -20.03
CA GLY C 46 31.17 -12.77 -19.10
C GLY C 46 32.68 -12.66 -19.29
N ASN C 47 33.10 -11.81 -20.22
CA ASN C 47 34.51 -11.67 -20.56
C ASN C 47 34.98 -10.22 -20.61
N PHE C 48 36.14 -9.95 -20.03
CA PHE C 48 36.78 -8.66 -20.21
C PHE C 48 37.40 -8.55 -21.60
N VAL C 49 37.03 -7.51 -22.34
CA VAL C 49 37.52 -7.39 -23.71
C VAL C 49 38.04 -6.01 -24.02
N THR C 50 39.10 -5.97 -24.83
CA THR C 50 39.65 -4.70 -25.29
C THR C 50 38.84 -4.18 -26.45
N SER C 51 39.23 -3.03 -26.98
CA SER C 51 38.58 -2.45 -28.13
C SER C 51 39.62 -1.98 -29.12
N ALA C 52 39.16 -1.53 -30.28
CA ALA C 52 40.06 -1.02 -31.32
C ALA C 52 40.70 0.29 -30.88
N SER C 53 39.89 1.19 -30.34
CA SER C 53 40.37 2.48 -29.88
C SER C 53 40.40 2.58 -28.36
N SER C 54 41.28 3.43 -27.84
CA SER C 54 41.27 3.74 -26.42
C SER C 54 41.41 5.25 -26.19
N PHE C 55 41.01 5.70 -25.00
CA PHE C 55 41.17 7.10 -24.66
C PHE C 55 41.75 7.20 -23.26
N ALA C 56 42.24 8.39 -22.93
CA ALA C 56 42.96 8.62 -21.68
C ALA C 56 42.01 8.92 -20.53
N ASN C 57 42.30 8.29 -19.38
CA ASN C 57 41.72 8.62 -18.07
C ASN C 57 42.76 9.50 -17.33
N ILE C 58 42.42 10.76 -17.08
CA ILE C 58 43.36 11.75 -16.53
C ILE C 58 43.05 12.14 -15.07
N ASN C 59 44.02 12.05 -14.17
CA ASN C 59 43.85 12.51 -12.79
C ASN C 59 43.70 14.03 -12.68
N PRO C 60 42.54 14.52 -12.20
CA PRO C 60 42.34 15.98 -12.13
C PRO C 60 43.13 16.64 -10.98
N VAL C 61 43.72 15.84 -10.10
CA VAL C 61 44.56 16.43 -9.05
C VAL C 61 45.84 17.02 -9.67
N ASN C 62 46.37 16.34 -10.68
CA ASN C 62 47.70 16.71 -11.21
C ASN C 62 47.83 16.64 -12.73
N GLY C 63 46.73 16.31 -13.41
CA GLY C 63 46.75 16.20 -14.86
C GLY C 63 47.50 14.98 -15.41
N LYS C 64 47.87 14.06 -14.54
CA LYS C 64 48.60 12.87 -15.00
C LYS C 64 47.67 11.78 -15.53
N LEU C 65 48.23 10.94 -16.40
CA LEU C 65 47.50 9.83 -17.00
C LEU C 65 47.37 8.68 -16.00
N ILE C 66 46.16 8.18 -15.80
CA ILE C 66 45.90 7.11 -14.85
C ILE C 66 45.81 5.78 -15.56
N SER C 67 45.12 5.79 -16.69
CA SER C 67 44.85 4.57 -17.42
C SER C 67 44.41 4.85 -18.85
N ASP C 68 44.44 3.82 -19.67
CA ASP C 68 43.89 3.88 -21.01
C ASP C 68 42.58 3.10 -20.94
N VAL C 69 41.57 3.64 -21.59
CA VAL C 69 40.25 3.05 -21.53
C VAL C 69 39.77 2.63 -22.91
N PHE C 70 39.42 1.36 -23.04
CA PHE C 70 38.97 0.84 -24.34
C PHE C 70 37.56 1.26 -24.69
N GLU C 71 37.43 1.99 -25.78
CA GLU C 71 36.15 2.55 -26.21
C GLU C 71 35.34 1.53 -27.02
N ALA C 72 34.19 1.13 -26.49
CA ALA C 72 33.31 0.21 -27.22
C ALA C 72 32.79 0.85 -28.50
N ASP C 73 32.86 0.12 -29.61
CA ASP C 73 32.27 0.60 -30.85
C ASP C 73 30.84 0.08 -31.00
N ALA C 74 30.17 0.47 -32.07
CA ALA C 74 28.79 0.06 -32.32
C ALA C 74 28.64 -1.47 -32.34
N LYS C 75 29.66 -2.16 -32.83
CA LYS C 75 29.64 -3.61 -32.91
C LYS C 75 29.68 -4.28 -31.53
N GLN C 76 30.51 -3.74 -30.64
CA GLN C 76 30.59 -4.28 -29.28
C GLN C 76 29.35 -3.91 -28.46
N VAL C 77 28.78 -2.74 -28.74
CA VAL C 77 27.54 -2.32 -28.08
C VAL C 77 26.43 -3.29 -28.48
N ASN C 78 26.41 -3.67 -29.75
CA ASN C 78 25.43 -4.64 -30.20
C ASN C 78 25.66 -6.00 -29.54
N GLU C 79 26.92 -6.42 -29.47
CA GLU C 79 27.28 -7.67 -28.82
C GLU C 79 26.81 -7.70 -27.36
N ALA C 80 26.94 -6.56 -26.67
CA ALA C 80 26.53 -6.46 -25.28
C ALA C 80 25.01 -6.57 -25.14
N VAL C 81 24.28 -5.85 -25.95
CA VAL C 81 22.81 -5.89 -25.87
C VAL C 81 22.30 -7.30 -26.20
N VAL C 82 22.84 -7.91 -27.25
CA VAL C 82 22.41 -9.27 -27.61
C VAL C 82 22.72 -10.26 -26.49
N ALA C 83 23.88 -10.12 -25.86
CA ALA C 83 24.23 -10.99 -24.74
C ALA C 83 23.27 -10.81 -23.57
N ALA C 84 22.85 -9.56 -23.35
CA ALA C 84 21.92 -9.25 -22.26
C ALA C 84 20.54 -9.81 -22.56
N GLN C 85 20.14 -9.73 -23.82
CA GLN C 85 18.89 -10.36 -24.27
C GLN C 85 18.94 -11.87 -24.05
N ASN C 86 20.06 -12.47 -24.42
CA ASN C 86 20.22 -13.91 -24.30
C ASN C 86 20.27 -14.37 -22.84
N ALA C 87 20.92 -13.58 -22.00
CA ALA C 87 21.03 -13.92 -20.58
C ALA C 87 19.63 -13.99 -19.93
N LEU C 88 18.67 -13.25 -20.47
CA LEU C 88 17.30 -13.28 -19.95
C LEU C 88 16.69 -14.68 -20.07
N LYS C 89 17.22 -15.48 -20.99
CA LYS C 89 16.71 -16.83 -21.25
C LYS C 89 17.56 -17.89 -20.57
N GLY C 90 18.59 -17.45 -19.85
CA GLY C 90 19.53 -18.35 -19.23
C GLY C 90 19.24 -18.54 -17.76
N PRO C 91 20.25 -19.01 -17.00
CA PRO C 91 20.14 -19.32 -15.57
C PRO C 91 19.63 -18.11 -14.77
N TRP C 92 20.01 -16.91 -15.19
CA TRP C 92 19.55 -15.70 -14.51
C TRP C 92 18.03 -15.62 -14.55
N GLY C 93 17.45 -15.95 -15.70
CA GLY C 93 16.01 -15.91 -15.88
C GLY C 93 15.24 -16.88 -14.99
N LYS C 94 15.90 -17.95 -14.57
CA LYS C 94 15.24 -19.03 -13.82
C LYS C 94 15.40 -18.89 -12.32
N LEU C 95 16.21 -17.93 -11.88
CA LEU C 95 16.44 -17.75 -10.44
C LEU C 95 15.18 -17.28 -9.75
N SER C 96 14.93 -17.80 -8.56
CA SER C 96 13.84 -17.27 -7.73
C SER C 96 14.25 -15.87 -7.26
N VAL C 97 13.25 -15.08 -6.86
CA VAL C 97 13.51 -13.75 -6.35
C VAL C 97 14.42 -13.82 -5.13
N GLN C 98 14.20 -14.84 -4.28
CA GLN C 98 15.07 -15.03 -3.13
C GLN C 98 16.51 -15.33 -3.53
N ASP C 99 16.69 -16.18 -4.54
CA ASP C 99 18.04 -16.50 -4.99
C ASP C 99 18.69 -15.32 -5.70
N ARG C 100 17.89 -14.56 -6.43
CA ARG C 100 18.38 -13.35 -7.07
C ARG C 100 18.85 -12.33 -6.02
N ALA C 101 18.04 -12.11 -4.99
CA ALA C 101 18.41 -11.16 -3.93
C ALA C 101 19.67 -11.59 -3.19
N ALA C 102 19.80 -12.89 -2.95
CA ALA C 102 20.97 -13.45 -2.27
C ALA C 102 22.23 -13.12 -3.06
N LEU C 103 22.14 -13.25 -4.37
CA LEU C 103 23.27 -13.02 -5.25
C LEU C 103 23.64 -11.54 -5.28
N ILE C 104 22.62 -10.69 -5.22
CA ILE C 104 22.87 -9.26 -5.20
C ILE C 104 23.54 -8.86 -3.90
N HIS C 105 23.15 -9.51 -2.80
CA HIS C 105 23.86 -9.31 -1.53
C HIS C 105 25.32 -9.77 -1.65
N LYS C 106 25.58 -10.80 -2.44
CA LYS C 106 26.97 -11.21 -2.67
C LYS C 106 27.76 -10.17 -3.47
N ILE C 107 27.10 -9.51 -4.42
CA ILE C 107 27.74 -8.39 -5.11
C ILE C 107 28.17 -7.32 -4.09
N ALA C 108 27.25 -6.94 -3.21
CA ALA C 108 27.54 -5.99 -2.15
C ALA C 108 28.68 -6.46 -1.23
N ASP C 109 28.66 -7.73 -0.86
CA ASP C 109 29.74 -8.31 -0.07
C ASP C 109 31.08 -8.17 -0.81
N GLY C 110 31.04 -8.37 -2.12
CA GLY C 110 32.22 -8.29 -2.95
C GLY C 110 32.83 -6.91 -3.02
N ILE C 111 31.98 -5.87 -2.98
CA ILE C 111 32.47 -4.49 -2.93
C ILE C 111 33.07 -4.24 -1.56
N GLN C 112 32.38 -4.72 -0.52
CA GLN C 112 32.85 -4.55 0.86
C GLN C 112 34.20 -5.25 1.09
N ALA C 113 34.39 -6.41 0.48
CA ALA C 113 35.65 -7.15 0.63
C ALA C 113 36.82 -6.42 -0.05
N ARG C 114 36.52 -5.61 -1.05
CA ARG C 114 37.54 -4.84 -1.74
C ARG C 114 37.34 -3.33 -1.54
N PHE C 115 36.86 -2.97 -0.35
CA PHE C 115 36.42 -1.60 -0.05
C PHE C 115 37.48 -0.55 -0.43
N GLU C 116 38.70 -0.72 0.06
CA GLU C 116 39.75 0.27 -0.15
C GLU C 116 40.19 0.41 -1.62
N GLU C 117 40.10 -0.67 -2.38
CA GLU C 117 40.36 -0.63 -3.81
C GLU C 117 39.35 0.25 -4.53
N PHE C 118 38.08 0.11 -4.16
CA PHE C 118 37.04 0.97 -4.70
C PHE C 118 37.27 2.44 -4.33
N VAL C 119 37.66 2.68 -3.08
CA VAL C 119 37.98 4.03 -2.64
C VAL C 119 39.09 4.60 -3.52
N ALA C 120 40.15 3.83 -3.72
CA ALA C 120 41.29 4.28 -4.48
C ALA C 120 40.87 4.59 -5.91
N ALA C 121 40.04 3.72 -6.48
CA ALA C 121 39.52 3.92 -7.82
C ALA C 121 38.71 5.20 -8.00
N GLU C 122 37.78 5.44 -7.07
CA GLU C 122 36.93 6.62 -7.15
C GLU C 122 37.78 7.89 -6.99
N VAL C 123 38.71 7.83 -6.05
CA VAL C 123 39.54 8.99 -5.75
C VAL C 123 40.45 9.32 -6.94
N ALA C 124 41.05 8.29 -7.53
CA ALA C 124 41.93 8.49 -8.67
C ALA C 124 41.25 9.25 -9.81
N ASP C 125 40.05 8.80 -10.18
CA ASP C 125 39.32 9.41 -11.29
C ASP C 125 38.87 10.84 -11.01
N THR C 126 38.51 11.14 -9.77
CA THR C 126 37.74 12.34 -9.51
C THR C 126 38.46 13.37 -8.67
N GLY C 127 39.44 12.91 -7.90
CA GLY C 127 40.13 13.79 -6.96
C GLY C 127 39.30 14.09 -5.71
N ARG C 128 38.21 13.36 -5.50
CA ARG C 128 37.44 13.58 -4.28
C ARG C 128 38.26 13.20 -3.04
N PRO C 129 38.07 13.94 -1.94
CA PRO C 129 38.76 13.59 -0.69
C PRO C 129 38.55 12.14 -0.32
N VAL C 130 39.61 11.46 0.13
CA VAL C 130 39.51 10.05 0.51
C VAL C 130 38.42 9.87 1.57
N HIS C 131 38.30 10.83 2.47
CA HIS C 131 37.28 10.73 3.51
C HIS C 131 35.86 10.69 2.95
N GLN C 132 35.58 11.52 1.95
CA GLN C 132 34.26 11.52 1.31
C GLN C 132 34.03 10.17 0.66
N ALA C 133 35.03 9.67 -0.06
CA ALA C 133 34.89 8.41 -0.75
C ALA C 133 34.59 7.28 0.24
N ARG C 134 35.26 7.32 1.39
CA ARG C 134 35.08 6.29 2.41
C ARG C 134 33.75 6.37 3.13
N THR C 135 33.16 7.56 3.19
CA THR C 135 31.95 7.76 3.98
C THR C 135 30.67 7.94 3.14
N LEU C 136 30.77 8.61 2.00
CA LEU C 136 29.61 8.78 1.14
C LEU C 136 29.59 7.79 -0.01
N ASP C 137 30.62 7.82 -0.86
CA ASP C 137 30.56 7.17 -2.17
C ASP C 137 30.48 5.65 -2.14
N ILE C 138 31.48 5.01 -1.53
CA ILE C 138 31.51 3.56 -1.52
C ILE C 138 30.42 2.93 -0.64
N PRO C 139 30.21 3.45 0.59
CA PRO C 139 29.14 2.83 1.37
C PRO C 139 27.76 2.95 0.71
N ARG C 140 27.53 4.02 -0.05
CA ARG C 140 26.23 4.19 -0.71
C ARG C 140 26.08 3.18 -1.82
N ALA C 141 27.18 2.88 -2.51
CA ALA C 141 27.13 1.89 -3.58
C ALA C 141 26.74 0.53 -3.02
N ILE C 142 27.31 0.18 -1.88
CA ILE C 142 26.96 -1.06 -1.21
C ILE C 142 25.50 -1.02 -0.75
N ALA C 143 25.10 0.09 -0.13
CA ALA C 143 23.73 0.25 0.34
C ALA C 143 22.74 0.17 -0.81
N ASN C 144 23.13 0.65 -1.98
CA ASN C 144 22.24 0.58 -3.14
C ASN C 144 21.89 -0.87 -3.47
N PHE C 145 22.90 -1.73 -3.48
CA PHE C 145 22.65 -3.14 -3.79
C PHE C 145 21.82 -3.82 -2.70
N ARG C 146 22.18 -3.60 -1.43
CA ARG C 146 21.49 -4.27 -0.34
C ARG C 146 20.03 -3.82 -0.23
N THR C 147 19.79 -2.52 -0.40
CA THR C 147 18.44 -2.00 -0.23
C THR C 147 17.49 -2.51 -1.31
N PHE C 148 17.94 -2.50 -2.55
CA PHE C 148 17.05 -2.99 -3.61
C PHE C 148 16.91 -4.51 -3.60
N ALA C 149 17.96 -5.22 -3.15
CA ALA C 149 17.81 -6.66 -2.93
C ALA C 149 16.69 -6.90 -1.89
N ASP C 150 16.72 -6.13 -0.80
CA ASP C 150 15.73 -6.30 0.26
C ASP C 150 14.33 -5.97 -0.23
N LEU C 151 14.21 -4.87 -0.98
CA LEU C 151 12.93 -4.47 -1.56
C LEU C 151 12.40 -5.54 -2.52
N ALA C 152 13.29 -6.15 -3.30
CA ALA C 152 12.86 -7.21 -4.21
C ALA C 152 12.25 -8.37 -3.44
N LYS C 153 12.86 -8.70 -2.31
CA LYS C 153 12.42 -9.79 -1.45
C LYS C 153 11.07 -9.54 -0.83
N THR C 154 10.81 -8.30 -0.45
CA THR C 154 9.63 -8.00 0.35
C THR C 154 8.45 -7.42 -0.44
N SER C 155 8.72 -6.91 -1.63
CA SER C 155 7.67 -6.24 -2.40
C SER C 155 6.62 -7.21 -2.91
N HIS C 156 5.37 -6.76 -2.98
CA HIS C 156 4.29 -7.53 -3.57
C HIS C 156 3.43 -6.67 -4.48
N THR C 157 2.39 -7.28 -5.04
CA THR C 157 1.54 -6.57 -5.98
C THR C 157 0.08 -6.66 -5.53
N ASP C 158 -0.84 -6.40 -6.44
CA ASP C 158 -2.23 -6.13 -6.07
C ASP C 158 -3.24 -7.15 -6.58
N LEU C 159 -4.35 -7.23 -5.85
CA LEU C 159 -5.47 -8.11 -6.20
C LEU C 159 -6.70 -7.23 -6.18
N PHE C 160 -7.47 -7.27 -7.27
CA PHE C 160 -8.71 -6.52 -7.38
C PHE C 160 -9.80 -7.50 -7.74
N GLU C 161 -10.89 -7.51 -6.97
CA GLU C 161 -12.06 -8.32 -7.30
C GLU C 161 -13.13 -7.45 -7.92
N MET C 162 -13.88 -8.00 -8.87
CA MET C 162 -14.98 -7.26 -9.46
C MET C 162 -16.14 -8.19 -9.74
N SER C 163 -17.34 -7.62 -9.81
CA SER C 163 -18.52 -8.40 -10.19
C SER C 163 -18.73 -8.34 -11.68
N THR C 164 -19.42 -9.35 -12.20
CA THR C 164 -19.72 -9.42 -13.63
C THR C 164 -21.21 -9.67 -13.86
N SER C 165 -21.65 -9.41 -15.09
CA SER C 165 -23.04 -9.59 -15.50
C SER C 165 -23.63 -10.95 -15.12
N ASP C 166 -22.84 -12.01 -15.27
CA ASP C 166 -23.33 -13.37 -15.02
C ASP C 166 -23.33 -13.80 -13.55
N GLY C 167 -22.85 -12.92 -12.67
CA GLY C 167 -22.88 -13.18 -11.24
C GLY C 167 -21.74 -14.03 -10.69
N SER C 168 -20.79 -14.41 -11.54
CA SER C 168 -19.68 -15.25 -11.11
C SER C 168 -18.41 -14.46 -10.73
N GLY C 169 -18.31 -13.25 -11.24
CA GLY C 169 -17.22 -12.36 -10.88
C GLY C 169 -15.93 -12.58 -11.65
N ALA C 170 -14.95 -11.74 -11.38
CA ALA C 170 -13.64 -11.88 -11.98
C ALA C 170 -12.58 -11.43 -10.99
N LEU C 171 -11.33 -11.86 -11.24
CA LEU C 171 -10.18 -11.51 -10.42
C LEU C 171 -9.20 -10.80 -11.33
N ASN C 172 -8.70 -9.65 -10.92
CA ASN C 172 -7.55 -9.03 -11.57
C ASN C 172 -6.38 -9.02 -10.62
N TYR C 173 -5.25 -9.56 -11.03
CA TYR C 173 -4.07 -9.46 -10.20
C TYR C 173 -2.92 -8.93 -11.02
N THR C 174 -2.03 -8.20 -10.37
CA THR C 174 -0.87 -7.68 -11.08
C THR C 174 0.39 -8.43 -10.71
N VAL C 175 1.34 -8.45 -11.63
CA VAL C 175 2.63 -9.02 -11.32
C VAL C 175 3.70 -8.05 -11.80
N ARG C 176 4.87 -8.14 -11.19
CA ARG C 176 6.04 -7.42 -11.66
C ARG C 176 6.96 -8.44 -12.32
N LYS C 177 7.32 -8.18 -13.57
CA LYS C 177 8.24 -9.05 -14.28
C LYS C 177 9.42 -8.20 -14.72
N PRO C 178 10.56 -8.83 -15.07
CA PRO C 178 11.64 -8.01 -15.63
C PRO C 178 11.15 -7.22 -16.83
N LEU C 179 11.60 -5.98 -16.97
CA LEU C 179 11.28 -5.19 -18.15
C LEU C 179 12.03 -5.73 -19.37
N GLY C 180 13.28 -6.15 -19.15
CA GLY C 180 14.09 -6.68 -20.24
C GLY C 180 15.54 -6.27 -20.08
N VAL C 181 16.10 -5.67 -21.12
CA VAL C 181 17.47 -5.17 -21.05
C VAL C 181 17.44 -3.69 -20.72
N ILE C 182 18.10 -3.31 -19.63
CA ILE C 182 18.12 -1.91 -19.22
C ILE C 182 19.42 -1.27 -19.66
N GLY C 183 19.34 -0.20 -20.44
CA GLY C 183 20.52 0.58 -20.76
C GLY C 183 20.71 1.62 -19.67
N VAL C 184 21.91 1.67 -19.10
CA VAL C 184 22.23 2.61 -18.04
C VAL C 184 23.33 3.52 -18.53
N ILE C 185 23.10 4.82 -18.45
CA ILE C 185 24.15 5.80 -18.75
C ILE C 185 24.30 6.74 -17.56
N SER C 186 25.51 6.80 -17.00
CA SER C 186 25.71 7.56 -15.76
C SER C 186 26.78 8.67 -15.90
N PRO C 187 26.76 9.66 -14.98
CA PRO C 187 27.71 10.77 -15.10
C PRO C 187 28.88 10.66 -14.14
N TRP C 188 29.71 11.70 -14.12
CA TRP C 188 30.95 11.66 -13.36
C TRP C 188 30.84 12.27 -11.97
N ALA C 189 29.66 12.80 -11.65
CA ALA C 189 29.48 13.51 -10.38
C ALA C 189 29.72 12.63 -9.15
N LEU C 190 28.96 11.57 -9.02
CA LEU C 190 29.25 10.62 -7.95
C LEU C 190 29.25 9.29 -8.66
N PRO C 191 30.39 8.94 -9.28
CA PRO C 191 30.46 7.86 -10.27
C PRO C 191 29.90 6.52 -9.82
N LEU C 192 30.43 5.92 -8.76
CA LEU C 192 29.94 4.60 -8.37
C LEU C 192 28.55 4.68 -7.75
N LEU C 193 28.30 5.74 -6.97
CA LEU C 193 26.98 5.91 -6.34
C LEU C 193 25.89 5.95 -7.40
N LEU C 194 26.06 6.79 -8.41
CA LEU C 194 25.04 6.95 -9.43
C LEU C 194 24.93 5.74 -10.33
N PHE C 195 26.07 5.12 -10.65
CA PHE C 195 26.09 3.91 -11.47
C PHE C 195 25.27 2.80 -10.78
N THR C 196 25.56 2.54 -9.52
CA THR C 196 24.89 1.47 -8.77
C THR C 196 23.43 1.81 -8.43
N TRP C 197 23.14 3.10 -8.34
CA TRP C 197 21.78 3.58 -8.09
C TRP C 197 20.84 3.10 -9.20
N LYS C 198 21.41 2.89 -10.39
CA LYS C 198 20.63 2.38 -11.52
C LYS C 198 20.81 0.89 -11.70
N VAL C 199 22.05 0.41 -11.58
CA VAL C 199 22.32 -1.01 -11.77
C VAL C 199 21.70 -1.91 -10.71
N ALA C 200 21.70 -1.46 -9.45
CA ALA C 200 21.13 -2.27 -8.36
C ALA C 200 19.62 -2.58 -8.54
N PRO C 201 18.78 -1.54 -8.75
CA PRO C 201 17.35 -1.89 -8.95
C PRO C 201 17.11 -2.64 -10.25
N ALA C 202 17.89 -2.33 -11.28
CA ALA C 202 17.78 -3.05 -12.54
C ALA C 202 17.94 -4.55 -12.32
N LEU C 203 19.01 -4.93 -11.62
CA LEU C 203 19.27 -6.35 -11.40
C LEU C 203 18.31 -6.95 -10.37
N ALA C 204 17.95 -6.18 -9.36
CA ALA C 204 17.01 -6.67 -8.33
C ALA C 204 15.66 -7.05 -8.95
N CYS C 205 15.29 -6.37 -10.03
CA CYS C 205 14.01 -6.62 -10.68
C CYS C 205 14.16 -7.66 -11.76
N GLY C 206 15.34 -8.27 -11.84
CA GLY C 206 15.55 -9.41 -12.73
C GLY C 206 15.91 -9.04 -14.15
N ASN C 207 16.18 -7.78 -14.40
CA ASN C 207 16.64 -7.37 -15.73
C ASN C 207 18.07 -7.80 -15.97
N THR C 208 18.49 -7.68 -17.22
CA THR C 208 19.90 -7.70 -17.56
C THR C 208 20.28 -6.28 -17.97
N VAL C 209 21.58 -6.00 -18.01
CA VAL C 209 22.01 -4.61 -18.04
C VAL C 209 23.15 -4.39 -19.02
N VAL C 210 23.09 -3.29 -19.73
CA VAL C 210 24.23 -2.77 -20.47
C VAL C 210 24.46 -1.35 -19.97
N ALA C 211 25.62 -1.12 -19.36
CA ALA C 211 25.86 0.11 -18.63
C ALA C 211 27.10 0.84 -19.12
N LYS C 212 26.97 2.16 -19.31
CA LYS C 212 28.00 3.02 -19.87
C LYS C 212 28.35 4.14 -18.87
N PRO C 213 29.47 4.00 -18.14
CA PRO C 213 29.83 5.04 -17.17
C PRO C 213 30.46 6.22 -17.89
N SER C 214 30.60 7.34 -17.18
CA SER C 214 31.19 8.51 -17.78
C SER C 214 32.63 8.23 -18.16
N GLU C 215 33.01 8.72 -19.33
CA GLU C 215 34.39 8.64 -19.82
C GLU C 215 35.36 9.27 -18.81
N GLU C 216 34.86 10.22 -18.04
CA GLU C 216 35.68 10.86 -17.01
C GLU C 216 35.84 9.97 -15.79
N SER C 217 34.98 9.00 -15.57
CA SER C 217 35.12 8.22 -14.33
C SER C 217 34.83 6.76 -14.54
N PRO C 218 35.73 6.07 -15.24
CA PRO C 218 35.47 4.69 -15.66
C PRO C 218 35.96 3.63 -14.68
N SER C 219 36.80 4.00 -13.70
CA SER C 219 37.50 2.99 -12.90
C SER C 219 36.65 2.18 -11.93
N SER C 220 35.79 2.82 -11.15
CA SER C 220 35.05 2.04 -10.16
C SER C 220 34.06 1.09 -10.84
N ALA C 221 33.49 1.52 -11.97
CA ALA C 221 32.56 0.68 -12.72
C ALA C 221 33.27 -0.59 -13.26
N THR C 222 34.52 -0.42 -13.65
CA THR C 222 35.32 -1.57 -14.11
C THR C 222 35.63 -2.53 -12.95
N LEU C 223 35.97 -1.99 -11.80
CA LEU C 223 36.17 -2.84 -10.62
C LEU C 223 34.86 -3.57 -10.29
N LEU C 224 33.73 -2.88 -10.44
CA LEU C 224 32.42 -3.50 -10.20
C LEU C 224 32.19 -4.71 -11.11
N ALA C 225 32.52 -4.57 -12.39
CA ALA C 225 32.48 -5.71 -13.30
C ALA C 225 33.26 -6.94 -12.76
N GLU C 226 34.42 -6.70 -12.14
CA GLU C 226 35.20 -7.79 -11.57
C GLU C 226 34.49 -8.45 -10.38
N VAL C 227 33.82 -7.64 -9.58
CA VAL C 227 33.07 -8.16 -8.45
C VAL C 227 31.92 -9.03 -8.95
N MET C 228 31.27 -8.58 -10.02
CA MET C 228 30.14 -9.32 -10.59
C MET C 228 30.66 -10.67 -11.06
N HIS C 229 31.77 -10.62 -11.77
CA HIS C 229 32.38 -11.83 -12.32
C HIS C 229 32.70 -12.81 -11.19
N ASP C 230 33.39 -12.33 -10.17
CA ASP C 230 33.80 -13.20 -9.07
C ASP C 230 32.64 -13.70 -8.23
N ALA C 231 31.54 -12.94 -8.23
CA ALA C 231 30.34 -13.33 -7.48
C ALA C 231 29.55 -14.41 -8.20
N GLY C 232 29.89 -14.64 -9.47
CA GLY C 232 29.24 -15.67 -10.26
C GLY C 232 27.97 -15.19 -10.93
N VAL C 233 27.85 -13.88 -11.14
CA VAL C 233 26.75 -13.35 -11.94
C VAL C 233 26.90 -13.92 -13.34
N PRO C 234 25.86 -14.60 -13.84
CA PRO C 234 25.95 -15.30 -15.14
C PRO C 234 26.31 -14.37 -16.30
N PRO C 235 27.03 -14.90 -17.30
CA PRO C 235 27.46 -14.08 -18.44
C PRO C 235 26.29 -13.41 -19.15
N GLY C 236 26.46 -12.15 -19.50
CA GLY C 236 25.44 -11.42 -20.23
C GLY C 236 24.51 -10.63 -19.32
N VAL C 237 24.45 -10.99 -18.04
CA VAL C 237 23.53 -10.31 -17.12
C VAL C 237 23.96 -8.86 -16.87
N PHE C 238 25.25 -8.69 -16.64
CA PHE C 238 25.83 -7.35 -16.45
C PHE C 238 26.92 -7.14 -17.48
N ASN C 239 26.74 -6.11 -18.31
CA ASN C 239 27.72 -5.73 -19.32
C ASN C 239 28.15 -4.29 -19.16
N LEU C 240 29.45 -4.08 -19.19
CA LEU C 240 30.04 -2.76 -19.06
C LEU C 240 30.62 -2.32 -20.39
N ILE C 241 30.20 -1.17 -20.89
CA ILE C 241 30.77 -0.62 -22.13
C ILE C 241 31.33 0.78 -21.84
N HIS C 242 32.57 1.03 -22.26
CA HIS C 242 33.19 2.35 -22.08
C HIS C 242 33.08 3.20 -23.33
N GLY C 243 33.16 4.52 -23.15
CA GLY C 243 33.15 5.42 -24.28
C GLY C 243 32.57 6.78 -23.95
N PHE C 244 32.33 7.56 -24.99
CA PHE C 244 31.77 8.89 -24.86
C PHE C 244 30.27 8.87 -25.13
N GLY C 245 29.72 10.00 -25.53
CA GLY C 245 28.29 10.08 -25.76
C GLY C 245 27.97 10.07 -27.24
N LYS C 246 27.80 11.25 -27.80
CA LYS C 246 27.61 11.43 -29.23
C LYS C 246 28.69 10.67 -30.02
N ASP C 247 28.25 9.94 -31.04
CA ASP C 247 29.16 9.21 -31.93
C ASP C 247 30.00 8.16 -31.21
N SER C 248 29.54 7.70 -30.06
CA SER C 248 30.30 6.73 -29.30
C SER C 248 29.35 5.78 -28.56
N ALA C 249 29.89 5.06 -27.57
CA ALA C 249 29.15 4.00 -26.89
C ALA C 249 27.80 4.45 -26.32
N GLY C 250 27.76 5.65 -25.76
CA GLY C 250 26.52 6.18 -25.19
C GLY C 250 25.43 6.31 -26.25
N GLU C 251 25.74 7.00 -27.34
CA GLU C 251 24.79 7.15 -28.44
C GLU C 251 24.31 5.80 -28.98
N PHE C 252 25.25 4.90 -29.25
CA PHE C 252 24.94 3.59 -29.82
C PHE C 252 23.97 2.84 -28.91
N LEU C 253 24.19 2.92 -27.60
CA LEU C 253 23.32 2.22 -26.67
C LEU C 253 21.89 2.77 -26.76
N THR C 254 21.75 4.10 -26.77
CA THR C 254 20.42 4.71 -26.78
C THR C 254 19.68 4.40 -28.07
N GLN C 255 20.42 4.10 -29.14
CA GLN C 255 19.77 3.87 -30.43
C GLN C 255 19.55 2.39 -30.75
N HIS C 256 20.00 1.50 -29.85
CA HIS C 256 19.84 0.07 -30.09
C HIS C 256 18.40 -0.40 -29.83
N PRO C 257 17.79 -1.12 -30.78
CA PRO C 257 16.39 -1.52 -30.66
C PRO C 257 16.17 -2.66 -29.67
N GLY C 258 17.26 -3.22 -29.14
CA GLY C 258 17.19 -4.38 -28.28
C GLY C 258 17.05 -4.07 -26.80
N ILE C 259 17.24 -2.81 -26.43
CA ILE C 259 17.05 -2.43 -25.03
C ILE C 259 15.56 -2.25 -24.75
N SER C 260 15.18 -2.27 -23.48
CA SER C 260 13.78 -2.09 -23.12
C SER C 260 13.59 -0.75 -22.44
N ALA C 261 14.66 -0.20 -21.89
CA ALA C 261 14.58 1.07 -21.18
C ALA C 261 15.93 1.77 -21.20
N LEU C 262 15.89 3.09 -21.02
CA LEU C 262 17.12 3.86 -20.84
C LEU C 262 16.93 4.74 -19.60
N THR C 263 17.75 4.49 -18.58
CA THR C 263 17.78 5.37 -17.41
C THR C 263 19.08 6.16 -17.45
N PHE C 264 18.98 7.44 -17.10
CA PHE C 264 20.06 8.40 -17.34
C PHE C 264 20.10 9.48 -16.28
N THR C 265 21.29 9.81 -15.81
CA THR C 265 21.50 10.98 -14.98
C THR C 265 22.58 11.81 -15.64
N GLY C 266 22.33 13.10 -15.80
CA GLY C 266 23.32 13.98 -16.42
C GLY C 266 22.73 15.29 -16.81
N GLU C 267 23.23 15.87 -17.90
CA GLU C 267 22.82 17.21 -18.33
C GLU C 267 21.42 17.19 -18.96
N SER C 268 20.64 18.22 -18.69
CA SER C 268 19.26 18.30 -19.19
C SER C 268 19.19 18.18 -20.72
N LYS C 269 20.01 18.95 -21.43
CA LYS C 269 19.96 18.88 -22.91
C LYS C 269 20.31 17.47 -23.43
N THR C 270 21.15 16.73 -22.69
CA THR C 270 21.46 15.35 -23.05
C THR C 270 20.26 14.44 -22.83
N GLY C 271 19.52 14.72 -21.76
CA GLY C 271 18.25 14.02 -21.54
C GLY C 271 17.32 14.17 -22.74
N SER C 272 17.18 15.39 -23.25
CA SER C 272 16.32 15.63 -24.40
C SER C 272 16.82 14.84 -25.61
N THR C 273 18.15 14.80 -25.77
CA THR C 273 18.73 14.09 -26.91
C THR C 273 18.42 12.60 -26.83
N ILE C 274 18.57 12.04 -25.64
CA ILE C 274 18.32 10.62 -25.44
C ILE C 274 16.83 10.28 -25.61
N MET C 275 15.96 11.20 -25.19
CA MET C 275 14.51 11.00 -25.31
C MET C 275 14.10 10.90 -26.78
N LYS C 276 14.71 11.73 -27.62
CA LYS C 276 14.48 11.66 -29.06
C LYS C 276 15.04 10.37 -29.66
N ALA C 277 16.21 9.96 -29.17
CA ALA C 277 16.90 8.77 -29.70
C ALA C 277 16.13 7.46 -29.48
N VAL C 278 15.46 7.33 -28.34
CA VAL C 278 14.74 6.10 -28.03
C VAL C 278 13.28 6.15 -28.50
N ALA C 279 12.88 7.28 -29.07
CA ALA C 279 11.47 7.53 -29.37
C ALA C 279 10.85 6.56 -30.38
N ASP C 280 11.61 6.21 -31.42
CA ASP C 280 11.10 5.32 -32.47
C ASP C 280 10.82 3.93 -31.93
N GLY C 281 11.48 3.57 -30.84
CA GLY C 281 11.21 2.31 -30.18
C GLY C 281 10.23 2.44 -29.01
N VAL C 282 9.79 3.65 -28.70
CA VAL C 282 8.94 3.91 -27.53
C VAL C 282 9.52 3.26 -26.26
N LYS C 283 10.81 3.43 -26.04
CA LYS C 283 11.45 2.82 -24.87
C LYS C 283 11.02 3.53 -23.61
N GLU C 284 10.91 2.79 -22.51
CA GLU C 284 10.67 3.41 -21.21
C GLU C 284 11.87 4.28 -20.86
N VAL C 285 11.64 5.45 -20.27
CA VAL C 285 12.73 6.34 -19.91
C VAL C 285 12.58 6.87 -18.49
N SER C 286 13.71 7.18 -17.87
CA SER C 286 13.73 7.76 -16.53
C SER C 286 14.94 8.68 -16.49
N PHE C 287 14.73 9.96 -16.22
CA PHE C 287 15.80 10.96 -16.30
C PHE C 287 15.90 11.78 -15.03
N GLU C 288 17.11 11.95 -14.52
CA GLU C 288 17.39 12.97 -13.52
C GLU C 288 18.43 13.92 -14.13
N LEU C 289 18.08 15.20 -14.20
CA LEU C 289 18.76 16.13 -15.11
C LEU C 289 19.36 17.40 -14.46
N GLY C 290 19.71 17.33 -13.19
CA GLY C 290 20.37 18.49 -12.58
C GLY C 290 19.43 19.67 -12.44
N GLY C 291 19.94 20.85 -12.12
CA GLY C 291 19.08 21.98 -11.85
C GLY C 291 19.80 23.24 -11.44
N LYS C 292 19.04 24.16 -10.86
CA LYS C 292 19.63 25.40 -10.34
C LYS C 292 18.97 25.62 -8.98
N ASN C 293 19.40 24.82 -8.01
CA ASN C 293 18.67 24.70 -6.75
C ASN C 293 18.89 25.84 -5.81
N ALA C 294 17.85 26.17 -5.05
CA ALA C 294 17.92 27.23 -4.07
C ALA C 294 18.00 26.70 -2.64
N ALA C 295 18.69 27.43 -1.78
CA ALA C 295 18.56 27.24 -0.35
C ALA C 295 17.89 28.50 0.16
N VAL C 296 16.98 28.35 1.13
CA VAL C 296 16.28 29.50 1.67
C VAL C 296 16.51 29.53 3.17
N VAL C 297 16.95 30.67 3.68
CA VAL C 297 17.22 30.81 5.11
C VAL C 297 16.30 31.89 5.68
N PHE C 298 15.31 31.47 6.46
CA PHE C 298 14.36 32.41 7.05
C PHE C 298 14.95 33.03 8.29
N ALA C 299 14.37 34.14 8.73
CA ALA C 299 14.91 34.87 9.87
C ALA C 299 14.85 34.05 11.15
N ASP C 300 13.98 33.05 11.19
CA ASP C 300 13.85 32.22 12.39
C ASP C 300 14.70 30.94 12.32
N ALA C 301 15.55 30.84 11.31
CA ALA C 301 16.48 29.70 11.22
C ALA C 301 17.50 29.71 12.35
N ASP C 302 18.00 28.52 12.68
CA ASP C 302 19.22 28.39 13.50
C ASP C 302 20.35 28.86 12.59
N LEU C 303 20.84 30.07 12.83
CA LEU C 303 21.79 30.70 11.90
C LEU C 303 23.09 29.93 11.72
N ASP C 304 23.69 29.45 12.82
CA ASP C 304 24.92 28.66 12.73
C ASP C 304 24.71 27.35 11.94
N ALA C 305 23.57 26.72 12.18
CA ALA C 305 23.22 25.49 11.48
C ALA C 305 23.03 25.76 9.99
N ALA C 306 22.41 26.90 9.69
CA ALA C 306 22.13 27.29 8.28
C ALA C 306 23.42 27.60 7.53
N ILE C 307 24.33 28.28 8.22
CA ILE C 307 25.63 28.57 7.62
C ILE C 307 26.38 27.29 7.29
N GLU C 308 26.46 26.37 8.25
CA GLU C 308 27.13 25.10 8.01
C GLU C 308 26.40 24.30 6.93
N GLY C 309 25.07 24.33 6.99
CA GLY C 309 24.22 23.66 6.02
C GLY C 309 24.45 24.13 4.60
N VAL C 310 24.55 25.44 4.41
CA VAL C 310 24.73 26.01 3.09
C VAL C 310 26.19 25.86 2.60
N LEU C 311 27.14 25.82 3.55
CA LEU C 311 28.50 25.46 3.21
C LEU C 311 28.52 24.06 2.59
N ARG C 312 27.83 23.12 3.22
CA ARG C 312 27.72 21.76 2.68
C ARG C 312 27.00 21.75 1.33
N SER C 313 25.85 22.41 1.27
CA SER C 313 25.04 22.31 0.06
C SER C 313 25.65 23.03 -1.14
N SER C 314 26.58 23.97 -0.90
CA SER C 314 27.21 24.69 -2.01
C SER C 314 28.54 24.09 -2.47
N PHE C 315 29.29 23.48 -1.55
CA PHE C 315 30.68 23.10 -1.83
C PHE C 315 31.00 21.61 -1.75
N THR C 316 30.03 20.78 -1.33
CA THR C 316 30.22 19.33 -1.31
C THR C 316 30.63 18.85 -2.70
N ASN C 317 31.62 17.96 -2.75
CA ASN C 317 32.18 17.44 -4.01
C ASN C 317 32.59 18.58 -4.95
N SER C 318 33.12 19.65 -4.36
CA SER C 318 33.47 20.87 -5.07
C SER C 318 32.29 21.45 -5.88
N GLY C 319 31.08 21.35 -5.31
CA GLY C 319 29.90 21.89 -5.94
C GLY C 319 29.43 21.07 -7.14
N GLN C 320 30.01 19.89 -7.31
CA GLN C 320 29.68 19.03 -8.44
C GLN C 320 28.68 17.95 -8.04
N VAL C 321 27.51 18.38 -7.58
CA VAL C 321 26.37 17.47 -7.37
C VAL C 321 25.14 18.17 -7.96
N CYS C 322 24.25 17.41 -8.59
CA CYS C 322 23.06 17.98 -9.17
C CYS C 322 22.21 18.70 -8.12
N LEU C 323 22.32 18.26 -6.87
CA LEU C 323 21.48 18.78 -5.78
C LEU C 323 22.06 20.03 -5.11
N CYS C 324 23.29 20.42 -5.49
CA CYS C 324 23.92 21.57 -4.84
C CYS C 324 23.14 22.88 -4.97
N SER C 325 23.25 23.73 -3.94
CA SER C 325 22.60 25.04 -3.96
C SER C 325 23.48 26.08 -4.62
N GLU C 326 23.12 26.51 -5.83
CA GLU C 326 23.86 27.57 -6.48
C GLU C 326 23.16 28.93 -6.32
N ARG C 327 21.92 28.90 -5.83
CA ARG C 327 21.23 30.13 -5.45
C ARG C 327 20.89 30.03 -3.97
N VAL C 328 21.06 31.15 -3.26
CA VAL C 328 20.74 31.20 -1.83
C VAL C 328 19.97 32.48 -1.53
N TYR C 329 18.86 32.33 -0.81
CA TYR C 329 18.02 33.47 -0.43
C TYR C 329 18.01 33.56 1.08
N VAL C 330 18.35 34.73 1.62
CA VAL C 330 18.49 34.86 3.06
C VAL C 330 17.65 36.06 3.50
N HIS C 331 16.88 35.90 4.56
CA HIS C 331 16.07 37.03 5.03
C HIS C 331 16.97 38.21 5.42
N ARG C 332 16.54 39.40 5.03
CA ARG C 332 17.39 40.58 5.15
C ARG C 332 17.87 40.88 6.55
N SER C 333 17.12 40.43 7.57
CA SER C 333 17.51 40.67 8.96
C SER C 333 18.76 39.91 9.37
N ILE C 334 19.08 38.83 8.64
CA ILE C 334 20.26 38.04 8.97
C ILE C 334 21.19 37.93 7.77
N PHE C 335 20.92 38.70 6.72
CA PHE C 335 21.68 38.61 5.48
C PHE C 335 23.18 38.89 5.68
N ASP C 336 23.50 40.03 6.30
CA ASP C 336 24.91 40.43 6.44
C ASP C 336 25.65 39.45 7.32
N GLU C 337 25.01 39.04 8.40
CA GLU C 337 25.61 38.08 9.33
C GLU C 337 25.82 36.72 8.66
N PHE C 338 24.86 36.29 7.85
CA PHE C 338 24.96 35.00 7.17
C PHE C 338 26.13 35.02 6.19
N VAL C 339 26.19 36.06 5.36
CA VAL C 339 27.20 36.15 4.31
C VAL C 339 28.59 36.24 4.94
N SER C 340 28.72 37.02 6.02
CA SER C 340 29.99 37.10 6.73
C SER C 340 30.40 35.75 7.29
N GLY C 341 29.45 35.03 7.90
CA GLY C 341 29.76 33.75 8.49
C GLY C 341 30.13 32.71 7.44
N LEU C 342 29.42 32.72 6.32
CA LEU C 342 29.70 31.76 5.25
C LEU C 342 31.05 32.04 4.61
N LYS C 343 31.37 33.32 4.44
CA LYS C 343 32.67 33.71 3.89
C LYS C 343 33.80 33.15 4.74
N VAL C 344 33.67 33.28 6.05
CA VAL C 344 34.67 32.78 6.98
C VAL C 344 34.82 31.27 6.88
N GLU C 345 33.71 30.56 6.83
CA GLU C 345 33.77 29.11 6.75
C GLU C 345 34.28 28.65 5.39
N ALA C 346 33.92 29.36 4.32
CA ALA C 346 34.38 28.97 2.98
C ALA C 346 35.90 29.15 2.91
N GLU C 347 36.39 30.21 3.53
CA GLU C 347 37.82 30.49 3.49
C GLU C 347 38.63 29.59 4.43
N ARG C 348 37.94 28.83 5.29
CA ARG C 348 38.60 27.84 6.13
C ARG C 348 38.72 26.49 5.42
N LEU C 349 37.99 26.31 4.33
CA LEU C 349 38.04 25.05 3.60
C LEU C 349 39.44 24.81 3.07
N VAL C 350 39.97 23.61 3.35
CA VAL C 350 41.26 23.24 2.80
C VAL C 350 41.04 22.61 1.43
N VAL C 351 41.61 23.24 0.40
CA VAL C 351 41.51 22.73 -0.96
C VAL C 351 42.83 22.06 -1.33
N GLY C 352 42.80 20.77 -1.67
CA GLY C 352 44.06 20.09 -1.98
C GLY C 352 43.96 18.64 -2.35
N TYR C 353 44.96 17.87 -1.91
CA TYR C 353 45.10 16.45 -2.23
C TYR C 353 44.09 15.59 -1.49
N PRO C 354 43.63 14.50 -2.14
CA PRO C 354 42.61 13.67 -1.50
C PRO C 354 43.05 13.04 -0.17
N ASP C 355 44.35 12.85 0.03
CA ASP C 355 44.89 12.27 1.26
C ASP C 355 45.56 13.31 2.17
N GLN C 356 45.37 14.58 1.83
CA GLN C 356 45.94 15.68 2.60
C GLN C 356 45.25 15.81 3.94
N ASP C 357 46.04 16.01 5.00
CA ASP C 357 45.50 16.20 6.34
C ASP C 357 44.52 17.37 6.36
N GLY C 358 43.27 17.09 6.72
CA GLY C 358 42.26 18.13 6.86
C GLY C 358 41.62 18.63 5.58
N VAL C 359 41.85 17.94 4.46
CA VAL C 359 41.33 18.41 3.18
C VAL C 359 39.79 18.40 3.15
N ASN C 360 39.20 19.43 2.56
CA ASN C 360 37.74 19.51 2.45
C ASN C 360 37.26 19.43 1.02
N MET C 361 38.10 19.88 0.08
CA MET C 361 37.71 20.00 -1.32
C MET C 361 38.83 19.56 -2.22
N GLY C 362 38.47 18.78 -3.24
CA GLY C 362 39.42 18.41 -4.28
C GLY C 362 39.18 19.29 -5.49
N PRO C 363 39.76 18.90 -6.64
CA PRO C 363 39.61 19.68 -7.86
C PRO C 363 38.25 19.42 -8.49
N LEU C 364 38.03 20.09 -9.61
CA LEU C 364 36.91 19.80 -10.50
C LEU C 364 37.28 18.54 -11.26
N ILE C 365 36.31 17.97 -11.99
CA ILE C 365 36.51 16.66 -12.59
C ILE C 365 37.56 16.65 -13.71
N SER C 366 37.65 17.77 -14.43
CA SER C 366 38.47 17.82 -15.65
C SER C 366 38.86 19.23 -15.98
N HIS C 367 39.90 19.40 -16.79
CA HIS C 367 40.28 20.71 -17.26
C HIS C 367 39.16 21.35 -18.06
N GLY C 368 38.45 20.53 -18.82
CA GLY C 368 37.37 21.02 -19.66
C GLY C 368 36.22 21.54 -18.82
N HIS C 369 35.89 20.83 -17.75
CA HIS C 369 34.85 21.32 -16.87
C HIS C 369 35.30 22.60 -16.18
N ARG C 370 36.57 22.65 -15.77
CA ARG C 370 37.09 23.88 -15.19
C ARG C 370 36.96 25.07 -16.14
N ASP C 371 37.21 24.83 -17.43
CA ASP C 371 37.01 25.87 -18.44
C ASP C 371 35.59 26.44 -18.40
N LYS C 372 34.58 25.57 -18.24
CA LYS C 372 33.21 26.04 -18.16
C LYS C 372 33.00 26.85 -16.89
N VAL C 373 33.46 26.31 -15.77
CA VAL C 373 33.25 26.96 -14.48
C VAL C 373 33.93 28.33 -14.47
N LEU C 374 35.18 28.40 -14.91
CA LEU C 374 35.86 29.69 -14.98
C LEU C 374 35.19 30.68 -15.93
N SER C 375 34.57 30.17 -17.00
CA SER C 375 33.80 31.03 -17.90
C SER C 375 32.68 31.71 -17.15
N TYR C 376 32.04 30.96 -16.25
CA TYR C 376 31.00 31.54 -15.40
C TYR C 376 31.56 32.48 -14.34
N TYR C 377 32.75 32.18 -13.82
CA TYR C 377 33.37 33.09 -12.86
C TYR C 377 33.58 34.46 -13.50
N ARG C 378 34.02 34.46 -14.75
CA ARG C 378 34.23 35.71 -15.48
C ARG C 378 32.91 36.41 -15.80
N LEU C 379 31.94 35.64 -16.25
CA LEU C 379 30.63 36.17 -16.58
C LEU C 379 30.01 36.86 -15.37
N ALA C 380 30.19 36.28 -14.18
CA ALA C 380 29.59 36.86 -12.97
C ALA C 380 30.10 38.28 -12.75
N VAL C 381 31.40 38.46 -12.92
CA VAL C 381 32.01 39.76 -12.72
C VAL C 381 31.45 40.75 -13.75
N ASP C 382 31.40 40.31 -15.00
CA ASP C 382 30.82 41.13 -16.07
C ASP C 382 29.34 41.45 -15.83
N GLU C 383 28.64 40.57 -15.11
CA GLU C 383 27.22 40.80 -14.85
C GLU C 383 26.99 41.69 -13.64
N GLY C 384 28.08 42.11 -12.99
CA GLY C 384 28.00 43.06 -11.90
C GLY C 384 28.08 42.46 -10.51
N ALA C 385 28.46 41.20 -10.43
CA ALA C 385 28.59 40.52 -9.15
C ALA C 385 29.67 41.12 -8.27
N THR C 386 29.40 41.18 -6.98
CA THR C 386 30.44 41.34 -5.97
C THR C 386 30.98 39.97 -5.61
N VAL C 387 32.30 39.80 -5.71
CA VAL C 387 32.92 38.53 -5.34
C VAL C 387 33.26 38.55 -3.86
N VAL C 388 32.43 37.88 -3.08
CA VAL C 388 32.61 37.84 -1.63
C VAL C 388 33.85 37.04 -1.28
N THR C 389 34.05 35.91 -1.94
CA THR C 389 35.25 35.10 -1.77
C THR C 389 35.51 34.27 -3.02
N GLY C 390 36.76 33.85 -3.20
CA GLY C 390 37.13 33.00 -4.32
C GLY C 390 37.14 33.77 -5.63
N GLY C 391 36.61 33.16 -6.68
CA GLY C 391 36.52 33.82 -7.96
C GLY C 391 37.61 33.46 -8.94
N GLY C 392 38.53 32.58 -8.54
CA GLY C 392 39.60 32.17 -9.44
C GLY C 392 40.15 30.78 -9.14
N VAL C 393 41.42 30.56 -9.46
CA VAL C 393 42.05 29.29 -9.16
C VAL C 393 43.15 29.50 -8.12
N PRO C 394 43.29 28.56 -7.18
CA PRO C 394 44.35 28.70 -6.16
C PRO C 394 45.72 28.50 -6.80
N LYS C 395 46.75 29.07 -6.18
CA LYS C 395 48.12 28.84 -6.64
C LYS C 395 48.82 27.96 -5.63
N PHE C 396 49.12 26.72 -6.02
CA PHE C 396 49.69 25.76 -5.08
C PHE C 396 51.21 25.68 -5.16
N ASN C 397 51.76 26.13 -6.29
CA ASN C 397 53.18 25.99 -6.56
C ASN C 397 53.66 24.53 -6.47
N ASP C 398 52.83 23.61 -6.95
CA ASP C 398 53.22 22.21 -7.07
C ASP C 398 52.39 21.53 -8.16
N GLU C 399 52.39 20.21 -8.20
CA GLU C 399 51.74 19.48 -9.30
C GLU C 399 50.24 19.74 -9.37
N ARG C 400 49.63 20.20 -8.27
CA ARG C 400 48.20 20.52 -8.30
C ARG C 400 47.90 21.64 -9.29
N ASP C 401 48.90 22.46 -9.60
CA ASP C 401 48.71 23.51 -10.59
C ASP C 401 48.52 22.95 -12.00
N GLN C 402 48.88 21.69 -12.20
CA GLN C 402 48.64 21.02 -13.48
C GLN C 402 47.27 20.35 -13.48
N GLY C 403 46.58 20.43 -12.35
CA GLY C 403 45.27 19.83 -12.20
C GLY C 403 44.15 20.80 -12.55
N ALA C 404 42.96 20.55 -12.00
CA ALA C 404 41.77 21.29 -12.40
C ALA C 404 41.06 21.94 -11.22
N TYR C 405 41.84 22.54 -10.33
CA TYR C 405 41.29 23.19 -9.14
C TYR C 405 40.68 24.55 -9.41
N VAL C 406 39.63 24.88 -8.65
CA VAL C 406 39.13 26.25 -8.57
C VAL C 406 38.83 26.54 -7.11
N GLN C 407 38.68 27.82 -6.79
CA GLN C 407 38.37 28.24 -5.43
C GLN C 407 36.87 28.18 -5.16
N PRO C 408 36.49 27.82 -3.93
CA PRO C 408 35.09 27.96 -3.53
C PRO C 408 34.75 29.45 -3.59
N THR C 409 33.59 29.76 -4.15
CA THR C 409 33.25 31.11 -4.54
C THR C 409 31.85 31.52 -4.07
N ILE C 410 31.73 32.76 -3.60
CA ILE C 410 30.44 33.32 -3.19
C ILE C 410 30.23 34.69 -3.89
N TRP C 411 29.08 34.87 -4.52
CA TRP C 411 28.73 36.14 -5.13
C TRP C 411 27.55 36.78 -4.43
N THR C 412 27.46 38.10 -4.51
CA THR C 412 26.22 38.80 -4.17
C THR C 412 26.02 39.87 -5.24
N GLY C 413 24.85 40.50 -5.23
CA GLY C 413 24.60 41.67 -6.04
C GLY C 413 24.03 41.46 -7.44
N LEU C 414 23.69 40.23 -7.80
CA LEU C 414 23.13 39.96 -9.12
C LEU C 414 21.59 39.94 -9.14
N SER C 415 21.03 40.27 -10.30
CA SER C 415 19.59 40.19 -10.53
C SER C 415 19.14 38.73 -10.61
N ASP C 416 17.88 38.45 -10.28
CA ASP C 416 17.33 37.10 -10.41
C ASP C 416 17.36 36.61 -11.86
N LYS C 417 17.53 37.53 -12.79
CA LYS C 417 17.54 37.18 -14.21
C LYS C 417 18.95 37.02 -14.79
N ALA C 418 19.97 37.29 -13.97
CA ALA C 418 21.36 37.12 -14.40
C ALA C 418 21.67 35.68 -14.82
N ARG C 419 22.48 35.51 -15.85
CA ARG C 419 22.80 34.18 -16.36
C ARG C 419 23.44 33.31 -15.28
N CYS C 420 24.24 33.93 -14.41
CA CYS C 420 24.97 33.20 -13.39
C CYS C 420 24.04 32.74 -12.26
N VAL C 421 22.82 33.29 -12.24
CA VAL C 421 21.83 32.94 -11.23
C VAL C 421 20.78 31.99 -11.83
N THR C 422 20.80 31.82 -13.15
CA THR C 422 19.77 31.00 -13.80
C THR C 422 20.29 29.72 -14.48
N GLU C 423 21.57 29.70 -14.85
CA GLU C 423 22.14 28.57 -15.57
C GLU C 423 22.98 27.70 -14.65
N GLU C 424 22.84 26.38 -14.76
CA GLU C 424 23.60 25.44 -13.93
C GLU C 424 25.12 25.54 -14.23
N ILE C 425 25.91 25.82 -13.20
CA ILE C 425 27.37 25.94 -13.37
C ILE C 425 28.05 24.61 -13.02
N PHE C 426 27.54 23.97 -11.98
CA PHE C 426 28.07 22.69 -11.49
C PHE C 426 29.50 22.89 -10.96
N GLY C 427 29.69 23.99 -10.24
CA GLY C 427 30.96 24.26 -9.58
C GLY C 427 30.70 24.66 -8.14
N PRO C 428 31.77 24.93 -7.40
CA PRO C 428 31.66 25.21 -5.96
C PRO C 428 31.34 26.68 -5.76
N VAL C 429 30.10 27.04 -6.09
CA VAL C 429 29.73 28.44 -6.10
C VAL C 429 28.28 28.64 -5.66
N CYS C 430 28.00 29.76 -5.01
CA CYS C 430 26.64 30.17 -4.78
C CYS C 430 26.51 31.68 -4.86
N HIS C 431 25.36 32.13 -5.34
CA HIS C 431 25.00 33.54 -5.24
C HIS C 431 24.01 33.73 -4.10
N ILE C 432 24.21 34.74 -3.28
CA ILE C 432 23.33 34.97 -2.15
C ILE C 432 22.55 36.27 -2.33
N SER C 433 21.23 36.20 -2.15
CA SER C 433 20.39 37.37 -2.33
C SER C 433 19.46 37.54 -1.13
N PRO C 434 19.21 38.78 -0.70
CA PRO C 434 18.30 38.94 0.42
C PRO C 434 16.84 38.82 -0.03
N PHE C 435 15.93 38.53 0.89
CA PHE C 435 14.50 38.58 0.60
C PHE C 435 13.79 39.09 1.85
N ASP C 436 12.53 39.48 1.69
CA ASP C 436 11.77 40.09 2.76
C ASP C 436 10.56 39.25 3.17
N ASP C 437 9.83 38.74 2.18
CA ASP C 437 8.55 38.09 2.41
C ASP C 437 8.59 36.62 2.03
N GLU C 438 7.74 35.83 2.68
CA GLU C 438 7.67 34.40 2.40
C GLU C 438 7.10 34.12 1.00
N ASP C 439 6.01 34.80 0.64
CA ASP C 439 5.44 34.54 -0.68
C ASP C 439 6.40 34.97 -1.78
N GLU C 440 7.11 36.08 -1.54
CA GLU C 440 8.14 36.57 -2.45
C GLU C 440 9.22 35.50 -2.72
N VAL C 441 9.78 34.94 -1.64
CA VAL C 441 10.90 34.03 -1.82
C VAL C 441 10.44 32.71 -2.48
N ILE C 442 9.21 32.29 -2.21
CA ILE C 442 8.65 31.10 -2.85
C ILE C 442 8.60 31.29 -4.37
N ASN C 443 8.12 32.44 -4.80
CA ASN C 443 8.04 32.74 -6.22
C ASN C 443 9.42 32.85 -6.88
N ARG C 444 10.38 33.43 -6.16
CA ARG C 444 11.73 33.56 -6.69
C ARG C 444 12.44 32.19 -6.83
N VAL C 445 12.25 31.34 -5.82
CA VAL C 445 12.71 29.96 -5.92
C VAL C 445 12.12 29.24 -7.14
N ASN C 446 10.80 29.39 -7.31
CA ASN C 446 10.08 28.67 -8.37
C ASN C 446 10.28 29.28 -9.76
N ASP C 447 10.81 30.49 -9.81
CA ASP C 447 11.05 31.18 -11.09
C ASP C 447 12.31 30.64 -11.76
N SER C 448 12.16 29.47 -12.36
CA SER C 448 13.29 28.72 -12.88
C SER C 448 12.77 27.68 -13.87
N ASN C 449 13.55 27.39 -14.90
CA ASN C 449 13.19 26.30 -15.83
C ASN C 449 13.59 24.95 -15.27
N TYR C 450 14.28 24.97 -14.15
CA TYR C 450 14.67 23.75 -13.45
C TYR C 450 13.79 23.55 -12.22
N GLY C 451 13.84 22.37 -11.63
CA GLY C 451 13.09 22.11 -10.41
C GLY C 451 13.48 20.80 -9.76
N LEU C 452 14.73 20.70 -9.33
CA LEU C 452 15.22 19.45 -8.77
C LEU C 452 15.02 19.42 -7.25
N ALA C 453 15.75 20.29 -6.56
CA ALA C 453 15.72 20.26 -5.09
C ALA C 453 15.73 21.65 -4.47
N CYS C 454 15.33 21.72 -3.20
CA CYS C 454 15.42 22.96 -2.43
C CYS C 454 15.70 22.62 -0.98
N ALA C 455 16.51 23.44 -0.31
CA ALA C 455 16.75 23.28 1.12
C ALA C 455 16.19 24.52 1.83
N ILE C 456 15.43 24.33 2.88
CA ILE C 456 14.80 25.45 3.58
C ILE C 456 15.26 25.39 5.01
N TRP C 457 15.63 26.53 5.56
CA TRP C 457 16.08 26.61 6.95
C TRP C 457 15.12 27.49 7.77
N THR C 458 14.42 26.85 8.71
CA THR C 458 13.45 27.53 9.57
C THR C 458 13.18 26.67 10.80
N THR C 459 12.93 27.31 11.94
CA THR C 459 12.56 26.56 13.13
C THR C 459 11.06 26.58 13.38
N ASN C 460 10.32 27.23 12.49
CA ASN C 460 8.87 27.34 12.65
C ASN C 460 8.10 26.16 12.04
N LEU C 461 7.24 25.54 12.85
CA LEU C 461 6.51 24.35 12.42
C LEU C 461 5.60 24.61 11.20
N SER C 462 4.73 25.61 11.30
CA SER C 462 3.80 25.88 10.21
C SER C 462 4.56 26.29 8.96
N ARG C 463 5.55 27.16 9.13
CA ARG C 463 6.33 27.63 7.99
C ARG C 463 6.99 26.49 7.22
N ALA C 464 7.63 25.58 7.96
CA ALA C 464 8.27 24.43 7.30
C ALA C 464 7.31 23.67 6.37
N HIS C 465 6.14 23.32 6.90
CA HIS C 465 5.24 22.51 6.10
C HIS C 465 4.52 23.31 5.02
N ARG C 466 4.18 24.55 5.34
CA ARG C 466 3.49 25.45 4.40
C ARG C 466 4.37 25.78 3.21
N VAL C 467 5.60 26.16 3.50
CA VAL C 467 6.53 26.57 2.43
C VAL C 467 7.00 25.38 1.61
N SER C 468 7.35 24.28 2.28
CA SER C 468 7.89 23.12 1.59
C SER C 468 6.92 22.62 0.53
N ARG C 469 5.63 22.61 0.82
CA ARG C 469 4.67 22.09 -0.15
C ARG C 469 4.49 23.01 -1.37
N GLN C 470 4.89 24.28 -1.24
CA GLN C 470 4.74 25.25 -2.33
C GLN C 470 5.93 25.34 -3.29
N ILE C 471 7.04 24.68 -2.95
CA ILE C 471 8.23 24.70 -3.79
C ILE C 471 8.10 23.71 -4.91
N HIS C 472 8.27 24.19 -6.14
CA HIS C 472 8.04 23.34 -7.30
C HIS C 472 9.29 22.54 -7.66
N VAL C 473 9.57 21.51 -6.85
CA VAL C 473 10.73 20.66 -7.06
C VAL C 473 10.38 19.23 -6.69
N GLY C 474 11.26 18.29 -6.97
CA GLY C 474 10.98 16.91 -6.62
C GLY C 474 11.33 16.62 -5.17
N LEU C 475 12.26 17.40 -4.63
CA LEU C 475 12.90 17.08 -3.35
C LEU C 475 13.08 18.32 -2.50
N VAL C 476 12.52 18.32 -1.29
CA VAL C 476 12.75 19.43 -0.37
C VAL C 476 13.40 18.87 0.90
N TRP C 477 14.41 19.56 1.40
CA TRP C 477 15.00 19.24 2.70
C TRP C 477 14.75 20.42 3.61
N VAL C 478 14.45 20.15 4.87
CA VAL C 478 14.23 21.22 5.83
C VAL C 478 15.23 21.04 6.96
N ASN C 479 16.06 22.06 7.18
CA ASN C 479 17.11 22.03 8.21
C ASN C 479 18.17 20.95 7.96
N THR C 480 18.33 20.59 6.70
CA THR C 480 19.40 19.67 6.30
C THR C 480 19.53 19.75 4.79
N TRP C 481 20.37 18.89 4.22
CA TRP C 481 20.56 18.81 2.78
C TRP C 481 21.18 17.46 2.39
N TYR C 482 20.68 16.89 1.30
CA TYR C 482 21.14 15.61 0.76
C TYR C 482 21.16 14.51 1.83
N LEU C 483 20.07 14.44 2.61
CA LEU C 483 19.85 13.35 3.55
C LEU C 483 18.97 12.37 2.79
N ARG C 484 19.44 11.15 2.60
CA ARG C 484 18.79 10.22 1.68
C ARG C 484 18.25 8.95 2.35
N ASP C 485 16.95 8.74 2.21
CA ASP C 485 16.32 7.48 2.54
C ASP C 485 16.04 6.83 1.18
N LEU C 486 16.66 5.68 0.91
CA LEU C 486 16.62 5.10 -0.43
C LEU C 486 15.24 4.59 -0.84
N ARG C 487 14.30 4.57 0.11
CA ARG C 487 12.93 4.13 -0.18
C ARG C 487 12.07 5.25 -0.78
N THR C 488 12.56 6.49 -0.69
CA THR C 488 11.74 7.65 -1.06
C THR C 488 11.80 7.95 -2.56
N PRO C 489 10.73 8.58 -3.11
CA PRO C 489 10.77 8.93 -4.54
C PRO C 489 11.79 10.04 -4.79
N PHE C 490 12.61 9.86 -5.82
CA PHE C 490 13.69 10.78 -6.12
C PHE C 490 13.63 11.19 -7.59
N GLY C 491 13.61 12.50 -7.84
CA GLY C 491 13.58 13.00 -9.20
C GLY C 491 13.22 14.47 -9.23
N GLY C 492 13.03 15.02 -10.43
CA GLY C 492 12.76 16.43 -10.55
C GLY C 492 11.56 16.74 -11.44
N VAL C 493 11.24 18.03 -11.52
CA VAL C 493 10.17 18.51 -12.38
C VAL C 493 10.77 19.44 -13.42
N LYS C 494 9.95 19.89 -14.35
CA LYS C 494 10.39 20.81 -15.40
C LYS C 494 11.62 20.24 -16.14
N LEU C 495 12.65 21.04 -16.38
CA LEU C 495 13.82 20.51 -17.10
C LEU C 495 14.71 19.58 -16.26
N SER C 496 14.38 19.42 -14.98
CA SER C 496 15.20 18.62 -14.07
C SER C 496 14.90 17.13 -14.10
N GLY C 497 13.89 16.71 -14.86
CA GLY C 497 13.67 15.29 -14.95
C GLY C 497 12.34 14.82 -15.51
N LEU C 498 12.22 13.50 -15.54
CA LEU C 498 11.02 12.81 -15.98
C LEU C 498 11.02 11.54 -15.14
N GLY C 499 9.91 11.23 -14.48
CA GLY C 499 9.84 10.01 -13.68
C GLY C 499 10.42 10.15 -12.28
N ARG C 500 10.22 9.12 -11.47
CA ARG C 500 10.85 9.01 -10.15
C ARG C 500 11.52 7.67 -9.98
N GLU C 501 12.62 7.65 -9.24
CA GLU C 501 13.24 6.39 -8.84
C GLU C 501 13.33 6.39 -7.32
N GLY C 502 13.75 5.25 -6.78
CA GLY C 502 13.80 5.04 -5.34
C GLY C 502 12.64 4.19 -4.89
N GLY C 503 12.87 3.33 -3.90
CA GLY C 503 11.81 2.51 -3.34
C GLY C 503 10.91 1.85 -4.37
N ARG C 504 9.60 1.99 -4.15
CA ARG C 504 8.62 1.39 -5.04
C ARG C 504 8.66 1.97 -6.45
N PHE C 505 9.17 3.18 -6.58
CA PHE C 505 9.20 3.83 -7.89
C PHE C 505 10.23 3.16 -8.79
N SER C 506 11.32 2.70 -8.20
CA SER C 506 12.30 1.91 -8.94
C SER C 506 11.75 0.51 -9.20
N MET C 507 11.10 -0.08 -8.20
CA MET C 507 10.51 -1.40 -8.39
C MET C 507 9.50 -1.39 -9.54
N ASP C 508 8.74 -0.30 -9.67
CA ASP C 508 7.83 -0.11 -10.80
C ASP C 508 8.55 0.18 -12.11
N PHE C 509 9.50 1.12 -12.10
CA PHE C 509 10.16 1.50 -13.36
C PHE C 509 10.95 0.37 -14.00
N TYR C 510 11.66 -0.41 -13.19
CA TYR C 510 12.54 -1.44 -13.73
C TYR C 510 11.78 -2.74 -13.91
N SER C 511 10.44 -2.65 -13.83
CA SER C 511 9.60 -3.83 -14.04
C SER C 511 8.54 -3.64 -15.10
N ASP C 512 8.22 -4.74 -15.79
CA ASP C 512 6.97 -4.82 -16.55
C ASP C 512 5.88 -5.01 -15.50
N ILE C 513 4.87 -4.14 -15.51
CA ILE C 513 3.71 -4.31 -14.68
C ILE C 513 2.64 -4.91 -15.57
N ALA C 514 2.24 -6.15 -15.29
CA ALA C 514 1.21 -6.79 -16.10
C ALA C 514 -0.05 -7.02 -15.27
N ASN C 515 -1.19 -6.82 -15.89
CA ASN C 515 -2.48 -7.12 -15.26
C ASN C 515 -3.05 -8.39 -15.87
N ILE C 516 -3.42 -9.33 -15.02
CA ILE C 516 -3.96 -10.60 -15.47
C ILE C 516 -5.39 -10.69 -14.93
N CYS C 517 -6.34 -10.82 -15.84
CA CYS C 517 -7.76 -10.83 -15.47
C CYS C 517 -8.36 -12.20 -15.74
N ILE C 518 -8.84 -12.85 -14.69
CA ILE C 518 -9.44 -14.19 -14.78
C ILE C 518 -10.95 -14.10 -14.62
N LYS C 519 -11.70 -14.47 -15.65
CA LYS C 519 -13.16 -14.56 -15.54
C LYS C 519 -13.49 -15.88 -14.85
N ILE C 520 -14.29 -15.84 -13.79
CA ILE C 520 -14.58 -17.06 -13.02
C ILE C 520 -15.86 -17.73 -13.52
N SER D 38 20.96 -33.34 31.59
CA SER D 38 20.79 -32.03 30.95
C SER D 38 19.86 -31.15 31.77
N GLN D 39 20.20 -29.87 31.91
CA GLN D 39 19.35 -28.95 32.65
C GLN D 39 18.99 -27.74 31.80
N LEU D 40 17.73 -27.35 31.86
CA LEU D 40 17.27 -26.20 31.09
C LEU D 40 16.87 -25.11 32.06
N LEU D 41 17.54 -23.97 31.98
CA LEU D 41 17.32 -22.88 32.91
C LEU D 41 16.46 -21.79 32.28
N ASN D 42 15.89 -20.93 33.11
CA ASN D 42 15.24 -19.73 32.62
C ASN D 42 16.32 -18.75 32.19
N TYR D 43 15.95 -17.79 31.36
CA TYR D 43 16.89 -16.74 30.98
C TYR D 43 16.19 -15.42 31.24
N ILE D 44 16.66 -14.73 32.28
CA ILE D 44 15.99 -13.54 32.79
C ILE D 44 17.02 -12.43 32.97
N ASP D 45 16.74 -11.30 32.33
CA ASP D 45 17.57 -10.10 32.44
C ASP D 45 19.04 -10.41 32.18
N GLY D 46 19.30 -11.14 31.11
CA GLY D 46 20.67 -11.42 30.70
C GLY D 46 21.35 -12.57 31.44
N ASN D 47 20.61 -13.26 32.31
CA ASN D 47 21.21 -14.36 33.09
C ASN D 47 20.39 -15.64 33.06
N PHE D 48 21.10 -16.76 32.94
CA PHE D 48 20.49 -18.09 33.14
C PHE D 48 20.30 -18.34 34.63
N VAL D 49 19.08 -18.68 35.02
CA VAL D 49 18.77 -18.88 36.42
C VAL D 49 17.94 -20.14 36.64
N THR D 50 18.17 -20.77 37.79
CA THR D 50 17.41 -21.95 38.18
C THR D 50 16.15 -21.51 38.92
N SER D 51 15.41 -22.48 39.45
CA SER D 51 14.21 -22.19 40.21
C SER D 51 14.10 -23.13 41.39
N ALA D 52 13.16 -22.85 42.29
CA ALA D 52 12.90 -23.73 43.42
C ALA D 52 12.28 -25.04 42.94
N SER D 53 11.53 -25.00 41.84
CA SER D 53 10.89 -26.18 41.30
C SER D 53 11.49 -26.59 39.96
N SER D 54 11.55 -27.88 39.70
CA SER D 54 11.96 -28.38 38.39
C SER D 54 11.07 -29.53 37.92
N PHE D 55 10.98 -29.74 36.62
CA PHE D 55 10.16 -30.82 36.09
C PHE D 55 10.88 -31.57 34.99
N ALA D 56 10.36 -32.74 34.67
CA ALA D 56 11.00 -33.63 33.72
C ALA D 56 10.63 -33.35 32.28
N ASN D 57 11.64 -33.40 31.42
CA ASN D 57 11.52 -33.32 29.99
C ASN D 57 11.77 -34.75 29.47
N ILE D 58 10.74 -35.38 28.90
CA ILE D 58 10.77 -36.81 28.58
C ILE D 58 10.82 -37.11 27.08
N ASN D 59 11.82 -37.84 26.61
CA ASN D 59 11.84 -38.25 25.21
C ASN D 59 10.65 -39.17 24.86
N PRO D 60 9.80 -38.76 23.90
CA PRO D 60 8.62 -39.59 23.57
C PRO D 60 8.95 -40.82 22.71
N VAL D 61 10.18 -40.93 22.24
CA VAL D 61 10.58 -42.10 21.46
C VAL D 61 10.70 -43.35 22.35
N ASN D 62 11.20 -43.15 23.56
CA ASN D 62 11.51 -44.27 24.46
C ASN D 62 11.10 -44.04 25.92
N GLY D 63 10.52 -42.88 26.20
CA GLY D 63 10.08 -42.58 27.56
C GLY D 63 11.20 -42.23 28.52
N LYS D 64 12.41 -42.04 28.00
CA LYS D 64 13.56 -41.68 28.82
C LYS D 64 13.60 -40.20 29.22
N LEU D 65 14.26 -39.92 30.33
CA LEU D 65 14.47 -38.54 30.79
C LEU D 65 15.51 -37.87 29.92
N ILE D 66 15.21 -36.66 29.45
CA ILE D 66 16.15 -35.87 28.65
C ILE D 66 16.78 -34.78 29.49
N SER D 67 15.94 -34.08 30.26
CA SER D 67 16.41 -32.94 31.03
C SER D 67 15.54 -32.59 32.22
N ASP D 68 16.15 -31.92 33.19
CA ASP D 68 15.42 -31.28 34.27
C ASP D 68 15.21 -29.84 33.81
N VAL D 69 13.98 -29.37 33.94
CA VAL D 69 13.63 -28.01 33.51
C VAL D 69 13.20 -27.17 34.69
N PHE D 70 13.80 -26.00 34.86
CA PHE D 70 13.42 -25.16 36.00
C PHE D 70 12.17 -24.33 35.75
N GLU D 71 11.17 -24.52 36.60
CA GLU D 71 9.88 -23.85 36.43
C GLU D 71 9.89 -22.47 37.08
N ALA D 72 9.74 -21.43 36.27
CA ALA D 72 9.69 -20.07 36.80
C ALA D 72 8.50 -19.90 37.73
N ASP D 73 8.71 -19.26 38.87
CA ASP D 73 7.58 -18.93 39.74
C ASP D 73 7.06 -17.52 39.46
N ALA D 74 6.03 -17.11 40.19
CA ALA D 74 5.46 -15.78 40.03
C ALA D 74 6.51 -14.68 40.20
N LYS D 75 7.42 -14.86 41.14
CA LYS D 75 8.45 -13.86 41.41
C LYS D 75 9.38 -13.69 40.21
N GLN D 76 9.71 -14.82 39.59
CA GLN D 76 10.62 -14.79 38.45
C GLN D 76 9.91 -14.23 37.21
N VAL D 77 8.64 -14.55 37.07
CA VAL D 77 7.87 -14.03 35.95
C VAL D 77 7.80 -12.51 36.07
N ASN D 78 7.57 -12.03 37.29
CA ASN D 78 7.61 -10.59 37.51
C ASN D 78 8.99 -10.01 37.22
N GLU D 79 10.03 -10.71 37.66
CA GLU D 79 11.40 -10.25 37.39
C GLU D 79 11.62 -10.13 35.87
N ALA D 80 11.11 -11.09 35.13
CA ALA D 80 11.26 -11.10 33.67
C ALA D 80 10.53 -9.92 33.01
N VAL D 81 9.28 -9.69 33.41
CA VAL D 81 8.50 -8.60 32.80
C VAL D 81 9.11 -7.25 33.12
N VAL D 82 9.53 -7.06 34.38
CA VAL D 82 10.15 -5.81 34.79
C VAL D 82 11.46 -5.57 34.03
N ALA D 83 12.24 -6.63 33.84
CA ALA D 83 13.48 -6.56 33.07
C ALA D 83 13.21 -6.14 31.62
N ALA D 84 12.13 -6.69 31.06
CA ALA D 84 11.74 -6.36 29.69
C ALA D 84 11.24 -4.91 29.59
N GLN D 85 10.51 -4.45 30.61
CA GLN D 85 10.05 -3.07 30.63
C GLN D 85 11.25 -2.13 30.68
N ASN D 86 12.23 -2.48 31.50
CA ASN D 86 13.41 -1.63 31.64
C ASN D 86 14.30 -1.65 30.41
N ALA D 87 14.33 -2.78 29.71
CA ALA D 87 15.16 -2.92 28.52
C ALA D 87 14.70 -2.01 27.37
N LEU D 88 13.41 -1.64 27.36
CA LEU D 88 12.91 -0.70 26.35
C LEU D 88 13.56 0.69 26.50
N LYS D 89 14.03 1.00 27.70
CA LYS D 89 14.64 2.29 28.01
C LYS D 89 16.16 2.24 27.95
N GLY D 90 16.71 1.10 27.56
CA GLY D 90 18.16 0.94 27.50
C GLY D 90 18.67 0.97 26.08
N PRO D 91 19.84 0.37 25.84
CA PRO D 91 20.48 0.36 24.52
C PRO D 91 19.63 -0.21 23.40
N TRP D 92 18.79 -1.20 23.68
CA TRP D 92 17.88 -1.78 22.69
C TRP D 92 16.95 -0.71 22.14
N GLY D 93 16.41 0.10 23.06
CA GLY D 93 15.45 1.13 22.71
C GLY D 93 16.05 2.25 21.88
N LYS D 94 17.37 2.34 21.89
CA LYS D 94 18.05 3.42 21.18
C LYS D 94 18.61 2.99 19.81
N LEU D 95 18.51 1.71 19.48
CA LEU D 95 18.96 1.23 18.18
C LEU D 95 18.10 1.76 17.04
N SER D 96 18.75 2.12 15.93
CA SER D 96 18.03 2.47 14.71
C SER D 96 17.39 1.21 14.18
N VAL D 97 16.42 1.35 13.28
CA VAL D 97 15.73 0.20 12.71
C VAL D 97 16.74 -0.67 11.97
N GLN D 98 17.65 -0.04 11.24
CA GLN D 98 18.70 -0.76 10.52
C GLN D 98 19.63 -1.55 11.43
N ASP D 99 20.04 -0.96 12.55
CA ASP D 99 20.94 -1.66 13.49
C ASP D 99 20.19 -2.79 14.20
N ARG D 100 18.91 -2.53 14.48
CA ARG D 100 18.07 -3.55 15.08
C ARG D 100 17.92 -4.74 14.14
N ALA D 101 17.66 -4.46 12.86
CA ALA D 101 17.52 -5.52 11.87
C ALA D 101 18.83 -6.29 11.67
N ALA D 102 19.96 -5.58 11.76
CA ALA D 102 21.25 -6.25 11.59
C ALA D 102 21.49 -7.25 12.72
N LEU D 103 21.16 -6.83 13.94
CA LEU D 103 21.29 -7.68 15.12
C LEU D 103 20.35 -8.87 15.02
N ILE D 104 19.16 -8.68 14.46
CA ILE D 104 18.25 -9.80 14.28
C ILE D 104 18.80 -10.80 13.24
N HIS D 105 19.45 -10.31 12.19
CA HIS D 105 20.09 -11.21 11.24
C HIS D 105 21.23 -11.98 11.92
N LYS D 106 21.83 -11.37 12.94
CA LYS D 106 22.89 -12.04 13.70
C LYS D 106 22.35 -13.18 14.57
N ILE D 107 21.15 -13.00 15.11
CA ILE D 107 20.46 -14.07 15.81
C ILE D 107 20.28 -15.24 14.86
N ALA D 108 19.79 -14.94 13.65
CA ALA D 108 19.61 -15.94 12.61
C ALA D 108 20.92 -16.64 12.25
N ASP D 109 22.00 -15.88 12.19
CA ASP D 109 23.32 -16.43 11.93
C ASP D 109 23.72 -17.38 13.06
N GLY D 110 23.31 -17.02 14.28
CA GLY D 110 23.64 -17.80 15.46
C GLY D 110 22.97 -19.15 15.44
N ILE D 111 21.72 -19.20 14.99
CA ILE D 111 21.01 -20.47 14.83
C ILE D 111 21.68 -21.32 13.74
N GLN D 112 21.96 -20.69 12.60
CA GLN D 112 22.59 -21.34 11.46
C GLN D 112 23.94 -21.95 11.86
N ALA D 113 24.68 -21.24 12.71
CA ALA D 113 25.99 -21.68 13.15
C ALA D 113 25.93 -22.89 14.08
N ARG D 114 24.79 -23.08 14.74
CA ARG D 114 24.61 -24.21 15.65
C ARG D 114 23.47 -25.09 15.16
N PHE D 115 23.34 -25.17 13.83
CA PHE D 115 22.19 -25.79 13.16
C PHE D 115 21.90 -27.19 13.66
N GLU D 116 22.91 -28.05 13.68
CA GLU D 116 22.70 -29.44 14.06
C GLU D 116 22.36 -29.59 15.54
N GLU D 117 22.87 -28.69 16.37
CA GLU D 117 22.48 -28.65 17.77
C GLU D 117 20.98 -28.36 17.94
N PHE D 118 20.47 -27.43 17.13
CA PHE D 118 19.04 -27.12 17.17
C PHE D 118 18.20 -28.27 16.65
N VAL D 119 18.68 -28.90 15.57
CA VAL D 119 18.04 -30.10 15.05
C VAL D 119 17.90 -31.17 16.14
N ALA D 120 18.99 -31.42 16.85
CA ALA D 120 19.02 -32.50 17.82
C ALA D 120 18.15 -32.16 19.03
N ALA D 121 18.09 -30.88 19.38
CA ALA D 121 17.27 -30.45 20.51
C ALA D 121 15.80 -30.66 20.18
N GLU D 122 15.43 -30.31 18.96
CA GLU D 122 14.03 -30.38 18.54
C GLU D 122 13.59 -31.83 18.43
N VAL D 123 14.45 -32.66 17.84
CA VAL D 123 14.20 -34.09 17.71
C VAL D 123 14.07 -34.81 19.06
N ALA D 124 14.99 -34.51 19.97
CA ALA D 124 15.01 -35.17 21.27
C ALA D 124 13.70 -34.90 22.01
N ASP D 125 13.26 -33.64 22.00
CA ASP D 125 12.04 -33.25 22.68
C ASP D 125 10.81 -33.93 22.09
N THR D 126 10.75 -34.07 20.78
CA THR D 126 9.44 -34.32 20.18
C THR D 126 9.36 -35.63 19.43
N GLY D 127 10.51 -36.18 19.07
CA GLY D 127 10.55 -37.43 18.32
C GLY D 127 10.35 -37.23 16.83
N ARG D 128 10.31 -35.98 16.37
CA ARG D 128 10.10 -35.71 14.95
C ARG D 128 11.26 -36.27 14.13
N PRO D 129 10.96 -36.76 12.92
CA PRO D 129 12.00 -37.23 12.00
C PRO D 129 13.10 -36.20 11.82
N VAL D 130 14.35 -36.66 11.84
CA VAL D 130 15.49 -35.78 11.69
C VAL D 130 15.41 -35.01 10.38
N HIS D 131 14.92 -35.67 9.34
CA HIS D 131 14.78 -35.02 8.04
C HIS D 131 13.78 -33.85 8.08
N GLN D 132 12.69 -34.02 8.81
CA GLN D 132 11.71 -32.94 8.97
C GLN D 132 12.33 -31.76 9.72
N ALA D 133 13.05 -32.06 10.80
CA ALA D 133 13.74 -31.04 11.59
C ALA D 133 14.73 -30.26 10.74
N ARG D 134 15.40 -30.97 9.83
CA ARG D 134 16.42 -30.35 8.99
C ARG D 134 15.86 -29.55 7.82
N THR D 135 14.63 -29.82 7.41
CA THR D 135 14.08 -29.16 6.24
C THR D 135 12.93 -28.21 6.53
N LEU D 136 12.16 -28.50 7.57
CA LEU D 136 11.04 -27.64 7.94
C LEU D 136 11.37 -26.79 9.16
N ASP D 137 11.53 -27.44 10.31
CA ASP D 137 11.53 -26.75 11.59
C ASP D 137 12.66 -25.74 11.78
N ILE D 138 13.90 -26.18 11.63
CA ILE D 138 15.03 -25.29 11.89
C ILE D 138 15.23 -24.23 10.79
N PRO D 139 15.13 -24.62 9.50
CA PRO D 139 15.22 -23.57 8.47
C PRO D 139 14.11 -22.51 8.58
N ARG D 140 12.89 -22.90 8.96
CA ARG D 140 11.82 -21.91 9.16
C ARG D 140 12.11 -20.94 10.30
N ALA D 141 12.80 -21.42 11.34
CA ALA D 141 13.13 -20.56 12.47
C ALA D 141 14.07 -19.46 12.01
N ILE D 142 15.04 -19.86 11.19
CA ILE D 142 16.02 -18.93 10.65
C ILE D 142 15.30 -17.95 9.71
N ALA D 143 14.44 -18.49 8.84
CA ALA D 143 13.68 -17.67 7.90
C ALA D 143 12.72 -16.70 8.61
N ASN D 144 12.16 -17.10 9.74
CA ASN D 144 11.32 -16.20 10.52
C ASN D 144 12.07 -14.95 10.94
N PHE D 145 13.27 -15.13 11.50
CA PHE D 145 14.08 -13.99 11.88
C PHE D 145 14.50 -13.12 10.69
N ARG D 146 14.98 -13.76 9.62
CA ARG D 146 15.43 -12.98 8.47
C ARG D 146 14.29 -12.23 7.76
N THR D 147 13.15 -12.87 7.61
CA THR D 147 12.03 -12.24 6.93
C THR D 147 11.50 -11.02 7.68
N PHE D 148 11.32 -11.15 8.99
CA PHE D 148 10.82 -9.99 9.75
C PHE D 148 11.87 -8.91 9.93
N ALA D 149 13.15 -9.30 9.99
CA ALA D 149 14.21 -8.30 9.93
C ALA D 149 14.15 -7.48 8.63
N ASP D 150 13.95 -8.17 7.51
CA ASP D 150 13.85 -7.49 6.21
C ASP D 150 12.57 -6.66 6.09
N LEU D 151 11.47 -7.19 6.60
CA LEU D 151 10.21 -6.44 6.58
C LEU D 151 10.37 -5.15 7.38
N ALA D 152 11.05 -5.24 8.51
CA ALA D 152 11.27 -4.06 9.35
C ALA D 152 12.09 -3.00 8.64
N LYS D 153 13.05 -3.42 7.83
CA LYS D 153 13.92 -2.50 7.11
C LYS D 153 13.18 -1.75 6.01
N THR D 154 12.25 -2.44 5.37
CA THR D 154 11.60 -1.88 4.18
C THR D 154 10.22 -1.30 4.45
N SER D 155 9.66 -1.54 5.63
CA SER D 155 8.26 -1.17 5.87
C SER D 155 8.13 0.34 6.08
N HIS D 156 7.00 0.91 5.70
CA HIS D 156 6.77 2.31 5.96
C HIS D 156 5.31 2.56 6.31
N THR D 157 4.97 3.81 6.58
CA THR D 157 3.63 4.14 7.01
C THR D 157 3.00 5.20 6.10
N ASP D 158 1.93 5.85 6.56
CA ASP D 158 1.09 6.66 5.66
C ASP D 158 1.06 8.14 5.96
N LEU D 159 0.75 8.91 4.93
CA LEU D 159 0.65 10.36 5.04
C LEU D 159 -0.72 10.72 4.42
N PHE D 160 -1.53 11.45 5.18
CA PHE D 160 -2.84 11.90 4.72
C PHE D 160 -2.89 13.39 4.81
N GLU D 161 -3.25 14.05 3.71
CA GLU D 161 -3.42 15.49 3.72
C GLU D 161 -4.91 15.86 3.77
N MET D 162 -5.24 16.93 4.48
CA MET D 162 -6.64 17.34 4.56
C MET D 162 -6.74 18.86 4.56
N SER D 163 -7.90 19.38 4.15
CA SER D 163 -8.15 20.81 4.24
C SER D 163 -8.88 21.16 5.54
N THR D 164 -8.71 22.40 5.99
CA THR D 164 -9.37 22.88 7.20
C THR D 164 -10.08 24.21 6.91
N SER D 165 -10.93 24.63 7.83
CA SER D 165 -11.72 25.86 7.69
C SER D 165 -10.89 27.10 7.35
N ASP D 166 -9.78 27.29 8.05
CA ASP D 166 -8.98 28.51 7.87
C ASP D 166 -8.17 28.52 6.59
N GLY D 167 -8.28 27.46 5.80
CA GLY D 167 -7.62 27.38 4.51
C GLY D 167 -6.15 26.99 4.51
N SER D 168 -5.62 26.66 5.70
CA SER D 168 -4.19 26.35 5.86
C SER D 168 -3.91 24.85 5.77
N GLY D 169 -4.91 24.04 6.12
CA GLY D 169 -4.76 22.60 5.99
C GLY D 169 -4.12 21.92 7.19
N ALA D 170 -4.02 20.60 7.13
CA ALA D 170 -3.38 19.83 8.18
C ALA D 170 -2.77 18.60 7.55
N LEU D 171 -1.80 18.00 8.22
CA LEU D 171 -1.30 16.73 7.75
C LEU D 171 -1.34 15.70 8.86
N ASN D 172 -1.75 14.50 8.51
CA ASN D 172 -1.80 13.41 9.45
C ASN D 172 -0.79 12.40 8.97
N TYR D 173 0.12 11.98 9.83
CA TYR D 173 0.99 10.89 9.45
C TYR D 173 0.97 9.83 10.53
N THR D 174 1.19 8.60 10.12
CA THR D 174 1.24 7.50 11.07
C THR D 174 2.68 7.02 11.26
N VAL D 175 2.92 6.46 12.44
CA VAL D 175 4.20 5.84 12.74
C VAL D 175 3.94 4.51 13.43
N ARG D 176 4.83 3.55 13.24
CA ARG D 176 4.83 2.32 14.00
C ARG D 176 5.89 2.43 15.08
N LYS D 177 5.49 2.18 16.32
CA LYS D 177 6.40 2.20 17.45
C LYS D 177 6.31 0.85 18.11
N PRO D 178 7.31 0.51 18.94
CA PRO D 178 7.19 -0.76 19.66
C PRO D 178 5.94 -0.75 20.54
N LEU D 179 5.23 -1.87 20.57
CA LEU D 179 4.05 -2.01 21.43
C LEU D 179 4.46 -1.95 22.91
N GLY D 180 5.57 -2.59 23.25
CA GLY D 180 6.06 -2.61 24.62
C GLY D 180 6.63 -3.99 24.91
N VAL D 181 6.13 -4.64 25.96
CA VAL D 181 6.56 -5.99 26.28
C VAL D 181 5.58 -6.98 25.70
N ILE D 182 6.06 -7.91 24.88
CA ILE D 182 5.20 -8.91 24.29
C ILE D 182 5.29 -10.22 25.07
N GLY D 183 4.16 -10.72 25.58
CA GLY D 183 4.09 -12.05 26.14
C GLY D 183 3.88 -13.08 25.05
N VAL D 184 4.73 -14.10 25.01
CA VAL D 184 4.61 -15.13 24.00
C VAL D 184 4.39 -16.46 24.69
N ILE D 185 3.34 -17.17 24.32
CA ILE D 185 3.08 -18.51 24.85
C ILE D 185 2.87 -19.44 23.67
N SER D 186 3.71 -20.47 23.55
CA SER D 186 3.73 -21.27 22.34
C SER D 186 3.57 -22.77 22.64
N PRO D 187 3.15 -23.56 21.63
CA PRO D 187 2.82 -24.97 21.88
C PRO D 187 3.92 -25.90 21.40
N TRP D 188 3.63 -27.20 21.44
CA TRP D 188 4.66 -28.21 21.16
C TRP D 188 4.64 -28.76 19.74
N ALA D 189 3.65 -28.38 18.94
CA ALA D 189 3.47 -28.96 17.61
C ALA D 189 4.71 -28.76 16.74
N LEU D 190 5.11 -27.51 16.58
CA LEU D 190 6.33 -27.17 15.85
C LEU D 190 7.05 -26.17 16.72
N PRO D 191 7.81 -26.66 17.72
CA PRO D 191 8.32 -25.84 18.82
C PRO D 191 9.09 -24.59 18.40
N LEU D 192 10.20 -24.75 17.68
CA LEU D 192 11.05 -23.60 17.39
C LEU D 192 10.41 -22.71 16.32
N LEU D 193 9.79 -23.34 15.33
CA LEU D 193 9.09 -22.62 14.27
C LEU D 193 8.05 -21.68 14.86
N LEU D 194 7.18 -22.23 15.71
CA LEU D 194 6.11 -21.42 16.28
C LEU D 194 6.60 -20.39 17.31
N PHE D 195 7.59 -20.80 18.11
CA PHE D 195 8.20 -19.90 19.09
C PHE D 195 8.78 -18.67 18.38
N THR D 196 9.53 -18.92 17.31
CA THR D 196 10.21 -17.83 16.60
C THR D 196 9.27 -17.09 15.67
N TRP D 197 8.16 -17.73 15.30
CA TRP D 197 7.15 -17.08 14.48
C TRP D 197 6.59 -15.87 15.24
N LYS D 198 6.59 -15.96 16.58
CA LYS D 198 6.15 -14.86 17.43
C LYS D 198 7.33 -13.96 17.84
N VAL D 199 8.42 -14.59 18.27
CA VAL D 199 9.56 -13.82 18.77
C VAL D 199 10.21 -12.93 17.70
N ALA D 200 10.36 -13.43 16.47
CA ALA D 200 10.98 -12.64 15.40
C ALA D 200 10.27 -11.30 15.07
N PRO D 201 8.95 -11.33 14.77
CA PRO D 201 8.32 -10.02 14.52
C PRO D 201 8.30 -9.15 15.77
N ALA D 202 8.21 -9.77 16.94
CA ALA D 202 8.18 -8.99 18.17
C ALA D 202 9.48 -8.19 18.32
N LEU D 203 10.60 -8.84 18.06
CA LEU D 203 11.88 -8.16 18.17
C LEU D 203 12.10 -7.20 17.00
N ALA D 204 11.67 -7.60 15.81
CA ALA D 204 11.83 -6.78 14.63
C ALA D 204 11.11 -5.43 14.79
N CYS D 205 9.97 -5.45 15.48
CA CYS D 205 9.24 -4.21 15.75
C CYS D 205 9.72 -3.43 16.97
N GLY D 206 10.82 -3.88 17.58
CA GLY D 206 11.45 -3.09 18.62
C GLY D 206 10.93 -3.37 20.01
N ASN D 207 10.05 -4.36 20.14
CA ASN D 207 9.54 -4.77 21.43
C ASN D 207 10.59 -5.49 22.26
N THR D 208 10.30 -5.68 23.54
CA THR D 208 10.99 -6.69 24.34
C THR D 208 10.02 -7.86 24.60
N VAL D 209 10.54 -8.98 25.07
CA VAL D 209 9.79 -10.22 25.02
C VAL D 209 9.94 -11.03 26.30
N VAL D 210 8.83 -11.55 26.81
CA VAL D 210 8.88 -12.61 27.83
C VAL D 210 8.20 -13.83 27.21
N ALA D 211 8.94 -14.91 27.01
CA ALA D 211 8.43 -16.01 26.22
C ALA D 211 8.45 -17.32 27.00
N LYS D 212 7.36 -18.07 26.88
CA LYS D 212 7.15 -19.32 27.61
C LYS D 212 6.84 -20.45 26.62
N PRO D 213 7.84 -21.32 26.36
CA PRO D 213 7.60 -22.44 25.43
C PRO D 213 6.84 -23.58 26.12
N SER D 214 6.30 -24.50 25.35
CA SER D 214 5.54 -25.61 25.93
C SER D 214 6.44 -26.40 26.87
N GLU D 215 5.87 -26.84 27.99
CA GLU D 215 6.58 -27.69 28.95
C GLU D 215 7.04 -28.98 28.28
N GLU D 216 6.36 -29.34 27.18
CA GLU D 216 6.69 -30.55 26.43
C GLU D 216 7.83 -30.33 25.45
N SER D 217 8.20 -29.09 25.17
CA SER D 217 9.26 -28.92 24.17
C SER D 217 10.11 -27.71 24.50
N PRO D 218 10.87 -27.79 25.60
CA PRO D 218 11.55 -26.61 26.12
C PRO D 218 12.98 -26.43 25.58
N SER D 219 13.52 -27.41 24.87
CA SER D 219 14.95 -27.43 24.57
C SER D 219 15.43 -26.39 23.55
N SER D 220 14.77 -26.30 22.40
CA SER D 220 15.26 -25.42 21.34
C SER D 220 15.11 -23.95 21.73
N ALA D 221 14.07 -23.64 22.50
CA ALA D 221 13.88 -22.27 22.99
C ALA D 221 15.01 -21.92 23.95
N THR D 222 15.46 -22.90 24.73
CA THR D 222 16.58 -22.68 25.65
C THR D 222 17.90 -22.43 24.89
N LEU D 223 18.12 -23.17 23.81
CA LEU D 223 19.29 -22.94 22.96
C LEU D 223 19.18 -21.57 22.26
N LEU D 224 17.96 -21.16 21.94
CA LEU D 224 17.77 -19.82 21.36
C LEU D 224 18.23 -18.74 22.33
N ALA D 225 17.90 -18.91 23.62
CA ALA D 225 18.32 -17.97 24.62
C ALA D 225 19.86 -17.83 24.62
N GLU D 226 20.55 -18.96 24.43
CA GLU D 226 22.02 -18.97 24.32
C GLU D 226 22.54 -18.19 23.12
N VAL D 227 21.88 -18.39 21.97
CA VAL D 227 22.22 -17.65 20.76
C VAL D 227 22.00 -16.14 20.96
N MET D 228 20.90 -15.79 21.61
CA MET D 228 20.59 -14.37 21.87
C MET D 228 21.68 -13.75 22.72
N HIS D 229 22.00 -14.45 23.80
CA HIS D 229 23.09 -14.02 24.69
C HIS D 229 24.40 -13.84 23.92
N ASP D 230 24.74 -14.82 23.10
CA ASP D 230 26.02 -14.82 22.40
C ASP D 230 26.08 -13.82 21.25
N ALA D 231 24.91 -13.42 20.75
CA ALA D 231 24.86 -12.41 19.70
C ALA D 231 24.95 -11.01 20.31
N GLY D 232 24.89 -10.94 21.64
CA GLY D 232 24.96 -9.67 22.34
C GLY D 232 23.64 -8.91 22.40
N VAL D 233 22.53 -9.63 22.41
CA VAL D 233 21.24 -8.99 22.63
C VAL D 233 21.22 -8.46 24.07
N PRO D 234 20.95 -7.16 24.23
CA PRO D 234 21.03 -6.55 25.56
C PRO D 234 20.16 -7.27 26.59
N PRO D 235 20.60 -7.29 27.85
CA PRO D 235 19.86 -7.94 28.93
C PRO D 235 18.45 -7.38 29.04
N GLY D 236 17.45 -8.27 29.15
CA GLY D 236 16.09 -7.84 29.39
C GLY D 236 15.25 -7.84 28.12
N VAL D 237 15.93 -7.84 26.97
CA VAL D 237 15.25 -7.77 25.68
C VAL D 237 14.52 -9.07 25.34
N PHE D 238 15.20 -10.19 25.59
CA PHE D 238 14.59 -11.50 25.39
C PHE D 238 14.68 -12.30 26.69
N ASN D 239 13.52 -12.64 27.26
CA ASN D 239 13.49 -13.40 28.49
C ASN D 239 12.72 -14.70 28.28
N LEU D 240 13.26 -15.79 28.83
CA LEU D 240 12.67 -17.10 28.63
C LEU D 240 12.25 -17.66 29.98
N ILE D 241 10.97 -18.00 30.11
CA ILE D 241 10.47 -18.58 31.35
C ILE D 241 9.90 -19.97 31.07
N HIS D 242 10.26 -20.94 31.90
CA HIS D 242 9.77 -22.30 31.69
C HIS D 242 8.64 -22.64 32.65
N GLY D 243 7.81 -23.60 32.27
CA GLY D 243 6.73 -24.00 33.16
C GLY D 243 5.49 -24.45 32.45
N PHE D 244 4.39 -24.47 33.19
CA PHE D 244 3.13 -24.99 32.67
C PHE D 244 2.15 -23.84 32.44
N GLY D 245 0.86 -24.16 32.42
CA GLY D 245 -0.17 -23.15 32.26
C GLY D 245 -0.74 -22.68 33.59
N LYS D 246 -1.87 -23.26 33.99
CA LYS D 246 -2.54 -22.85 35.22
C LYS D 246 -1.63 -23.02 36.43
N ASP D 247 -1.66 -22.03 37.33
CA ASP D 247 -0.86 -22.05 38.56
C ASP D 247 0.62 -22.15 38.26
N SER D 248 1.02 -21.71 37.07
CA SER D 248 2.41 -21.78 36.64
C SER D 248 2.79 -20.59 35.75
N ALA D 249 3.96 -20.68 35.13
CA ALA D 249 4.55 -19.55 34.41
C ALA D 249 3.61 -18.97 33.35
N GLY D 250 2.89 -19.84 32.64
CA GLY D 250 1.97 -19.37 31.61
C GLY D 250 0.89 -18.45 32.15
N GLU D 251 0.20 -18.92 33.18
CA GLU D 251 -0.85 -18.13 33.79
C GLU D 251 -0.30 -16.83 34.38
N PHE D 252 0.85 -16.93 35.05
CA PHE D 252 1.45 -15.77 35.70
C PHE D 252 1.79 -14.69 34.66
N LEU D 253 2.29 -15.13 33.52
CA LEU D 253 2.56 -14.21 32.42
C LEU D 253 1.29 -13.49 31.93
N THR D 254 0.20 -14.23 31.75
CA THR D 254 -1.04 -13.63 31.23
C THR D 254 -1.68 -12.67 32.23
N GLN D 255 -1.40 -12.88 33.52
CA GLN D 255 -1.97 -12.05 34.58
C GLN D 255 -1.12 -10.82 34.89
N HIS D 256 0.06 -10.74 34.30
CA HIS D 256 0.96 -9.65 34.66
C HIS D 256 0.57 -8.34 33.97
N PRO D 257 0.32 -7.29 34.77
CA PRO D 257 -0.10 -5.99 34.23
C PRO D 257 0.98 -5.29 33.39
N GLY D 258 2.21 -5.79 33.46
CA GLY D 258 3.33 -5.17 32.78
C GLY D 258 3.48 -5.48 31.29
N ILE D 259 2.79 -6.51 30.80
CA ILE D 259 2.89 -6.85 29.38
C ILE D 259 1.95 -5.95 28.57
N SER D 260 2.21 -5.84 27.27
CA SER D 260 1.37 -4.99 26.40
C SER D 260 0.53 -5.83 25.44
N ALA D 261 0.94 -7.08 25.25
CA ALA D 261 0.22 -7.98 24.36
C ALA D 261 0.48 -9.40 24.77
N LEU D 262 -0.43 -10.28 24.38
CA LEU D 262 -0.23 -11.70 24.55
C LEU D 262 -0.51 -12.34 23.21
N THR D 263 0.50 -12.97 22.62
CA THR D 263 0.30 -13.74 21.39
C THR D 263 0.44 -15.23 21.69
N PHE D 264 -0.49 -16.03 21.17
CA PHE D 264 -0.67 -17.41 21.62
C PHE D 264 -1.06 -18.32 20.48
N THR D 265 -0.48 -19.52 20.45
CA THR D 265 -0.92 -20.55 19.53
C THR D 265 -1.12 -21.78 20.40
N GLY D 266 -2.23 -22.49 20.21
CA GLY D 266 -2.52 -23.68 21.00
C GLY D 266 -3.98 -24.06 20.95
N GLU D 267 -4.50 -24.61 22.03
CA GLU D 267 -5.88 -25.08 22.05
C GLU D 267 -6.87 -23.91 22.13
N SER D 268 -8.01 -24.04 21.47
CA SER D 268 -9.03 -22.97 21.48
C SER D 268 -9.51 -22.60 22.88
N LYS D 269 -9.79 -23.61 23.70
CA LYS D 269 -10.27 -23.32 25.05
C LYS D 269 -9.22 -22.57 25.86
N THR D 270 -7.93 -22.82 25.58
CA THR D 270 -6.86 -22.08 26.23
C THR D 270 -6.82 -20.62 25.77
N GLY D 271 -7.07 -20.40 24.48
CA GLY D 271 -7.23 -19.04 23.98
C GLY D 271 -8.34 -18.29 24.71
N SER D 272 -9.47 -18.96 24.92
CA SER D 272 -10.58 -18.32 25.64
C SER D 272 -10.16 -17.95 27.06
N THR D 273 -9.49 -18.88 27.72
CA THR D 273 -9.00 -18.65 29.07
C THR D 273 -8.05 -17.45 29.14
N ILE D 274 -7.12 -17.40 28.20
CA ILE D 274 -6.15 -16.31 28.16
C ILE D 274 -6.85 -14.98 27.84
N MET D 275 -7.81 -15.02 26.93
CA MET D 275 -8.51 -13.80 26.55
C MET D 275 -9.24 -13.20 27.78
N LYS D 276 -9.80 -14.07 28.62
CA LYS D 276 -10.38 -13.62 29.88
C LYS D 276 -9.32 -13.10 30.84
N ALA D 277 -8.15 -13.75 30.86
CA ALA D 277 -7.10 -13.40 31.80
C ALA D 277 -6.55 -11.98 31.57
N VAL D 278 -6.44 -11.57 30.31
CA VAL D 278 -5.83 -10.27 29.96
C VAL D 278 -6.87 -9.16 29.84
N ALA D 279 -8.14 -9.50 29.97
CA ALA D 279 -9.25 -8.57 29.74
C ALA D 279 -9.23 -7.34 30.65
N ASP D 280 -8.90 -7.52 31.93
CA ASP D 280 -8.91 -6.39 32.85
C ASP D 280 -7.87 -5.32 32.51
N GLY D 281 -6.80 -5.73 31.82
CA GLY D 281 -5.78 -4.80 31.38
C GLY D 281 -5.95 -4.42 29.92
N VAL D 282 -7.02 -4.90 29.31
CA VAL D 282 -7.33 -4.68 27.89
C VAL D 282 -6.09 -4.87 27.01
N LYS D 283 -5.42 -6.01 27.18
CA LYS D 283 -4.18 -6.26 26.46
C LYS D 283 -4.47 -6.65 25.01
N GLU D 284 -3.60 -6.25 24.09
CA GLU D 284 -3.74 -6.69 22.70
C GLU D 284 -3.53 -8.19 22.64
N VAL D 285 -4.33 -8.88 21.83
CA VAL D 285 -4.24 -10.34 21.74
C VAL D 285 -4.20 -10.80 20.29
N SER D 286 -3.55 -11.93 20.07
CA SER D 286 -3.46 -12.54 18.75
C SER D 286 -3.43 -14.04 18.98
N PHE D 287 -4.43 -14.75 18.45
CA PHE D 287 -4.61 -16.17 18.76
C PHE D 287 -4.71 -17.02 17.49
N GLU D 288 -3.98 -18.13 17.45
CA GLU D 288 -4.20 -19.13 16.43
C GLU D 288 -4.49 -20.42 17.20
N LEU D 289 -5.64 -21.02 16.92
CA LEU D 289 -6.25 -21.95 17.87
C LEU D 289 -6.64 -23.31 17.28
N GLY D 290 -5.96 -23.70 16.20
CA GLY D 290 -6.18 -25.02 15.63
C GLY D 290 -7.56 -25.15 15.01
N GLY D 291 -8.00 -26.38 14.76
CA GLY D 291 -9.26 -26.54 14.06
C GLY D 291 -9.60 -27.98 13.74
N LYS D 292 -10.51 -28.15 12.79
CA LYS D 292 -10.89 -29.48 12.31
C LYS D 292 -10.93 -29.35 10.80
N ASN D 293 -9.76 -29.31 10.17
CA ASN D 293 -9.68 -28.87 8.79
C ASN D 293 -10.07 -29.94 7.80
N ALA D 294 -10.67 -29.51 6.70
CA ALA D 294 -11.08 -30.42 5.64
C ALA D 294 -10.17 -30.33 4.43
N ALA D 295 -9.94 -31.47 3.78
CA ALA D 295 -9.42 -31.51 2.42
C ALA D 295 -10.56 -31.93 1.51
N VAL D 296 -10.63 -31.33 0.32
CA VAL D 296 -11.69 -31.63 -0.63
C VAL D 296 -11.08 -32.08 -1.95
N VAL D 297 -11.53 -33.23 -2.46
CA VAL D 297 -10.98 -33.75 -3.70
C VAL D 297 -12.10 -33.87 -4.71
N PHE D 298 -12.12 -32.97 -5.68
CA PHE D 298 -13.15 -33.01 -6.72
C PHE D 298 -12.82 -34.06 -7.76
N ALA D 299 -13.83 -34.46 -8.54
CA ALA D 299 -13.65 -35.50 -9.54
C ALA D 299 -12.59 -35.14 -10.59
N ASP D 300 -12.42 -33.84 -10.84
CA ASP D 300 -11.44 -33.38 -11.83
C ASP D 300 -10.02 -33.15 -11.25
N ALA D 301 -9.79 -33.64 -10.04
CA ALA D 301 -8.45 -33.57 -9.44
C ALA D 301 -7.48 -34.51 -10.15
N ASP D 302 -6.20 -34.17 -10.13
CA ASP D 302 -5.14 -35.11 -10.43
C ASP D 302 -5.17 -36.09 -9.26
N LEU D 303 -5.70 -37.30 -9.49
CA LEU D 303 -5.97 -38.20 -8.37
C LEU D 303 -4.71 -38.64 -7.62
N ASP D 304 -3.65 -38.96 -8.36
CA ASP D 304 -2.39 -39.34 -7.73
C ASP D 304 -1.79 -38.22 -6.88
N ALA D 305 -1.83 -37.00 -7.41
CA ALA D 305 -1.34 -35.84 -6.66
C ALA D 305 -2.19 -35.61 -5.39
N ALA D 306 -3.50 -35.82 -5.51
CA ALA D 306 -4.39 -35.59 -4.37
C ALA D 306 -4.19 -36.62 -3.27
N ILE D 307 -3.94 -37.88 -3.66
CA ILE D 307 -3.65 -38.92 -2.67
C ILE D 307 -2.37 -38.59 -1.90
N GLU D 308 -1.33 -38.25 -2.65
CA GLU D 308 -0.06 -37.85 -2.05
C GLU D 308 -0.21 -36.60 -1.17
N GLY D 309 -1.00 -35.64 -1.64
CA GLY D 309 -1.22 -34.41 -0.88
C GLY D 309 -1.97 -34.64 0.42
N VAL D 310 -2.96 -35.53 0.39
CA VAL D 310 -3.77 -35.81 1.57
C VAL D 310 -3.01 -36.69 2.58
N LEU D 311 -2.14 -37.55 2.06
CA LEU D 311 -1.24 -38.31 2.91
C LEU D 311 -0.39 -37.30 3.68
N ARG D 312 0.10 -36.30 2.98
CA ARG D 312 0.91 -35.26 3.58
C ARG D 312 0.09 -34.45 4.58
N SER D 313 -1.09 -34.00 4.16
CA SER D 313 -1.88 -33.11 5.03
C SER D 313 -2.46 -33.84 6.24
N SER D 314 -2.56 -35.17 6.19
CA SER D 314 -3.13 -35.90 7.32
C SER D 314 -2.09 -36.40 8.32
N PHE D 315 -0.89 -36.72 7.83
CA PHE D 315 0.07 -37.47 8.63
C PHE D 315 1.41 -36.76 8.91
N THR D 316 1.63 -35.59 8.31
CA THR D 316 2.81 -34.79 8.60
C THR D 316 2.99 -34.53 10.10
N ASN D 317 4.21 -34.70 10.60
CA ASN D 317 4.50 -34.55 12.03
C ASN D 317 3.59 -35.47 12.85
N SER D 318 3.31 -36.67 12.31
CA SER D 318 2.34 -37.56 12.91
C SER D 318 0.98 -36.90 13.17
N GLY D 319 0.59 -36.01 12.26
CA GLY D 319 -0.71 -35.38 12.32
C GLY D 319 -0.83 -34.30 13.40
N GLN D 320 0.29 -33.92 13.99
CA GLN D 320 0.28 -32.95 15.06
C GLN D 320 0.64 -31.58 14.52
N VAL D 321 -0.18 -31.11 13.59
CA VAL D 321 -0.11 -29.73 13.09
C VAL D 321 -1.54 -29.19 13.12
N CYS D 322 -1.70 -27.91 13.50
CA CYS D 322 -3.02 -27.31 13.58
C CYS D 322 -3.70 -27.31 12.22
N LEU D 323 -2.89 -27.36 11.18
CA LEU D 323 -3.34 -27.25 9.79
C LEU D 323 -3.72 -28.59 9.15
N CYS D 324 -3.44 -29.69 9.84
CA CYS D 324 -3.73 -31.02 9.29
C CYS D 324 -5.20 -31.27 8.93
N SER D 325 -5.42 -32.06 7.88
CA SER D 325 -6.76 -32.42 7.45
C SER D 325 -7.28 -33.65 8.18
N GLU D 326 -8.11 -33.46 9.20
CA GLU D 326 -8.72 -34.61 9.86
C GLU D 326 -10.08 -34.98 9.25
N ARG D 327 -10.59 -34.13 8.35
CA ARG D 327 -11.77 -34.46 7.55
C ARG D 327 -11.37 -34.44 6.07
N VAL D 328 -11.84 -35.42 5.32
CA VAL D 328 -11.60 -35.43 3.88
C VAL D 328 -12.90 -35.73 3.16
N TYR D 329 -13.20 -34.95 2.13
CA TYR D 329 -14.36 -35.16 1.28
C TYR D 329 -13.88 -35.45 -0.13
N VAL D 330 -14.33 -36.57 -0.71
CA VAL D 330 -13.88 -36.99 -2.02
C VAL D 330 -15.13 -37.24 -2.85
N HIS D 331 -15.13 -36.78 -4.11
CA HIS D 331 -16.32 -36.96 -4.93
C HIS D 331 -16.64 -38.45 -5.08
N ARG D 332 -17.93 -38.77 -5.08
CA ARG D 332 -18.38 -40.17 -5.05
C ARG D 332 -17.76 -40.99 -6.17
N SER D 333 -17.65 -40.41 -7.35
CA SER D 333 -17.10 -41.09 -8.53
C SER D 333 -15.66 -41.58 -8.41
N ILE D 334 -14.89 -41.01 -7.49
CA ILE D 334 -13.51 -41.44 -7.28
C ILE D 334 -13.23 -41.85 -5.84
N PHE D 335 -14.28 -42.01 -5.05
CA PHE D 335 -14.13 -42.29 -3.62
C PHE D 335 -13.40 -43.59 -3.31
N ASP D 336 -13.83 -44.70 -3.91
CA ASP D 336 -13.21 -45.99 -3.62
C ASP D 336 -11.76 -46.02 -4.05
N GLU D 337 -11.49 -45.50 -5.24
CA GLU D 337 -10.14 -45.48 -5.75
C GLU D 337 -9.24 -44.61 -4.87
N PHE D 338 -9.77 -43.48 -4.40
CA PHE D 338 -9.01 -42.60 -3.54
C PHE D 338 -8.68 -43.29 -2.23
N VAL D 339 -9.69 -43.89 -1.61
CA VAL D 339 -9.51 -44.51 -0.29
C VAL D 339 -8.50 -45.66 -0.37
N SER D 340 -8.63 -46.47 -1.40
CA SER D 340 -7.71 -47.58 -1.63
C SER D 340 -6.28 -47.09 -1.80
N GLY D 341 -6.11 -46.05 -2.62
CA GLY D 341 -4.79 -45.48 -2.87
C GLY D 341 -4.13 -44.93 -1.63
N LEU D 342 -4.91 -44.22 -0.82
CA LEU D 342 -4.40 -43.63 0.41
C LEU D 342 -4.06 -44.69 1.46
N LYS D 343 -4.89 -45.73 1.53
CA LYS D 343 -4.62 -46.89 2.39
C LYS D 343 -3.25 -47.49 2.09
N VAL D 344 -3.00 -47.75 0.81
CA VAL D 344 -1.71 -48.28 0.36
C VAL D 344 -0.56 -47.38 0.78
N GLU D 345 -0.71 -46.09 0.54
CA GLU D 345 0.36 -45.15 0.85
C GLU D 345 0.51 -45.00 2.36
N ALA D 346 -0.61 -44.98 3.08
CA ALA D 346 -0.61 -44.92 4.54
C ALA D 346 0.15 -46.10 5.15
N GLU D 347 -0.08 -47.29 4.61
CA GLU D 347 0.57 -48.49 5.13
C GLU D 347 2.05 -48.63 4.71
N ARG D 348 2.47 -47.82 3.74
CA ARG D 348 3.88 -47.78 3.33
C ARG D 348 4.71 -46.84 4.20
N LEU D 349 4.06 -46.08 5.05
CA LEU D 349 4.76 -45.13 5.91
C LEU D 349 5.58 -45.85 6.97
N VAL D 350 6.82 -45.41 7.16
CA VAL D 350 7.69 -45.98 8.18
C VAL D 350 7.58 -45.25 9.51
N VAL D 351 7.06 -45.94 10.52
CA VAL D 351 6.94 -45.37 11.86
C VAL D 351 8.08 -45.91 12.74
N GLY D 352 9.01 -45.05 13.15
CA GLY D 352 10.15 -45.52 13.90
C GLY D 352 11.02 -44.48 14.58
N TYR D 353 12.34 -44.71 14.58
CA TYR D 353 13.28 -43.78 15.17
C TYR D 353 13.43 -42.55 14.28
N PRO D 354 13.67 -41.38 14.91
CA PRO D 354 13.87 -40.13 14.16
C PRO D 354 14.97 -40.19 13.09
N ASP D 355 16.00 -41.00 13.31
CA ASP D 355 17.11 -41.07 12.37
C ASP D 355 17.11 -42.38 11.57
N GLN D 356 16.12 -43.23 11.84
CA GLN D 356 15.94 -44.50 11.15
C GLN D 356 15.81 -44.29 9.64
N ASP D 357 16.39 -45.20 8.86
CA ASP D 357 16.38 -45.09 7.40
C ASP D 357 14.96 -45.07 6.81
N GLY D 358 14.66 -44.01 6.06
CA GLY D 358 13.37 -43.87 5.41
C GLY D 358 12.21 -43.67 6.37
N VAL D 359 12.48 -43.20 7.58
CA VAL D 359 11.40 -42.99 8.54
C VAL D 359 10.47 -41.87 8.05
N ASN D 360 9.17 -42.06 8.26
CA ASN D 360 8.18 -41.07 7.86
C ASN D 360 7.50 -40.44 9.07
N MET D 361 7.36 -41.23 10.12
CA MET D 361 6.61 -40.81 11.31
C MET D 361 7.34 -41.17 12.60
N GLY D 362 7.39 -40.22 13.52
CA GLY D 362 7.86 -40.50 14.87
C GLY D 362 6.67 -40.69 15.77
N PRO D 363 6.89 -40.67 17.09
CA PRO D 363 5.80 -40.88 18.03
C PRO D 363 4.97 -39.62 18.17
N LEU D 364 3.93 -39.67 19.00
CA LEU D 364 3.22 -38.47 19.42
C LEU D 364 4.09 -37.75 20.44
N ILE D 365 3.70 -36.54 20.81
CA ILE D 365 4.55 -35.72 21.68
C ILE D 365 4.75 -36.32 23.08
N SER D 366 3.73 -37.03 23.57
CA SER D 366 3.71 -37.47 24.97
C SER D 366 2.74 -38.64 25.17
N HIS D 367 2.93 -39.38 26.26
CA HIS D 367 2.02 -40.47 26.63
C HIS D 367 0.64 -39.90 26.95
N GLY D 368 0.63 -38.73 27.58
CA GLY D 368 -0.61 -38.04 27.86
C GLY D 368 -1.35 -37.74 26.57
N HIS D 369 -0.63 -37.26 25.57
CA HIS D 369 -1.29 -36.98 24.29
C HIS D 369 -1.72 -38.25 23.60
N ARG D 370 -0.92 -39.32 23.74
CA ARG D 370 -1.33 -40.59 23.16
C ARG D 370 -2.62 -41.11 23.79
N ASP D 371 -2.76 -40.91 25.10
CA ASP D 371 -3.99 -41.25 25.80
C ASP D 371 -5.21 -40.57 25.19
N LYS D 372 -5.08 -39.29 24.85
CA LYS D 372 -6.16 -38.56 24.20
C LYS D 372 -6.47 -39.18 22.84
N VAL D 373 -5.42 -39.35 22.04
CA VAL D 373 -5.60 -39.85 20.68
C VAL D 373 -6.23 -41.25 20.65
N LEU D 374 -5.68 -42.18 21.43
CA LEU D 374 -6.26 -43.53 21.52
C LEU D 374 -7.71 -43.52 21.98
N SER D 375 -8.03 -42.61 22.91
CA SER D 375 -9.38 -42.44 23.38
C SER D 375 -10.30 -42.10 22.21
N TYR D 376 -9.78 -41.32 21.26
CA TYR D 376 -10.50 -41.04 20.03
C TYR D 376 -10.53 -42.24 19.08
N TYR D 377 -9.45 -43.01 19.05
CA TYR D 377 -9.43 -44.22 18.23
C TYR D 377 -10.56 -45.18 18.64
N ARG D 378 -10.76 -45.33 19.94
CA ARG D 378 -11.82 -46.18 20.47
C ARG D 378 -13.19 -45.55 20.22
N LEU D 379 -13.26 -44.23 20.33
CA LEU D 379 -14.52 -43.53 20.16
C LEU D 379 -15.03 -43.68 18.73
N ALA D 380 -14.11 -43.70 17.77
CA ALA D 380 -14.48 -43.86 16.37
C ALA D 380 -15.16 -45.20 16.15
N VAL D 381 -14.59 -46.25 16.72
CA VAL D 381 -15.21 -47.57 16.61
C VAL D 381 -16.61 -47.58 17.24
N ASP D 382 -16.71 -47.07 18.46
CA ASP D 382 -18.00 -46.94 19.14
C ASP D 382 -19.01 -46.12 18.37
N GLU D 383 -18.51 -45.22 17.53
CA GLU D 383 -19.40 -44.39 16.72
C GLU D 383 -19.74 -45.08 15.39
N GLY D 384 -19.20 -46.28 15.19
CA GLY D 384 -19.55 -47.08 14.04
C GLY D 384 -18.68 -46.88 12.82
N ALA D 385 -17.45 -46.45 13.04
CA ALA D 385 -16.52 -46.20 11.94
C ALA D 385 -15.94 -47.49 11.40
N THR D 386 -15.68 -47.51 10.09
CA THR D 386 -14.83 -48.51 9.49
C THR D 386 -13.38 -48.07 9.65
N VAL D 387 -12.53 -48.95 10.17
CA VAL D 387 -11.11 -48.66 10.27
C VAL D 387 -10.40 -49.18 9.03
N VAL D 388 -10.23 -48.31 8.04
CA VAL D 388 -9.57 -48.64 6.79
C VAL D 388 -8.12 -49.05 7.03
N THR D 389 -7.46 -48.35 7.94
CA THR D 389 -6.10 -48.72 8.35
C THR D 389 -5.76 -48.15 9.72
N GLY D 390 -4.75 -48.75 10.36
CA GLY D 390 -4.28 -48.30 11.66
C GLY D 390 -5.30 -48.53 12.76
N GLY D 391 -5.44 -47.56 13.66
CA GLY D 391 -6.41 -47.67 14.74
C GLY D 391 -5.83 -48.19 16.04
N GLY D 392 -4.52 -48.42 16.07
CA GLY D 392 -3.88 -48.90 17.29
C GLY D 392 -2.47 -48.35 17.43
N VAL D 393 -1.62 -49.09 18.15
CA VAL D 393 -0.22 -48.70 18.27
C VAL D 393 0.70 -49.80 17.75
N PRO D 394 1.80 -49.42 17.08
CA PRO D 394 2.69 -50.44 16.54
C PRO D 394 3.46 -51.17 17.65
N LYS D 395 3.92 -52.39 17.35
CA LYS D 395 4.70 -53.17 18.30
C LYS D 395 6.13 -53.28 17.78
N PHE D 396 7.08 -52.74 18.56
CA PHE D 396 8.47 -52.64 18.12
C PHE D 396 9.38 -53.71 18.71
N ASN D 397 9.04 -54.18 19.92
CA ASN D 397 9.90 -55.09 20.67
C ASN D 397 11.26 -54.51 21.01
N ASP D 398 11.30 -53.20 21.22
CA ASP D 398 12.48 -52.55 21.79
C ASP D 398 12.04 -51.36 22.65
N GLU D 399 12.97 -50.47 22.97
CA GLU D 399 12.70 -49.32 23.83
C GLU D 399 11.51 -48.47 23.37
N ARG D 400 11.25 -48.46 22.07
CA ARG D 400 10.17 -47.65 21.51
C ARG D 400 8.81 -48.00 22.07
N ASP D 401 8.66 -49.23 22.58
CA ASP D 401 7.40 -49.64 23.21
C ASP D 401 7.12 -48.85 24.50
N GLN D 402 8.16 -48.23 25.05
CA GLN D 402 7.99 -47.36 26.22
C GLN D 402 7.76 -45.90 25.81
N GLY D 403 7.75 -45.66 24.50
CA GLY D 403 7.50 -44.33 23.95
C GLY D 403 6.03 -44.09 23.74
N ALA D 404 5.69 -43.11 22.91
CA ALA D 404 4.30 -42.73 22.69
C ALA D 404 3.86 -42.82 21.24
N TYR D 405 4.13 -43.97 20.61
CA TYR D 405 3.76 -44.15 19.21
C TYR D 405 2.30 -44.56 19.01
N VAL D 406 1.72 -44.14 17.88
CA VAL D 406 0.47 -44.68 17.39
C VAL D 406 0.59 -44.88 15.89
N GLN D 407 -0.38 -45.58 15.31
CA GLN D 407 -0.39 -45.84 13.89
C GLN D 407 -1.13 -44.76 13.13
N PRO D 408 -0.68 -44.45 11.90
CA PRO D 408 -1.48 -43.62 10.99
C PRO D 408 -2.80 -44.32 10.70
N THR D 409 -3.89 -43.56 10.82
CA THR D 409 -5.23 -44.14 10.84
C THR D 409 -6.18 -43.45 9.86
N ILE D 410 -6.99 -44.26 9.17
CA ILE D 410 -8.02 -43.75 8.28
C ILE D 410 -9.37 -44.35 8.67
N TRP D 411 -10.40 -43.51 8.74
CA TRP D 411 -11.76 -43.95 9.00
C TRP D 411 -12.67 -43.62 7.84
N THR D 412 -13.75 -44.41 7.70
CA THR D 412 -14.87 -44.04 6.84
C THR D 412 -16.18 -44.38 7.56
N GLY D 413 -17.30 -43.98 6.98
CA GLY D 413 -18.61 -44.41 7.46
C GLY D 413 -19.26 -43.63 8.60
N LEU D 414 -18.64 -42.55 9.05
CA LEU D 414 -19.24 -41.73 10.10
C LEU D 414 -20.09 -40.60 9.53
N SER D 415 -21.08 -40.14 10.29
CA SER D 415 -21.90 -39.01 9.87
C SER D 415 -21.15 -37.71 10.16
N ASP D 416 -21.61 -36.61 9.55
CA ASP D 416 -20.96 -35.32 9.74
C ASP D 416 -21.04 -34.81 11.17
N LYS D 417 -21.99 -35.35 11.95
CA LYS D 417 -22.18 -34.89 13.33
C LYS D 417 -21.44 -35.74 14.36
N ALA D 418 -20.75 -36.78 13.89
CA ALA D 418 -19.96 -37.64 14.78
C ALA D 418 -18.89 -36.82 15.52
N ARG D 419 -18.62 -37.19 16.77
CA ARG D 419 -17.64 -36.48 17.58
C ARG D 419 -16.26 -36.53 16.93
N CYS D 420 -15.94 -37.66 16.32
CA CYS D 420 -14.63 -37.87 15.70
C CYS D 420 -14.42 -37.07 14.41
N VAL D 421 -15.50 -36.56 13.85
CA VAL D 421 -15.41 -35.74 12.64
C VAL D 421 -15.59 -34.26 12.98
N THR D 422 -15.88 -33.96 14.24
CA THR D 422 -16.16 -32.58 14.65
C THR D 422 -15.20 -32.02 15.69
N GLU D 423 -14.50 -32.91 16.41
CA GLU D 423 -13.57 -32.48 17.46
C GLU D 423 -12.13 -32.68 17.03
N GLU D 424 -11.28 -31.70 17.34
CA GLU D 424 -9.86 -31.78 17.01
C GLU D 424 -9.15 -32.89 17.78
N ILE D 425 -8.56 -33.83 17.05
CA ILE D 425 -7.86 -34.95 17.67
C ILE D 425 -6.36 -34.66 17.81
N PHE D 426 -5.80 -34.03 16.78
CA PHE D 426 -4.37 -33.70 16.75
C PHE D 426 -3.51 -34.96 16.75
N GLY D 427 -3.97 -35.97 16.02
CA GLY D 427 -3.20 -37.18 15.80
C GLY D 427 -3.14 -37.45 14.31
N PRO D 428 -2.45 -38.52 13.92
CA PRO D 428 -2.28 -38.90 12.50
C PRO D 428 -3.52 -39.65 12.03
N VAL D 429 -4.59 -38.91 11.80
CA VAL D 429 -5.85 -39.53 11.46
C VAL D 429 -6.65 -38.65 10.51
N CYS D 430 -7.46 -39.30 9.67
CA CYS D 430 -8.45 -38.59 8.89
C CYS D 430 -9.64 -39.50 8.63
N HIS D 431 -10.82 -38.89 8.60
CA HIS D 431 -12.02 -39.57 8.16
C HIS D 431 -12.33 -39.14 6.73
N ILE D 432 -12.74 -40.08 5.91
CA ILE D 432 -13.04 -39.77 4.51
C ILE D 432 -14.50 -40.05 4.20
N SER D 433 -15.15 -39.08 3.56
CA SER D 433 -16.59 -39.15 3.31
C SER D 433 -16.85 -38.74 1.88
N PRO D 434 -17.77 -39.45 1.20
CA PRO D 434 -18.05 -39.07 -0.20
C PRO D 434 -18.96 -37.85 -0.26
N PHE D 435 -18.94 -37.14 -1.40
CA PHE D 435 -19.90 -36.08 -1.65
C PHE D 435 -20.26 -36.11 -3.11
N ASP D 436 -21.30 -35.37 -3.49
CA ASP D 436 -21.79 -35.39 -4.85
C ASP D 436 -21.76 -34.02 -5.54
N ASP D 437 -22.16 -32.98 -4.82
CA ASP D 437 -22.28 -31.64 -5.41
C ASP D 437 -21.33 -30.61 -4.80
N GLU D 438 -20.95 -29.64 -5.61
CA GLU D 438 -20.08 -28.56 -5.15
C GLU D 438 -20.69 -27.74 -4.01
N ASP D 439 -21.93 -27.29 -4.15
CA ASP D 439 -22.54 -26.49 -3.09
C ASP D 439 -22.70 -27.30 -1.80
N GLU D 440 -23.06 -28.58 -1.94
CA GLU D 440 -23.12 -29.52 -0.82
C GLU D 440 -21.82 -29.58 -0.01
N VAL D 441 -20.70 -29.81 -0.69
CA VAL D 441 -19.44 -29.99 0.02
C VAL D 441 -18.94 -28.68 0.63
N ILE D 442 -19.23 -27.57 -0.02
CA ILE D 442 -18.90 -26.26 0.57
C ILE D 442 -19.63 -26.11 1.89
N ASN D 443 -20.92 -26.43 1.91
CA ASN D 443 -21.70 -26.36 3.16
C ASN D 443 -21.18 -27.33 4.22
N ARG D 444 -20.81 -28.53 3.80
CA ARG D 444 -20.29 -29.50 4.75
C ARG D 444 -18.92 -29.11 5.33
N VAL D 445 -18.06 -28.56 4.48
CA VAL D 445 -16.78 -28.02 4.97
C VAL D 445 -17.00 -26.91 6.00
N ASN D 446 -17.93 -26.01 5.70
CA ASN D 446 -18.21 -24.85 6.57
C ASN D 446 -19.00 -25.18 7.83
N ASP D 447 -19.60 -26.36 7.88
CA ASP D 447 -20.43 -26.74 9.01
C ASP D 447 -19.54 -27.21 10.15
N SER D 448 -18.94 -26.24 10.82
CA SER D 448 -17.89 -26.51 11.80
C SER D 448 -17.79 -25.29 12.70
N ASN D 449 -17.49 -25.52 13.98
CA ASN D 449 -17.24 -24.42 14.90
C ASN D 449 -15.82 -23.89 14.71
N TYR D 450 -15.01 -24.64 13.99
CA TYR D 450 -13.64 -24.22 13.66
C TYR D 450 -13.58 -23.61 12.26
N GLY D 451 -12.42 -23.07 11.89
CA GLY D 451 -12.27 -22.46 10.58
C GLY D 451 -10.87 -21.97 10.30
N LEU D 452 -9.90 -22.87 10.38
CA LEU D 452 -8.49 -22.52 10.21
C LEU D 452 -8.08 -22.61 8.75
N ALA D 453 -8.03 -23.83 8.22
CA ALA D 453 -7.54 -24.06 6.87
C ALA D 453 -8.37 -25.07 6.09
N CYS D 454 -8.17 -25.07 4.77
CA CYS D 454 -8.81 -26.04 3.88
C CYS D 454 -7.90 -26.26 2.67
N ALA D 455 -7.79 -27.51 2.23
CA ALA D 455 -7.04 -27.82 1.01
C ALA D 455 -8.01 -28.37 -0.03
N ILE D 456 -7.95 -27.81 -1.23
CA ILE D 456 -8.85 -28.20 -2.29
C ILE D 456 -8.04 -28.76 -3.45
N TRP D 457 -8.50 -29.88 -4.01
CA TRP D 457 -7.85 -30.50 -5.16
C TRP D 457 -8.77 -30.49 -6.38
N THR D 458 -8.38 -29.74 -7.40
CA THR D 458 -9.11 -29.64 -8.64
C THR D 458 -8.20 -29.09 -9.74
N THR D 459 -8.41 -29.52 -10.98
CA THR D 459 -7.65 -28.95 -12.10
C THR D 459 -8.43 -27.88 -12.84
N ASN D 460 -9.65 -27.59 -12.39
CA ASN D 460 -10.52 -26.67 -13.10
C ASN D 460 -10.31 -25.24 -12.64
N LEU D 461 -10.06 -24.32 -13.58
CA LEU D 461 -9.75 -22.93 -13.24
C LEU D 461 -10.88 -22.23 -12.47
N SER D 462 -12.07 -22.25 -13.04
CA SER D 462 -13.21 -21.56 -12.43
C SER D 462 -13.53 -22.16 -11.07
N ARG D 463 -13.53 -23.49 -11.01
CA ARG D 463 -13.84 -24.20 -9.77
C ARG D 463 -12.89 -23.82 -8.65
N ALA D 464 -11.58 -23.78 -8.95
CA ALA D 464 -10.61 -23.44 -7.91
C ALA D 464 -10.94 -22.10 -7.27
N HIS D 465 -11.19 -21.08 -8.09
CA HIS D 465 -11.38 -19.73 -7.56
C HIS D 465 -12.79 -19.55 -6.97
N ARG D 466 -13.78 -20.14 -7.61
CA ARG D 466 -15.17 -20.08 -7.13
C ARG D 466 -15.33 -20.74 -5.76
N VAL D 467 -14.76 -21.92 -5.61
CA VAL D 467 -14.91 -22.68 -4.38
C VAL D 467 -14.04 -22.11 -3.27
N SER D 468 -12.79 -21.80 -3.60
CA SER D 468 -11.87 -21.26 -2.58
C SER D 468 -12.45 -20.07 -1.83
N ARG D 469 -13.12 -19.17 -2.56
CA ARG D 469 -13.62 -17.95 -1.97
C ARG D 469 -14.79 -18.21 -1.02
N GLN D 470 -15.43 -19.37 -1.16
CA GLN D 470 -16.60 -19.68 -0.35
C GLN D 470 -16.29 -20.48 0.92
N ILE D 471 -15.06 -20.90 1.08
CA ILE D 471 -14.71 -21.66 2.27
C ILE D 471 -14.47 -20.72 3.44
N HIS D 472 -15.15 -20.97 4.56
CA HIS D 472 -15.07 -20.07 5.69
C HIS D 472 -13.89 -20.40 6.59
N VAL D 473 -12.68 -20.07 6.12
CA VAL D 473 -11.45 -20.32 6.86
C VAL D 473 -10.48 -19.16 6.59
N GLY D 474 -9.37 -19.14 7.30
CA GLY D 474 -8.43 -18.06 7.06
C GLY D 474 -7.46 -18.42 5.93
N LEU D 475 -7.32 -19.72 5.67
CA LEU D 475 -6.28 -20.20 4.77
C LEU D 475 -6.79 -21.29 3.85
N VAL D 476 -6.71 -21.07 2.54
CA VAL D 476 -7.03 -22.13 1.59
C VAL D 476 -5.81 -22.42 0.74
N TRP D 477 -5.54 -23.70 0.50
CA TRP D 477 -4.53 -24.13 -0.46
C TRP D 477 -5.21 -24.91 -1.56
N VAL D 478 -4.79 -24.68 -2.82
CA VAL D 478 -5.31 -25.42 -3.95
C VAL D 478 -4.19 -26.25 -4.59
N ASN D 479 -4.40 -27.57 -4.66
CA ASN D 479 -3.41 -28.50 -5.22
C ASN D 479 -2.08 -28.49 -4.46
N THR D 480 -2.15 -28.15 -3.18
CA THR D 480 -1.02 -28.27 -2.29
C THR D 480 -1.52 -28.17 -0.85
N TRP D 481 -0.59 -28.14 0.09
CA TRP D 481 -0.94 -28.00 1.51
C TRP D 481 0.24 -27.47 2.28
N TYR D 482 -0.02 -26.56 3.21
CA TYR D 482 1.02 -25.96 4.07
C TYR D 482 2.23 -25.45 3.26
N LEU D 483 1.93 -24.75 2.16
CA LEU D 483 2.91 -24.02 1.39
C LEU D 483 2.87 -22.60 1.94
N ARG D 484 3.99 -22.12 2.46
CA ARG D 484 4.03 -20.88 3.25
C ARG D 484 4.87 -19.75 2.65
N ASP D 485 4.21 -18.64 2.34
CA ASP D 485 4.88 -17.38 2.06
C ASP D 485 4.70 -16.53 3.32
N LEU D 486 5.82 -16.16 3.95
CA LEU D 486 5.73 -15.54 5.28
C LEU D 486 5.14 -14.13 5.26
N ARG D 487 4.95 -13.56 4.08
CA ARG D 487 4.37 -12.22 3.95
C ARG D 487 2.84 -12.23 4.03
N THR D 488 2.24 -13.42 3.88
CA THR D 488 0.79 -13.52 3.74
C THR D 488 0.12 -13.49 5.11
N PRO D 489 -1.15 -13.06 5.15
CA PRO D 489 -1.90 -13.09 6.42
C PRO D 489 -2.22 -14.53 6.81
N PHE D 490 -1.94 -14.87 8.08
CA PHE D 490 -2.10 -16.21 8.59
C PHE D 490 -2.98 -16.18 9.85
N GLY D 491 -4.01 -17.01 9.87
CA GLY D 491 -4.89 -17.05 11.02
C GLY D 491 -6.21 -17.72 10.69
N GLY D 492 -7.14 -17.71 11.64
CA GLY D 492 -8.37 -18.45 11.48
C GLY D 492 -9.62 -17.65 11.83
N VAL D 493 -10.77 -18.25 11.56
CA VAL D 493 -12.05 -17.66 11.90
C VAL D 493 -12.75 -18.54 12.93
N LYS D 494 -13.85 -18.04 13.48
CA LYS D 494 -14.64 -18.80 14.46
C LYS D 494 -13.74 -19.25 15.60
N LEU D 495 -13.86 -20.49 16.07
CA LEU D 495 -13.05 -20.89 17.23
C LEU D 495 -11.56 -21.04 16.90
N SER D 496 -11.21 -20.91 15.64
CA SER D 496 -9.82 -21.14 15.21
C SER D 496 -8.91 -19.94 15.38
N GLY D 497 -9.46 -18.79 15.75
CA GLY D 497 -8.56 -17.69 16.02
C GLY D 497 -9.16 -16.31 16.12
N LEU D 498 -8.26 -15.37 16.33
CA LEU D 498 -8.57 -13.96 16.43
C LEU D 498 -7.34 -13.27 15.85
N GLY D 499 -7.55 -12.35 14.91
CA GLY D 499 -6.45 -11.61 14.33
C GLY D 499 -5.74 -12.36 13.20
N ARG D 500 -4.75 -11.69 12.62
CA ARG D 500 -3.89 -12.28 11.60
C ARG D 500 -2.44 -11.91 11.94
N GLU D 501 -1.53 -12.82 11.64
CA GLU D 501 -0.10 -12.52 11.70
C GLU D 501 0.52 -12.81 10.34
N GLY D 502 1.81 -12.52 10.18
CA GLY D 502 2.47 -12.64 8.90
C GLY D 502 2.58 -11.29 8.22
N GLY D 503 3.69 -11.06 7.52
CA GLY D 503 3.87 -9.83 6.77
C GLY D 503 3.48 -8.56 7.51
N ARG D 504 2.72 -7.71 6.83
CA ARG D 504 2.30 -6.43 7.41
C ARG D 504 1.33 -6.61 8.58
N PHE D 505 0.68 -7.77 8.66
CA PHE D 505 -0.25 -8.01 9.75
C PHE D 505 0.53 -8.19 11.06
N SER D 506 1.69 -8.82 10.95
CA SER D 506 2.61 -8.88 12.10
C SER D 506 3.21 -7.51 12.41
N MET D 507 3.59 -6.76 11.37
CA MET D 507 4.19 -5.43 11.61
C MET D 507 3.21 -4.51 12.33
N ASP D 508 1.93 -4.67 12.05
CA ASP D 508 0.87 -3.89 12.70
C ASP D 508 0.57 -4.42 14.10
N PHE D 509 0.46 -5.74 14.24
CA PHE D 509 0.09 -6.26 15.57
C PHE D 509 1.18 -5.99 16.60
N TYR D 510 2.42 -6.17 16.21
CA TYR D 510 3.52 -6.02 17.15
C TYR D 510 3.98 -4.57 17.28
N SER D 511 3.20 -3.65 16.71
CA SER D 511 3.48 -2.22 16.86
C SER D 511 2.32 -1.41 17.44
N ASP D 512 2.67 -0.36 18.16
CA ASP D 512 1.75 0.74 18.44
C ASP D 512 1.62 1.49 17.11
N ILE D 513 0.40 1.64 16.60
CA ILE D 513 0.19 2.48 15.44
C ILE D 513 -0.30 3.80 15.99
N ALA D 514 0.45 4.88 15.75
CA ALA D 514 0.05 6.18 16.27
C ALA D 514 -0.20 7.16 15.12
N ASN D 515 -1.23 7.97 15.26
CA ASN D 515 -1.52 8.99 14.26
C ASN D 515 -1.14 10.35 14.82
N ILE D 516 -0.34 11.10 14.07
CA ILE D 516 0.07 12.42 14.49
C ILE D 516 -0.50 13.43 13.50
N CYS D 517 -1.27 14.38 14.02
CA CYS D 517 -1.98 15.35 13.20
C CYS D 517 -1.39 16.76 13.43
N ILE D 518 -0.82 17.35 12.39
CA ILE D 518 -0.20 18.67 12.51
C ILE D 518 -1.10 19.70 11.84
N LYS D 519 -1.59 20.66 12.63
CA LYS D 519 -2.37 21.73 12.05
C LYS D 519 -1.37 22.75 11.51
N ILE D 520 -1.49 23.08 10.23
CA ILE D 520 -0.54 24.01 9.63
C ILE D 520 -1.02 25.46 9.74
CA6 2VS E . -15.30 9.30 22.18
OA4 2VS E . -16.26 9.84 23.04
CA5 2VS E . -15.20 9.90 20.82
CA4 2VS E . -14.75 9.16 19.78
CA3 2VS E . -14.65 9.81 18.44
CA2 2VS E . -14.60 8.97 17.22
OA3 2VS E . -14.63 7.74 17.27
CA1 2VS E . -14.50 9.62 15.91
OA2 2VS E . -14.47 8.89 14.89
OA1 2VS E . -14.41 10.88 15.81
NA NA F . -31.76 11.25 27.33
PA NAD G . -20.78 2.14 29.55
O1A NAD G . -19.46 1.86 28.89
O2A NAD G . -21.01 1.13 30.66
O5B NAD G . -21.94 2.15 28.46
C5B NAD G . -21.71 2.13 27.09
C4B NAD G . -22.60 1.25 26.29
O4B NAD G . -22.37 -0.09 26.62
C3B NAD G . -24.05 1.50 26.52
O3B NAD G . -24.76 1.29 25.32
C2B NAD G . -24.39 0.52 27.52
O2B NAD G . -25.75 0.18 27.52
C1B NAD G . -23.57 -0.63 27.17
N9A NAD G . -23.26 -1.50 28.28
C8A NAD G . -23.08 -1.18 29.58
N7A NAD G . -22.78 -2.28 30.29
C5A NAD G . -22.79 -3.32 29.42
C6A NAD G . -22.56 -4.70 29.55
N6A NAD G . -22.26 -5.27 30.83
N1A NAD G . -22.64 -5.50 28.46
C2A NAD G . -22.92 -5.00 27.25
N3A NAD G . -23.14 -3.67 27.10
C4A NAD G . -23.08 -2.82 28.15
O3 NAD G . -20.64 3.59 30.14
PN NAD G . -21.74 4.45 30.91
O1N NAD G . -22.36 3.70 32.07
O2N NAD G . -22.81 4.91 29.98
O5D NAD G . -20.92 5.68 31.48
C5D NAD G . -19.90 5.47 32.37
C4D NAD G . -18.58 6.03 32.10
O4D NAD G . -18.06 5.47 30.93
C3D NAD G . -18.57 7.51 31.86
O3D NAD G . -18.60 8.20 33.04
C2D NAD G . -17.32 7.71 31.11
O2D NAD G . -16.22 7.77 31.94
C1D NAD G . -17.25 6.51 30.23
N1N NAD G . -17.67 6.78 28.85
C2N NAD G . -16.78 6.72 27.86
C3N NAD G . -17.21 7.01 26.55
C7N NAD G . -16.29 7.00 25.38
O7N NAD G . -16.63 7.67 24.43
N7N NAD G . -15.10 6.20 25.36
C4N NAD G . -18.53 7.37 26.31
C5N NAD G . -19.43 7.43 27.38
C6N NAD G . -18.95 7.12 28.64
CA6 2VS H . -7.77 1.51 -27.35
OA4 2VS H . -8.55 1.72 -28.48
CA5 2VS H . -8.44 1.05 -26.09
CA4 2VS H . -8.53 1.87 -24.99
CA3 2VS H . -9.19 1.38 -23.76
CA2 2VS H . -9.00 2.08 -22.47
OA3 2VS H . -8.11 2.93 -22.31
CA1 2VS H . -9.89 1.74 -21.31
OA2 2VS H . -10.82 0.89 -21.42
OA1 2VS H . -9.68 2.34 -20.23
NA NA I . -17.18 11.55 -38.22
PA NAD J . -3.36 8.99 -34.94
O1A NAD J . -2.41 9.69 -35.88
O2A NAD J . -2.56 8.23 -33.91
O5B NAD J . -4.36 10.05 -34.28
C5B NAD J . -4.65 10.16 -32.93
C4B NAD J . -4.80 11.54 -32.40
O4B NAD J . -3.57 12.20 -32.43
C3B NAD J . -5.73 12.38 -33.21
O3B NAD J . -6.44 13.26 -32.39
C2B NAD J . -4.85 13.08 -34.12
O2B NAD J . -5.45 14.26 -34.59
C1B NAD J . -3.66 13.33 -33.31
N9A NAD J . -2.42 13.40 -34.03
C8A NAD J . -2.05 12.75 -35.16
N7A NAD J . -0.79 13.08 -35.48
C5A NAD J . -0.33 13.94 -34.54
C6A NAD J . 0.87 14.62 -34.33
N6A NAD J . 1.98 14.48 -35.23
N1A NAD J . 0.99 15.43 -33.25
C2A NAD J . -0.01 15.60 -32.38
N3A NAD J . -1.18 14.97 -32.56
C4A NAD J . -1.36 14.14 -33.61
O3 NAD J . -4.18 7.91 -35.72
PN NAD J . -5.08 8.20 -36.99
O1N NAD J . -6.49 8.44 -36.50
O2N NAD J . -4.60 9.39 -37.78
O5D NAD J . -4.97 6.90 -37.86
C5D NAD J . -5.38 5.73 -37.29
C4D NAD J . -4.51 4.56 -37.24
O4D NAD J . -3.78 4.56 -36.05
C3D NAD J . -5.34 3.31 -37.27
O3D NAD J . -5.22 2.67 -38.48
C2D NAD J . -4.88 2.46 -36.15
O2D NAD J . -3.98 1.50 -36.58
C1D NAD J . -4.27 3.43 -35.19
N1N NAD J . -5.17 3.81 -34.08
C2N NAD J . -4.95 3.35 -32.84
C3N NAD J . -5.82 3.71 -31.81
C7N NAD J . -5.65 3.24 -30.41
O7N NAD J . -6.64 3.17 -29.71
N7N NAD J . -4.36 2.92 -29.89
C4N NAD J . -6.91 4.53 -32.07
C5N NAD J . -7.13 5.00 -33.37
C6N NAD J . -6.22 4.62 -34.35
CA6 2VS K . 23.27 14.07 -8.95
OA4 2VS K . 24.52 14.51 -9.36
CA5 2VS K . 23.24 13.10 -7.82
CA4 2VS K . 22.12 12.35 -7.57
CA3 2VS K . 22.11 11.54 -6.31
CA2 2VS K . 21.25 10.32 -6.29
OA3 2VS K . 20.67 9.91 -7.29
CA1 2VS K . 21.11 9.58 -5.01
OA2 2VS K . 20.40 8.56 -5.01
OA1 2VS K . 21.69 9.98 -3.96
NA NA L . 39.43 11.11 -14.87
PA NAD M . 26.47 14.68 -20.15
O1A NAD M . 25.04 14.69 -19.64
O2A NAD M . 26.49 15.16 -21.58
O5B NAD M . 27.07 13.23 -19.96
C5B NAD M . 26.59 12.30 -19.05
C4B NAD M . 26.64 10.90 -19.54
O4B NAD M . 25.87 10.78 -20.70
C3B NAD M . 28.02 10.46 -19.90
O3B NAD M . 28.19 9.10 -19.61
C2B NAD M . 28.08 10.76 -21.31
O2B NAD M . 29.09 10.03 -21.97
C1B NAD M . 26.74 10.43 -21.78
N9A NAD M . 26.32 11.12 -22.97
C8A NAD M . 26.64 12.37 -23.37
N7A NAD M . 26.05 12.66 -24.54
C5A NAD M . 25.32 11.57 -24.91
C6A NAD M . 24.52 11.26 -26.01
N6A NAD M . 24.33 12.22 -27.05
N1A NAD M . 23.92 10.06 -26.09
C2A NAD M . 24.09 9.14 -25.12
N3A NAD M . 24.87 9.41 -24.06
C4A NAD M . 25.49 10.60 -23.92
O3 NAD M . 27.29 15.64 -19.24
PN NAD M . 28.79 16.08 -19.49
O1N NAD M . 29.21 15.94 -20.93
O2N NAD M . 29.69 15.24 -18.62
O5D NAD M . 28.80 17.60 -19.10
C5D NAD M . 28.53 17.94 -17.83
C4D NAD M . 27.58 19.02 -17.57
O4D NAD M . 26.29 18.46 -17.46
C3D NAD M . 27.89 19.71 -16.28
O3D NAD M . 28.41 20.96 -16.48
C2D NAD M . 26.61 19.75 -15.51
O2D NAD M . 25.99 20.95 -15.73
C1D NAD M . 25.81 18.61 -16.05
N1N NAD M . 25.87 17.39 -15.24
C2N NAD M . 24.82 17.00 -14.49
C3N NAD M . 24.93 15.84 -13.72
C7N NAD M . 23.82 15.32 -12.86
O7N NAD M . 24.12 14.68 -11.89
N7N NAD M . 22.45 15.55 -13.21
C4N NAD M . 26.11 15.11 -13.71
C5N NAD M . 27.18 15.54 -14.48
C6N NAD M . 27.01 16.70 -15.23
CA6 2VS N . -0.05 -24.95 14.07
OA4 2VS N . 0.27 -26.08 14.80
CA5 2VS N . 0.85 -24.51 12.97
CA4 2VS N . 1.01 -23.18 12.70
CA3 2VS N . 1.88 -22.77 11.56
CA2 2VS N . 2.47 -21.40 11.52
OA3 2VS N . 2.23 -20.56 12.40
CA1 2VS N . 3.37 -21.03 10.40
OA2 2VS N . 3.72 -21.88 9.53
OA1 2VS N . 3.78 -19.84 10.35
NA NA O . 9.47 -33.83 25.80
PA NAD P . -2.49 -25.81 25.44
O1A NAD P . -3.13 -24.85 24.46
O2A NAD P . -3.30 -25.75 26.71
O5B NAD P . -0.96 -25.41 25.68
C5B NAD P . -0.23 -24.50 24.92
C4B NAD P . 0.65 -23.55 25.66
O4B NAD P . -0.13 -22.73 26.47
C3B NAD P . 1.62 -24.23 26.59
O3B NAD P . 2.81 -23.50 26.64
C2B NAD P . 0.93 -24.23 27.84
O2B NAD P . 1.81 -24.28 28.93
C1B NAD P . 0.23 -22.95 27.82
N9A NAD P . -0.95 -22.90 28.66
C8A NAD P . -1.84 -23.87 28.92
N7A NAD P . -2.79 -23.41 29.74
C5A NAD P . -2.51 -22.11 30.00
C6A NAD P . -3.10 -21.11 30.77
N6A NAD P . -4.30 -21.37 31.50
N1A NAD P . -2.54 -19.89 30.81
C2A NAD P . -1.41 -19.61 30.14
N3A NAD P . -0.81 -20.56 29.40
C4A NAD P . -1.33 -21.80 29.31
O3 NAD P . -2.48 -27.24 24.82
PN NAD P . -1.97 -28.56 25.54
O1N NAD P . -2.27 -28.50 27.01
O2N NAD P . -0.49 -28.73 25.30
O5D NAD P . -2.80 -29.73 24.89
C5D NAD P . -2.82 -29.83 23.53
C4D NAD P . -4.11 -29.88 22.83
O4D NAD P . -4.43 -28.59 22.37
C3D NAD P . -4.03 -30.76 21.62
O3D NAD P . -4.72 -31.93 21.78
C2D NAD P . -4.51 -29.97 20.47
O2D NAD P . -5.84 -30.26 20.21
C1D NAD P . -4.32 -28.56 20.88
N1N NAD P . -3.08 -27.99 20.32
C2N NAD P . -3.15 -27.08 19.33
C3N NAD P . -1.98 -26.56 18.79
C7N NAD P . -1.96 -25.56 17.68
O7N NAD P . -1.00 -25.51 16.97
N7N NAD P . -3.05 -24.66 17.49
C4N NAD P . -0.73 -26.98 19.27
C5N NAD P . -0.68 -27.92 20.29
C6N NAD P . -1.88 -28.40 20.78
#